data_8DMG
#
_entry.id   8DMG
#
loop_
_entity.id
_entity.type
_entity.pdbx_description
1 polymer 'Bifunctional cytochrome P450/NADPH--P450 reductase'
2 non-polymer 'PROTOPORPHYRIN IX CONTAINING FE'
3 non-polymer 6-methoxy-2-{[(4-methoxy-3,5-dimethylpyridin-2-yl)methyl]sulfanyl}-1H-benzimidazole
4 non-polymer 'FLAVIN MONONUCLEOTIDE'
5 non-polymer 'FLAVIN-ADENINE DINUCLEOTIDE'
6 non-polymer 'SULFATE ION'
7 non-polymer 'TETRAETHYLENE GLYCOL'
#
_entity_poly.entity_id   1
_entity_poly.type   'polypeptide(L)'
_entity_poly.pdbx_seq_one_letter_code
;MTIKEMPQPKTFGELKNLPLLNTDKPVQALMKIADELGEIFKFEAPGRVTRYLSSQRLIKEACDESRFDKNLSQALKFVR
DFFGDGLFTSWTHEKNWKKAHNILLPSFSQQAMKGYHAMMVDIAVQLVQKWERLNADEHIEVPEDMTRLTLDTIGLCGFN
YRFNSFYRDQPHPFITSMVRALDEAMNKLQRANPDDPAYDENKRQFQEDIKVMNDLVDKIIADRKASGEQSDDLLTHMLN
GKDPETGEPLDDENIRYQIITFLIAGHETTSGLLSFALYFLVKNPHVLQKAAEEAARVLVDPVPSYKQVKQLKYVGMVLN
EALRLWPTAPAFSLYAKEDTVLGGEYPLEKGDELMVLIPQLHRDKTIWGDDVEEFRPERFENPSAIPQHAFKPFGNGQRA
CIGQQFALHEATLVLGMMLKHFDFEDHTNYELDIKETLTLKPEGFVVKAKSKKIPLKKVRKKAENAHNTPLLVLYGSNMG
TAEGTARDLADIAMSKGFAPQVATLDSHAGNLPREGAVLIVTASYNGHPPDNAKQFVDWLDQASADEVKGVRYSVFGCGD
KNWATTYQKVPAFIDETLAAKGAENIADRGEADASDDFEGTYEEWREHMWSDVAAYFNLDIENSEDNKSTLSLQFVDSAA
DMPLAKMHGAFSTNVVASKELQQPGSARSTRHLEIELPKEASYQEGDHLGVIPRNYEGIVNRVTARFGLDASQQIRLEAE
EEKLAHLPLAKTVSVEELLQYVELQDPVTRTQLRAMAAKTVCPPHKVELEALLEKQAYKEQVLAKRLTMLELLEKYPACE
MKFSEFIALLPSIRPRYYSISSSPRVDEKQASITVSVVSGEAWSGYGEYKGIASNYLAELQEGDTITCFISTPQSEFTLP
KDPETPLIMVGPGTGVAPFRGFVQARKQLKEQGQSLGEAHLYFGCRSPHEDYLYQEELENAQSEGIITLHTAFSRMPNQP
KTYVQHVMEQDGKKLIELLDQGAHFYICGDGSQMAPAVEATLMKSYADVHQVSEADARLWLQQLEEKGRYAKDVWAG
;
_entity_poly.pdbx_strand_id   A,B
#
loop_
_chem_comp.id
_chem_comp.type
_chem_comp.name
_chem_comp.formula
1C6 non-polymer 6-methoxy-2-{[(4-methoxy-3,5-dimethylpyridin-2-yl)methyl]sulfanyl}-1H-benzimidazole 'C17 H19 N3 O2 S'
FAD non-polymer 'FLAVIN-ADENINE DINUCLEOTIDE' 'C27 H33 N9 O15 P2'
FMN non-polymer 'FLAVIN MONONUCLEOTIDE' 'C17 H21 N4 O9 P'
HEM non-polymer 'PROTOPORPHYRIN IX CONTAINING FE' 'C34 H32 Fe N4 O4'
PG4 non-polymer 'TETRAETHYLENE GLYCOL' 'C8 H18 O5'
SO4 non-polymer 'SULFATE ION' 'O4 S -2'
#
# COMPACT_ATOMS: atom_id res chain seq x y z
N LYS A 4 17.28 -24.91 -61.04
CA LYS A 4 17.78 -25.99 -60.11
C LYS A 4 16.75 -27.01 -59.66
N GLU A 5 17.23 -28.22 -59.47
CA GLU A 5 16.44 -29.27 -58.79
C GLU A 5 16.71 -29.23 -57.25
N MET A 6 15.65 -29.30 -56.45
CA MET A 6 15.86 -29.10 -55.03
C MET A 6 16.15 -30.43 -54.35
N PRO A 7 17.07 -30.39 -53.38
CA PRO A 7 17.40 -31.48 -52.48
C PRO A 7 16.16 -32.06 -51.80
N GLN A 8 16.32 -33.28 -51.37
CA GLN A 8 15.25 -33.97 -50.74
C GLN A 8 15.92 -34.95 -49.76
N PRO A 9 15.40 -35.08 -48.51
CA PRO A 9 15.94 -35.99 -47.56
C PRO A 9 15.64 -37.44 -47.94
N LYS A 10 16.12 -38.35 -47.09
CA LYS A 10 16.09 -39.76 -47.40
C LYS A 10 14.66 -40.24 -47.53
N THR A 11 14.44 -41.22 -48.43
CA THR A 11 13.15 -41.72 -48.73
C THR A 11 12.99 -43.20 -48.30
N PHE A 12 11.73 -43.61 -48.21
CA PHE A 12 11.32 -44.93 -47.62
C PHE A 12 10.39 -45.60 -48.67
N GLY A 13 10.90 -45.81 -49.87
CA GLY A 13 10.12 -46.48 -50.91
C GLY A 13 8.83 -45.74 -51.13
N GLU A 14 7.69 -46.47 -51.16
CA GLU A 14 6.38 -45.84 -51.47
C GLU A 14 5.89 -44.78 -50.45
N LEU A 15 6.45 -44.78 -49.24
CA LEU A 15 6.10 -43.76 -48.22
C LEU A 15 6.85 -42.45 -48.40
N LYS A 16 7.77 -42.43 -49.32
CA LYS A 16 8.56 -41.25 -49.61
C LYS A 16 9.16 -40.77 -48.32
N ASN A 17 8.96 -39.49 -48.00
CA ASN A 17 9.52 -38.97 -46.74
C ASN A 17 8.66 -39.05 -45.51
N LEU A 18 7.45 -39.57 -45.63
CA LEU A 18 6.55 -39.62 -44.51
C LEU A 18 7.14 -40.14 -43.21
N PRO A 19 7.88 -41.29 -43.24
CA PRO A 19 8.40 -41.79 -41.98
C PRO A 19 9.39 -40.86 -41.27
N LEU A 20 9.91 -39.84 -41.92
CA LEU A 20 10.77 -38.85 -41.21
C LEU A 20 10.03 -38.14 -40.10
N LEU A 21 8.70 -38.15 -40.19
CA LEU A 21 7.85 -37.48 -39.19
C LEU A 21 7.40 -38.39 -38.05
N ASN A 22 7.78 -39.66 -38.14
CA ASN A 22 7.55 -40.65 -37.07
C ASN A 22 8.58 -40.52 -35.95
N THR A 23 8.42 -39.44 -35.18
CA THR A 23 9.31 -39.05 -34.13
C THR A 23 8.54 -38.15 -33.23
N ASP A 24 8.93 -38.13 -31.96
CA ASP A 24 8.33 -37.23 -30.99
C ASP A 24 8.84 -35.81 -31.21
N LYS A 25 9.87 -35.59 -32.01
CA LYS A 25 10.42 -34.18 -32.14
C LYS A 25 10.59 -33.86 -33.64
N PRO A 26 9.47 -33.63 -34.34
CA PRO A 26 9.59 -33.55 -35.79
C PRO A 26 10.17 -32.22 -36.31
N VAL A 27 9.92 -31.13 -35.62
CA VAL A 27 10.56 -29.85 -35.99
C VAL A 27 12.07 -29.92 -35.80
N GLN A 28 12.53 -30.48 -34.70
CA GLN A 28 13.96 -30.63 -34.52
C GLN A 28 14.60 -31.53 -35.59
N ALA A 29 13.86 -32.57 -36.02
CA ALA A 29 14.31 -33.44 -37.12
C ALA A 29 14.40 -32.66 -38.40
N LEU A 30 13.35 -31.92 -38.72
CA LEU A 30 13.40 -31.04 -39.89
C LEU A 30 14.55 -30.02 -39.88
N MET A 31 14.85 -29.48 -38.73
CA MET A 31 15.94 -28.56 -38.58
C MET A 31 17.29 -29.25 -38.95
N LYS A 32 17.45 -30.49 -38.51
CA LYS A 32 18.68 -31.25 -38.79
C LYS A 32 18.78 -31.53 -40.30
N ILE A 33 17.66 -31.77 -40.92
CA ILE A 33 17.60 -32.01 -42.35
C ILE A 33 18.00 -30.69 -43.07
N ALA A 34 17.50 -29.57 -42.57
CA ALA A 34 17.86 -28.30 -43.18
C ALA A 34 19.35 -28.04 -43.09
N ASP A 35 19.94 -28.29 -41.95
CA ASP A 35 21.38 -28.08 -41.77
C ASP A 35 22.16 -28.89 -42.75
N GLU A 36 21.64 -30.07 -43.06
CA GLU A 36 22.20 -31.01 -44.04
C GLU A 36 21.99 -30.65 -45.51
N LEU A 37 20.81 -30.17 -45.81
CA LEU A 37 20.45 -29.90 -47.18
C LEU A 37 20.46 -28.46 -47.63
N GLY A 38 20.32 -27.52 -46.70
CA GLY A 38 20.50 -26.10 -46.99
C GLY A 38 19.19 -25.33 -47.02
N GLU A 39 19.13 -24.26 -47.80
CA GLU A 39 18.03 -23.31 -47.73
C GLU A 39 16.67 -23.81 -48.18
N ILE A 40 16.62 -24.89 -48.95
CA ILE A 40 15.35 -25.39 -49.47
C ILE A 40 15.44 -26.87 -49.68
N PHE A 41 14.40 -27.57 -49.25
CA PHE A 41 14.21 -28.94 -49.59
C PHE A 41 12.77 -29.32 -49.81
N LYS A 42 12.58 -30.30 -50.70
CA LYS A 42 11.28 -30.91 -50.92
C LYS A 42 11.01 -32.01 -49.89
N PHE A 43 9.77 -32.06 -49.43
CA PHE A 43 9.31 -33.10 -48.53
C PHE A 43 8.05 -33.65 -49.15
N GLU A 44 8.08 -34.96 -49.48
CA GLU A 44 6.95 -35.64 -50.11
C GLU A 44 6.40 -36.73 -49.24
N ALA A 45 5.07 -36.86 -49.25
CA ALA A 45 4.36 -37.96 -48.62
C ALA A 45 3.46 -38.53 -49.72
N PRO A 46 2.83 -39.69 -49.47
CA PRO A 46 1.87 -40.19 -50.46
C PRO A 46 0.75 -39.17 -50.66
N GLY A 47 0.66 -38.66 -51.89
CA GLY A 47 -0.33 -37.65 -52.29
C GLY A 47 -0.04 -36.20 -51.89
N ARG A 48 1.17 -35.89 -51.46
CA ARG A 48 1.35 -34.56 -50.85
C ARG A 48 2.77 -34.14 -50.98
N VAL A 49 2.97 -32.86 -51.32
CA VAL A 49 4.31 -32.28 -51.33
C VAL A 49 4.32 -30.88 -50.69
N THR A 50 5.39 -30.58 -49.99
CA THR A 50 5.64 -29.23 -49.53
C THR A 50 7.17 -28.98 -49.62
N ARG A 51 7.55 -27.71 -49.52
CA ARG A 51 8.91 -27.30 -49.70
C ARG A 51 9.29 -26.47 -48.48
N TYR A 52 10.32 -26.94 -47.77
CA TYR A 52 10.78 -26.32 -46.53
C TYR A 52 11.86 -25.29 -46.80
N LEU A 53 11.57 -24.04 -46.41
CA LEU A 53 12.50 -22.89 -46.55
C LEU A 53 13.17 -22.46 -45.26
N SER A 54 14.46 -22.19 -45.35
CA SER A 54 15.30 -21.89 -44.20
C SER A 54 16.14 -20.64 -44.34
N SER A 55 16.25 -20.04 -45.52
CA SER A 55 17.11 -18.87 -45.69
C SER A 55 16.30 -17.62 -45.77
N GLN A 56 16.76 -16.53 -45.17
CA GLN A 56 16.11 -15.23 -45.37
C GLN A 56 16.01 -14.86 -46.87
N ARG A 57 17.01 -15.19 -47.69
CA ARG A 57 16.95 -14.97 -49.17
C ARG A 57 15.66 -15.49 -49.83
N LEU A 58 15.18 -16.68 -49.44
CA LEU A 58 13.98 -17.22 -50.06
C LEU A 58 12.76 -16.78 -49.30
N ILE A 59 12.91 -16.62 -47.98
CA ILE A 59 11.76 -16.39 -47.15
C ILE A 59 11.24 -15.02 -47.34
N LYS A 60 12.13 -14.11 -47.70
CA LYS A 60 11.67 -12.74 -48.00
C LYS A 60 10.74 -12.77 -49.24
N GLU A 61 11.00 -13.69 -50.16
CA GLU A 61 10.14 -13.78 -51.33
C GLU A 61 8.83 -14.47 -50.93
N ALA A 62 8.92 -15.57 -50.17
CA ALA A 62 7.70 -16.25 -49.61
C ALA A 62 6.76 -15.26 -48.88
N CYS A 63 7.34 -14.29 -48.20
CA CYS A 63 6.59 -13.25 -47.50
C CYS A 63 5.96 -12.13 -48.35
N ASP A 64 6.09 -12.24 -49.66
CA ASP A 64 5.51 -11.27 -50.61
C ASP A 64 4.05 -11.68 -50.75
N GLU A 65 3.17 -10.90 -50.15
CA GLU A 65 1.72 -11.22 -50.10
C GLU A 65 1.03 -11.10 -51.46
N SER A 66 1.70 -10.49 -52.43
CA SER A 66 1.13 -10.42 -53.77
C SER A 66 1.41 -11.73 -54.47
N ARG A 67 2.33 -12.55 -53.96
CA ARG A 67 2.65 -13.83 -54.61
C ARG A 67 2.25 -15.08 -53.83
N PHE A 68 2.17 -14.99 -52.50
CA PHE A 68 1.85 -16.09 -51.63
C PHE A 68 0.89 -15.65 -50.54
N ASP A 69 -0.02 -16.55 -50.16
CA ASP A 69 -0.95 -16.35 -49.11
C ASP A 69 -0.79 -17.44 -48.07
N LYS A 70 -1.28 -17.21 -46.86
CA LYS A 70 -1.31 -18.24 -45.80
C LYS A 70 -2.01 -19.52 -46.29
N ASN A 71 -1.32 -20.62 -46.05
CA ASN A 71 -1.83 -21.97 -46.27
C ASN A 71 -2.10 -22.56 -44.92
N LEU A 72 -3.11 -23.45 -44.92
CA LEU A 72 -3.27 -24.39 -43.84
C LEU A 72 -2.36 -25.60 -44.12
N SER A 73 -1.27 -25.69 -43.36
CA SER A 73 -0.45 -26.92 -43.35
C SER A 73 -1.31 -28.10 -42.92
N GLN A 74 -0.85 -29.34 -43.19
CA GLN A 74 -1.51 -30.48 -42.58
C GLN A 74 -1.81 -30.30 -41.08
N ALA A 75 -0.85 -29.79 -40.32
CA ALA A 75 -1.03 -29.57 -38.91
C ALA A 75 -2.24 -28.71 -38.69
N LEU A 76 -2.36 -27.61 -39.40
CA LEU A 76 -3.43 -26.68 -39.15
C LEU A 76 -4.78 -27.25 -39.61
N LYS A 77 -4.76 -28.05 -40.66
CA LYS A 77 -5.98 -28.69 -41.10
C LYS A 77 -6.53 -29.62 -40.01
N PHE A 78 -5.66 -30.30 -39.27
CA PHE A 78 -6.08 -31.21 -38.19
C PHE A 78 -6.56 -30.37 -37.01
N VAL A 79 -5.85 -29.33 -36.65
CA VAL A 79 -6.34 -28.45 -35.60
C VAL A 79 -7.66 -27.68 -35.98
N ARG A 80 -8.02 -27.55 -37.26
CA ARG A 80 -9.29 -26.85 -37.58
C ARG A 80 -10.38 -27.69 -37.04
N ASP A 81 -10.18 -28.99 -36.85
CA ASP A 81 -11.22 -29.79 -36.31
C ASP A 81 -11.78 -29.20 -35.04
N PHE A 82 -10.98 -28.48 -34.24
CA PHE A 82 -11.55 -27.78 -33.07
C PHE A 82 -11.41 -26.25 -33.15
N PHE A 83 -10.53 -25.74 -34.01
CA PHE A 83 -10.31 -24.27 -34.10
C PHE A 83 -11.32 -23.66 -35.13
N GLY A 84 -11.92 -24.53 -35.96
CA GLY A 84 -12.85 -24.11 -37.02
C GLY A 84 -12.35 -23.00 -37.94
N ASP A 85 -13.24 -22.06 -38.20
CA ASP A 85 -12.92 -20.90 -39.05
C ASP A 85 -12.71 -19.68 -38.16
N GLY A 86 -12.22 -19.94 -36.94
CA GLY A 86 -11.54 -18.94 -36.16
C GLY A 86 -10.41 -18.30 -36.90
N LEU A 87 -9.88 -17.21 -36.35
CA LEU A 87 -8.82 -16.42 -37.03
C LEU A 87 -7.57 -17.21 -37.42
N PHE A 88 -7.18 -18.15 -36.56
N PHE A 88 -7.17 -18.14 -36.57
CA PHE A 88 -5.97 -18.96 -36.78
CA PHE A 88 -5.94 -18.90 -36.80
C PHE A 88 -6.04 -19.99 -37.93
C PHE A 88 -6.03 -19.98 -37.92
N THR A 89 -7.19 -20.65 -38.08
CA THR A 89 -7.35 -21.73 -39.07
C THR A 89 -8.33 -21.37 -40.21
N SER A 90 -8.73 -20.11 -40.32
CA SER A 90 -9.52 -19.67 -41.46
C SER A 90 -8.59 -19.30 -42.64
N TRP A 91 -9.03 -19.62 -43.87
CA TRP A 91 -8.32 -19.15 -45.04
C TRP A 91 -8.54 -17.62 -45.15
N THR A 92 -7.61 -16.92 -45.75
CA THR A 92 -7.71 -15.49 -45.92
C THR A 92 -8.97 -15.08 -46.73
N HIS A 93 -9.41 -15.99 -47.61
CA HIS A 93 -10.52 -15.67 -48.49
C HIS A 93 -11.88 -16.06 -47.92
N GLU A 94 -11.92 -16.75 -46.75
CA GLU A 94 -13.15 -17.06 -46.11
C GLU A 94 -13.66 -15.74 -45.46
N LYS A 95 -14.95 -15.48 -45.69
CA LYS A 95 -15.60 -14.25 -45.18
C LYS A 95 -15.37 -14.05 -43.72
N ASN A 96 -15.33 -15.14 -42.96
CA ASN A 96 -15.19 -15.00 -41.50
C ASN A 96 -13.81 -14.54 -41.07
N TRP A 97 -12.78 -14.62 -41.93
CA TRP A 97 -11.42 -14.17 -41.59
C TRP A 97 -11.37 -12.62 -41.42
N LYS A 98 -11.65 -11.89 -42.49
CA LYS A 98 -11.55 -10.44 -42.47
C LYS A 98 -12.57 -9.85 -41.54
N LYS A 99 -13.74 -10.50 -41.39
CA LYS A 99 -14.73 -9.95 -40.49
C LYS A 99 -14.22 -10.00 -39.05
N ALA A 100 -13.78 -11.16 -38.60
CA ALA A 100 -13.18 -11.34 -37.25
C ALA A 100 -11.92 -10.52 -37.03
N HIS A 101 -11.11 -10.37 -38.06
CA HIS A 101 -9.86 -9.57 -38.01
C HIS A 101 -10.23 -8.11 -37.68
N ASN A 102 -11.23 -7.62 -38.40
CA ASN A 102 -11.68 -6.26 -38.25
C ASN A 102 -12.41 -6.07 -36.93
N ILE A 103 -13.22 -7.03 -36.52
CA ILE A 103 -13.92 -6.91 -35.27
C ILE A 103 -12.99 -7.00 -34.01
N LEU A 104 -11.94 -7.79 -34.11
CA LEU A 104 -11.12 -8.12 -32.91
C LEU A 104 -9.79 -7.35 -32.81
N LEU A 105 -9.32 -6.75 -33.92
CA LEU A 105 -8.10 -5.97 -33.90
C LEU A 105 -8.22 -4.86 -32.85
N PRO A 106 -9.39 -4.26 -32.66
CA PRO A 106 -9.46 -3.18 -31.62
C PRO A 106 -9.25 -3.61 -30.15
N SER A 107 -9.39 -4.90 -29.89
CA SER A 107 -9.01 -5.51 -28.62
C SER A 107 -7.50 -5.55 -28.35
N PHE A 108 -6.69 -5.18 -29.31
CA PHE A 108 -5.22 -5.16 -29.15
C PHE A 108 -4.67 -3.79 -29.46
N SER A 109 -5.54 -2.80 -29.44
CA SER A 109 -5.13 -1.41 -29.55
C SER A 109 -4.36 -1.03 -28.29
N GLN A 110 -3.69 0.10 -28.33
CA GLN A 110 -2.97 0.61 -27.16
C GLN A 110 -3.82 0.86 -25.95
N GLN A 111 -5.01 1.43 -26.14
CA GLN A 111 -5.94 1.63 -25.07
C GLN A 111 -6.39 0.30 -24.43
N ALA A 112 -6.65 -0.70 -25.27
CA ALA A 112 -7.05 -2.02 -24.80
C ALA A 112 -5.92 -2.60 -23.95
N MET A 113 -4.69 -2.50 -24.46
CA MET A 113 -3.51 -3.04 -23.79
C MET A 113 -3.36 -2.42 -22.42
N LYS A 114 -3.43 -1.08 -22.36
CA LYS A 114 -3.46 -0.36 -21.08
C LYS A 114 -4.50 -0.88 -20.14
N GLY A 115 -5.66 -1.20 -20.65
CA GLY A 115 -6.72 -1.71 -19.84
C GLY A 115 -6.61 -3.19 -19.41
N TYR A 116 -5.75 -3.98 -20.07
CA TYR A 116 -5.43 -5.31 -19.60
C TYR A 116 -4.33 -5.28 -18.50
N HIS A 117 -3.55 -4.22 -18.38
CA HIS A 117 -2.40 -4.24 -17.51
C HIS A 117 -2.72 -4.77 -16.07
N ALA A 118 -3.76 -4.20 -15.47
CA ALA A 118 -4.11 -4.48 -14.07
C ALA A 118 -4.39 -5.94 -13.86
N MET A 119 -5.06 -6.55 -14.81
CA MET A 119 -5.37 -7.95 -14.72
C MET A 119 -4.15 -8.84 -14.95
N MET A 120 -3.25 -8.41 -15.81
CA MET A 120 -1.95 -9.14 -15.96
C MET A 120 -1.18 -9.12 -14.66
N VAL A 121 -1.22 -8.00 -13.96
CA VAL A 121 -0.53 -7.85 -12.72
C VAL A 121 -1.11 -8.76 -11.68
N ASP A 122 -2.42 -8.98 -11.74
CA ASP A 122 -3.12 -9.82 -10.83
C ASP A 122 -2.56 -11.25 -10.87
N ILE A 123 -2.45 -11.79 -12.09
CA ILE A 123 -1.91 -13.11 -12.24
C ILE A 123 -0.41 -13.17 -11.94
N ALA A 124 0.37 -12.17 -12.34
CA ALA A 124 1.78 -12.16 -12.11
C ALA A 124 2.10 -12.13 -10.60
N VAL A 125 1.32 -11.35 -9.84
CA VAL A 125 1.43 -11.33 -8.38
C VAL A 125 1.11 -12.73 -7.77
N GLN A 126 0.14 -13.43 -8.33
CA GLN A 126 -0.14 -14.79 -7.90
C GLN A 126 1.12 -15.74 -8.10
N LEU A 127 1.82 -15.59 -9.21
CA LEU A 127 3.02 -16.41 -9.50
C LEU A 127 4.15 -16.02 -8.55
N VAL A 128 4.45 -14.74 -8.42
CA VAL A 128 5.51 -14.31 -7.48
C VAL A 128 5.20 -14.83 -6.05
N GLN A 129 3.94 -14.75 -5.64
CA GLN A 129 3.55 -15.21 -4.29
C GLN A 129 3.72 -16.69 -4.07
N LYS A 130 3.35 -17.51 -5.07
CA LYS A 130 3.54 -18.93 -4.95
C LYS A 130 5.00 -19.15 -4.66
N TRP A 131 5.88 -18.52 -5.45
CA TRP A 131 7.33 -18.75 -5.25
C TRP A 131 7.92 -18.20 -3.93
N GLU A 132 7.47 -17.01 -3.51
CA GLU A 132 7.81 -16.47 -2.21
C GLU A 132 7.44 -17.42 -1.08
N ARG A 133 6.39 -18.20 -1.30
CA ARG A 133 5.84 -19.05 -0.26
C ARG A 133 6.37 -20.49 -0.25
N LEU A 134 7.22 -20.85 -1.20
CA LEU A 134 7.92 -22.13 -1.08
C LEU A 134 8.94 -22.17 0.12
N ASN A 135 9.08 -23.33 0.69
CA ASN A 135 9.98 -23.64 1.74
C ASN A 135 11.40 -23.86 1.19
N ALA A 136 12.33 -23.91 2.12
CA ALA A 136 13.71 -23.99 1.74
C ALA A 136 13.95 -25.23 0.91
N ASP A 137 14.81 -25.13 -0.07
CA ASP A 137 15.08 -26.32 -0.90
C ASP A 137 13.92 -26.90 -1.74
N GLU A 138 12.72 -26.29 -1.72
CA GLU A 138 11.66 -26.70 -2.67
C GLU A 138 12.06 -26.16 -4.03
N HIS A 139 11.57 -26.75 -5.11
CA HIS A 139 11.87 -26.23 -6.42
C HIS A 139 10.61 -25.89 -7.22
N ILE A 140 10.84 -25.35 -8.41
CA ILE A 140 9.84 -24.75 -9.32
C ILE A 140 9.88 -25.53 -10.61
N GLU A 141 8.73 -26.00 -11.05
CA GLU A 141 8.56 -26.64 -12.32
C GLU A 141 8.24 -25.49 -13.23
N VAL A 142 9.20 -25.13 -14.08
CA VAL A 142 9.09 -23.87 -14.82
C VAL A 142 7.94 -23.86 -15.86
N PRO A 143 7.97 -24.74 -16.86
CA PRO A 143 6.91 -24.58 -17.87
C PRO A 143 5.49 -24.81 -17.29
N GLU A 144 5.37 -25.65 -16.27
CA GLU A 144 4.14 -25.89 -15.59
C GLU A 144 3.60 -24.60 -14.96
N ASP A 145 4.47 -23.86 -14.26
CA ASP A 145 4.06 -22.61 -13.64
C ASP A 145 3.84 -21.49 -14.68
N MET A 146 4.66 -21.47 -15.73
CA MET A 146 4.44 -20.50 -16.81
C MET A 146 3.06 -20.75 -17.48
N THR A 147 2.65 -22.00 -17.66
CA THR A 147 1.32 -22.30 -18.18
C THR A 147 0.22 -21.89 -17.22
N ARG A 148 0.47 -22.00 -15.91
CA ARG A 148 -0.56 -21.55 -14.98
C ARG A 148 -0.82 -20.08 -15.17
N LEU A 149 0.30 -19.35 -15.29
CA LEU A 149 0.25 -17.91 -15.43
C LEU A 149 -0.34 -17.47 -16.76
N THR A 150 0.08 -18.05 -17.86
CA THR A 150 -0.38 -17.59 -19.19
C THR A 150 -1.84 -17.96 -19.46
N LEU A 151 -2.25 -19.18 -19.15
CA LEU A 151 -3.67 -19.53 -19.29
C LEU A 151 -4.55 -18.60 -18.45
N ASP A 152 -4.17 -18.36 -17.20
CA ASP A 152 -4.97 -17.51 -16.32
C ASP A 152 -5.02 -16.09 -16.87
N THR A 153 -3.91 -15.60 -17.40
CA THR A 153 -3.82 -14.24 -17.90
C THR A 153 -4.79 -14.02 -19.10
N ILE A 154 -4.78 -14.90 -20.11
CA ILE A 154 -5.77 -14.79 -21.20
C ILE A 154 -7.23 -15.05 -20.74
N GLY A 155 -7.42 -15.99 -19.81
CA GLY A 155 -8.73 -16.25 -19.25
C GLY A 155 -9.32 -14.98 -18.63
N LEU A 156 -8.51 -14.30 -17.82
CA LEU A 156 -8.93 -13.12 -17.06
C LEU A 156 -8.99 -11.84 -17.93
N CYS A 157 -7.91 -11.55 -18.63
CA CYS A 157 -7.90 -10.39 -19.50
C CYS A 157 -8.88 -10.51 -20.65
N GLY A 158 -9.07 -11.70 -21.18
CA GLY A 158 -9.82 -11.83 -22.44
C GLY A 158 -11.30 -12.04 -22.23
N PHE A 159 -11.64 -12.74 -21.14
CA PHE A 159 -12.94 -13.32 -20.92
C PHE A 159 -13.53 -13.11 -19.50
N ASN A 160 -12.81 -12.38 -18.64
CA ASN A 160 -13.19 -12.24 -17.20
C ASN A 160 -13.52 -13.58 -16.57
N TYR A 161 -12.71 -14.57 -16.90
CA TYR A 161 -12.94 -15.92 -16.43
C TYR A 161 -11.68 -16.35 -15.66
N ARG A 162 -11.85 -17.02 -14.50
CA ARG A 162 -10.69 -17.36 -13.64
C ARG A 162 -10.50 -18.84 -13.68
N PHE A 163 -9.43 -19.27 -14.32
CA PHE A 163 -9.12 -20.71 -14.30
C PHE A 163 -8.57 -21.15 -12.94
N ASN A 164 -8.08 -20.17 -12.16
CA ASN A 164 -7.50 -20.47 -10.86
C ASN A 164 -6.47 -21.58 -10.88
N SER A 165 -5.50 -21.45 -11.78
CA SER A 165 -4.57 -22.54 -12.02
C SER A 165 -3.60 -22.63 -10.84
N PHE A 166 -3.39 -21.54 -10.11
CA PHE A 166 -2.41 -21.54 -8.97
C PHE A 166 -3.01 -22.17 -7.71
N TYR A 167 -4.31 -22.50 -7.78
CA TYR A 167 -5.04 -23.22 -6.74
C TYR A 167 -5.11 -24.69 -7.07
N ARG A 168 -4.38 -25.13 -8.11
CA ARG A 168 -4.41 -26.51 -8.52
C ARG A 168 -3.03 -27.16 -8.47
N ASP A 169 -2.98 -28.41 -8.04
N ASP A 169 -3.09 -28.42 -8.00
CA ASP A 169 -1.70 -29.08 -7.90
CA ASP A 169 -1.98 -29.36 -7.85
C ASP A 169 -1.37 -29.80 -9.23
C ASP A 169 -1.45 -29.73 -9.20
N GLN A 170 -2.37 -30.24 -9.98
CA GLN A 170 -2.11 -30.80 -11.28
C GLN A 170 -2.35 -29.73 -12.31
N PRO A 171 -2.05 -30.02 -13.60
CA PRO A 171 -2.51 -29.04 -14.59
C PRO A 171 -4.04 -28.94 -14.64
N HIS A 172 -4.54 -27.76 -14.97
CA HIS A 172 -6.01 -27.60 -15.20
C HIS A 172 -6.51 -28.60 -16.27
N PRO A 173 -7.72 -29.18 -16.11
CA PRO A 173 -8.29 -30.14 -17.10
C PRO A 173 -8.27 -29.63 -18.55
N PHE A 174 -8.51 -28.33 -18.73
CA PHE A 174 -8.45 -27.74 -20.07
C PHE A 174 -7.04 -27.90 -20.71
N ILE A 175 -5.99 -27.69 -19.93
CA ILE A 175 -4.63 -27.91 -20.40
C ILE A 175 -4.35 -29.37 -20.73
N THR A 176 -4.81 -30.30 -19.90
CA THR A 176 -4.63 -31.73 -20.17
C THR A 176 -5.23 -32.18 -21.53
N SER A 177 -6.49 -31.88 -21.78
CA SER A 177 -7.12 -32.11 -23.08
C SER A 177 -6.49 -31.28 -24.25
N MET A 178 -6.09 -30.04 -24.03
CA MET A 178 -5.38 -29.25 -25.06
C MET A 178 -4.13 -30.01 -25.49
N VAL A 179 -3.28 -30.35 -24.53
CA VAL A 179 -2.02 -31.02 -24.83
C VAL A 179 -2.28 -32.35 -25.52
N ARG A 180 -3.25 -33.10 -25.01
CA ARG A 180 -3.61 -34.39 -25.68
C ARG A 180 -4.03 -34.18 -27.16
N ALA A 181 -4.85 -33.17 -27.41
CA ALA A 181 -5.37 -32.82 -28.78
C ALA A 181 -4.26 -32.37 -29.73
N LEU A 182 -3.39 -31.46 -29.27
CA LEU A 182 -2.20 -31.07 -30.02
C LEU A 182 -1.22 -32.25 -30.30
N ASP A 183 -1.01 -33.09 -29.29
N ASP A 183 -1.00 -33.10 -29.31
CA ASP A 183 -0.19 -34.31 -29.41
CA ASP A 183 -0.13 -34.27 -29.48
C ASP A 183 -0.69 -35.22 -30.54
C ASP A 183 -0.69 -35.26 -30.52
N GLU A 184 -2.01 -35.43 -30.54
CA GLU A 184 -2.67 -36.28 -31.50
C GLU A 184 -2.58 -35.70 -32.91
N ALA A 185 -2.80 -34.38 -33.02
CA ALA A 185 -2.62 -33.71 -34.31
C ALA A 185 -1.20 -33.89 -34.79
N MET A 186 -0.22 -33.75 -33.89
CA MET A 186 1.14 -33.92 -34.25
C MET A 186 1.41 -35.38 -34.70
N ASN A 187 0.92 -36.35 -33.92
CA ASN A 187 1.16 -37.77 -34.26
C ASN A 187 0.50 -38.17 -35.58
N LYS A 188 -0.71 -37.70 -35.82
CA LYS A 188 -1.35 -37.84 -37.12
C LYS A 188 -0.55 -37.51 -38.38
N LEU A 189 0.38 -36.55 -38.26
CA LEU A 189 1.19 -36.08 -39.38
C LEU A 189 1.93 -37.24 -40.06
N GLN A 190 2.39 -38.19 -39.26
CA GLN A 190 3.15 -39.32 -39.77
C GLN A 190 2.30 -40.53 -40.24
N ARG A 191 0.99 -40.50 -39.98
CA ARG A 191 0.15 -41.69 -40.23
C ARG A 191 -0.03 -41.99 -41.71
N ALA A 192 0.43 -43.15 -42.16
CA ALA A 192 0.21 -43.57 -43.56
C ALA A 192 -1.30 -43.82 -43.82
N ASN A 193 -1.99 -44.49 -42.90
CA ASN A 193 -3.40 -44.87 -43.11
C ASN A 193 -4.28 -44.41 -41.96
N PRO A 194 -4.65 -43.11 -41.94
CA PRO A 194 -5.36 -42.47 -40.83
C PRO A 194 -6.72 -43.12 -40.53
N ASP A 195 -7.25 -43.91 -41.45
CA ASP A 195 -8.48 -44.64 -41.21
C ASP A 195 -8.30 -46.11 -40.92
N ASP A 196 -7.07 -46.55 -40.72
CA ASP A 196 -6.88 -47.83 -40.07
C ASP A 196 -7.74 -47.76 -38.77
N PRO A 197 -8.52 -48.82 -38.47
CA PRO A 197 -9.29 -48.89 -37.23
C PRO A 197 -8.41 -49.05 -35.98
N ALA A 198 -7.14 -49.37 -36.15
CA ALA A 198 -6.18 -49.23 -35.06
C ALA A 198 -6.20 -47.78 -34.43
N TYR A 199 -6.63 -46.76 -35.17
CA TYR A 199 -6.67 -45.35 -34.66
C TYR A 199 -8.06 -44.93 -34.18
N ASP A 200 -8.97 -45.92 -34.07
CA ASP A 200 -10.32 -45.70 -33.59
C ASP A 200 -10.33 -45.09 -32.16
N GLU A 201 -9.44 -45.59 -31.31
CA GLU A 201 -9.35 -45.07 -29.93
C GLU A 201 -8.77 -43.63 -29.91
N ASN A 202 -7.81 -43.38 -30.80
CA ASN A 202 -7.16 -42.07 -30.92
C ASN A 202 -8.23 -41.02 -31.23
N LYS A 203 -9.10 -41.37 -32.16
CA LYS A 203 -10.17 -40.45 -32.60
C LYS A 203 -11.17 -40.20 -31.47
N ARG A 204 -11.40 -41.24 -30.67
CA ARG A 204 -12.37 -41.20 -29.57
C ARG A 204 -11.83 -40.29 -28.44
N GLN A 205 -10.56 -40.45 -28.14
CA GLN A 205 -9.91 -39.62 -27.13
C GLN A 205 -9.91 -38.13 -27.64
N PHE A 206 -9.64 -37.97 -28.94
CA PHE A 206 -9.64 -36.66 -29.62
C PHE A 206 -10.97 -35.93 -29.43
N GLN A 207 -12.08 -36.62 -29.70
CA GLN A 207 -13.42 -36.02 -29.56
C GLN A 207 -13.74 -35.68 -28.10
N GLU A 208 -13.30 -36.54 -27.19
CA GLU A 208 -13.57 -36.31 -25.79
C GLU A 208 -12.75 -35.08 -25.29
N ASP A 209 -11.51 -34.97 -25.76
CA ASP A 209 -10.73 -33.79 -25.46
C ASP A 209 -11.36 -32.52 -26.09
N ILE A 210 -11.85 -32.63 -27.32
CA ILE A 210 -12.53 -31.51 -27.97
C ILE A 210 -13.75 -31.09 -27.13
N LYS A 211 -14.43 -32.08 -26.57
CA LYS A 211 -15.56 -31.86 -25.69
C LYS A 211 -15.23 -31.14 -24.39
N VAL A 212 -14.14 -31.53 -23.73
CA VAL A 212 -13.74 -30.89 -22.47
C VAL A 212 -13.49 -29.38 -22.74
N MET A 213 -12.85 -29.09 -23.88
CA MET A 213 -12.44 -27.73 -24.24
C MET A 213 -13.69 -26.92 -24.57
N ASN A 214 -14.62 -27.53 -25.30
CA ASN A 214 -15.86 -26.85 -25.64
C ASN A 214 -16.81 -26.69 -24.42
N ASP A 215 -16.75 -27.61 -23.46
CA ASP A 215 -17.56 -27.45 -22.25
C ASP A 215 -17.13 -26.19 -21.49
N LEU A 216 -15.83 -25.93 -21.49
CA LEU A 216 -15.32 -24.74 -20.81
C LEU A 216 -15.73 -23.48 -21.58
N VAL A 217 -15.68 -23.56 -22.91
CA VAL A 217 -16.14 -22.43 -23.75
C VAL A 217 -17.60 -22.06 -23.42
N ASP A 218 -18.42 -23.08 -23.31
CA ASP A 218 -19.84 -22.90 -22.97
C ASP A 218 -20.04 -22.17 -21.64
N LYS A 219 -19.17 -22.48 -20.66
CA LYS A 219 -19.23 -21.83 -19.35
C LYS A 219 -18.88 -20.36 -19.44
N ILE A 220 -17.84 -20.03 -20.20
CA ILE A 220 -17.40 -18.62 -20.35
C ILE A 220 -18.55 -17.84 -20.94
N ILE A 221 -19.23 -18.44 -21.90
CA ILE A 221 -20.35 -17.78 -22.59
C ILE A 221 -21.53 -17.58 -21.64
N ALA A 222 -21.78 -18.60 -20.82
CA ALA A 222 -22.85 -18.56 -19.82
C ALA A 222 -22.59 -17.52 -18.71
N ASP A 223 -21.37 -17.52 -18.16
CA ASP A 223 -20.93 -16.50 -17.20
C ASP A 223 -21.20 -15.10 -17.72
N ARG A 224 -20.86 -14.85 -18.99
CA ARG A 224 -20.97 -13.49 -19.55
C ARG A 224 -22.42 -13.06 -19.71
N LYS A 225 -23.23 -13.98 -20.22
CA LYS A 225 -24.71 -13.80 -20.32
C LYS A 225 -25.32 -13.52 -18.93
N ALA A 226 -24.44 -13.87 -18.03
CA ALA A 226 -24.81 -13.54 -16.73
C ALA A 226 -23.98 -12.33 -16.51
N SER A 227 -22.81 -12.28 -17.11
CA SER A 227 -21.93 -11.20 -16.76
C SER A 227 -22.66 -9.93 -16.94
N GLY A 228 -22.79 -9.16 -15.86
CA GLY A 228 -23.34 -7.86 -16.12
C GLY A 228 -22.07 -7.67 -16.87
N GLU A 229 -22.16 -7.24 -18.10
CA GLU A 229 -20.92 -7.19 -18.82
C GLU A 229 -20.55 -5.89 -19.45
N GLN A 230 -19.43 -5.33 -19.04
CA GLN A 230 -18.94 -4.19 -19.75
C GLN A 230 -17.80 -5.01 -20.08
N SER A 231 -17.20 -5.57 -19.02
CA SER A 231 -16.08 -6.42 -19.16
C SER A 231 -15.57 -6.08 -20.49
N ASP A 232 -15.36 -4.79 -20.68
CA ASP A 232 -14.92 -4.33 -21.99
C ASP A 232 -13.68 -5.02 -22.54
N ASP A 233 -13.82 -6.29 -22.94
CA ASP A 233 -12.66 -7.09 -23.26
C ASP A 233 -12.84 -7.77 -24.62
N LEU A 234 -12.00 -8.76 -24.89
CA LEU A 234 -12.09 -9.52 -26.15
C LEU A 234 -13.49 -10.15 -26.39
N LEU A 235 -14.04 -10.80 -25.36
CA LEU A 235 -15.38 -11.38 -25.43
C LEU A 235 -16.45 -10.30 -25.70
N THR A 236 -16.27 -9.12 -25.10
CA THR A 236 -17.27 -8.04 -25.35
C THR A 236 -17.27 -7.77 -26.87
N HIS A 237 -16.10 -7.71 -27.47
CA HIS A 237 -15.97 -7.40 -28.90
C HIS A 237 -16.50 -8.55 -29.77
N MET A 238 -16.26 -9.79 -29.35
CA MET A 238 -16.78 -10.94 -30.04
C MET A 238 -18.31 -10.88 -30.09
N LEU A 239 -18.96 -10.54 -28.98
CA LEU A 239 -20.41 -10.64 -28.91
C LEU A 239 -21.05 -9.37 -29.43
N ASN A 240 -20.32 -8.26 -29.44
CA ASN A 240 -20.93 -6.96 -29.70
C ASN A 240 -20.41 -6.15 -30.90
N GLY A 241 -19.18 -6.36 -31.32
CA GLY A 241 -18.64 -5.56 -32.35
C GLY A 241 -19.20 -5.88 -33.74
N LYS A 242 -19.23 -4.87 -34.59
CA LYS A 242 -19.61 -5.04 -35.98
C LYS A 242 -18.41 -4.74 -36.81
N ASP A 243 -18.25 -5.53 -37.84
CA ASP A 243 -17.24 -5.27 -38.84
C ASP A 243 -17.59 -4.06 -39.65
N PRO A 244 -16.69 -3.07 -39.74
CA PRO A 244 -17.04 -1.87 -40.50
C PRO A 244 -17.25 -2.14 -41.95
N GLU A 245 -16.58 -3.14 -42.53
CA GLU A 245 -16.81 -3.45 -43.94
C GLU A 245 -18.24 -4.01 -44.24
N THR A 246 -18.52 -5.23 -43.81
CA THR A 246 -19.84 -5.84 -44.05
C THR A 246 -21.00 -5.20 -43.20
N GLY A 247 -20.69 -4.53 -42.11
CA GLY A 247 -21.69 -4.06 -41.15
C GLY A 247 -22.20 -5.15 -40.18
N GLU A 248 -21.69 -6.40 -40.32
CA GLU A 248 -22.17 -7.58 -39.61
C GLU A 248 -21.35 -7.92 -38.35
N PRO A 249 -22.00 -8.46 -37.31
CA PRO A 249 -21.25 -9.06 -36.21
C PRO A 249 -20.97 -10.56 -36.48
N LEU A 250 -20.10 -11.14 -35.66
CA LEU A 250 -19.81 -12.59 -35.70
C LEU A 250 -21.05 -13.40 -35.30
N ASP A 251 -21.29 -14.53 -35.92
CA ASP A 251 -22.42 -15.33 -35.49
C ASP A 251 -21.94 -16.23 -34.37
N ASP A 252 -22.89 -16.96 -33.76
CA ASP A 252 -22.63 -17.79 -32.59
C ASP A 252 -21.58 -18.90 -32.78
N GLU A 253 -21.68 -19.61 -33.87
CA GLU A 253 -20.74 -20.68 -34.19
C GLU A 253 -19.29 -20.15 -34.27
N ASN A 254 -19.12 -19.04 -34.96
CA ASN A 254 -17.77 -18.52 -35.13
C ASN A 254 -17.23 -18.02 -33.81
N ILE A 255 -18.08 -17.37 -33.01
CA ILE A 255 -17.62 -16.88 -31.72
C ILE A 255 -17.05 -18.02 -30.87
N ARG A 256 -17.69 -19.18 -30.90
CA ARG A 256 -17.20 -20.33 -30.13
C ARG A 256 -15.84 -20.78 -30.58
N TYR A 257 -15.64 -20.76 -31.88
CA TYR A 257 -14.30 -21.05 -32.40
C TYR A 257 -13.35 -19.95 -32.01
N GLN A 258 -13.78 -18.71 -32.03
CA GLN A 258 -12.82 -17.70 -31.60
C GLN A 258 -12.36 -17.91 -30.15
N ILE A 259 -13.30 -18.32 -29.26
CA ILE A 259 -12.96 -18.42 -27.88
C ILE A 259 -11.91 -19.48 -27.67
N ILE A 260 -12.14 -20.66 -28.27
CA ILE A 260 -11.15 -21.74 -28.15
C ILE A 260 -9.81 -21.34 -28.72
N THR A 261 -9.83 -20.71 -29.91
CA THR A 261 -8.61 -20.18 -30.57
C THR A 261 -7.80 -19.25 -29.67
N PHE A 262 -8.47 -18.23 -29.15
CA PHE A 262 -7.80 -17.32 -28.24
C PHE A 262 -7.35 -17.94 -26.89
N LEU A 263 -8.14 -18.80 -26.27
CA LEU A 263 -7.66 -19.57 -25.10
C LEU A 263 -6.34 -20.38 -25.36
N ILE A 264 -6.22 -21.02 -26.51
CA ILE A 264 -4.99 -21.74 -26.81
C ILE A 264 -3.84 -20.88 -27.36
N ALA A 265 -4.07 -20.24 -28.49
CA ALA A 265 -3.05 -19.36 -29.05
C ALA A 265 -2.69 -18.29 -28.12
N GLY A 266 -3.67 -17.80 -27.36
CA GLY A 266 -3.46 -16.81 -26.33
C GLY A 266 -2.62 -17.17 -25.09
N HIS A 267 -2.23 -18.44 -24.94
CA HIS A 267 -1.34 -18.79 -23.80
C HIS A 267 -0.20 -19.73 -24.06
N GLU A 268 -0.42 -20.75 -24.89
CA GLU A 268 0.58 -21.83 -25.00
C GLU A 268 1.97 -21.33 -25.42
N THR A 269 2.04 -20.50 -26.42
CA THR A 269 3.29 -20.05 -26.97
C THR A 269 3.94 -19.00 -26.09
N THR A 270 3.12 -18.35 -25.27
CA THR A 270 3.71 -17.39 -24.27
C THR A 270 4.33 -18.11 -23.11
N SER A 271 3.72 -19.21 -22.72
CA SER A 271 4.29 -20.09 -21.72
C SER A 271 5.66 -20.61 -22.14
N GLY A 272 5.73 -21.07 -23.38
CA GLY A 272 6.94 -21.51 -24.01
C GLY A 272 8.00 -20.45 -24.01
N LEU A 273 7.64 -19.22 -24.40
CA LEU A 273 8.64 -18.15 -24.48
C LEU A 273 9.28 -17.85 -23.07
N LEU A 274 8.43 -17.69 -22.06
CA LEU A 274 8.91 -17.46 -20.70
C LEU A 274 9.79 -18.61 -20.24
N SER A 275 9.39 -19.86 -20.53
CA SER A 275 10.21 -20.99 -20.15
C SER A 275 11.60 -20.96 -20.81
N PHE A 276 11.69 -20.72 -22.12
CA PHE A 276 12.95 -20.62 -22.85
C PHE A 276 13.78 -19.41 -22.39
N ALA A 277 13.10 -18.31 -22.11
CA ALA A 277 13.80 -17.13 -21.63
C ALA A 277 14.41 -17.42 -20.27
N LEU A 278 13.72 -18.07 -19.37
CA LEU A 278 14.33 -18.37 -18.03
C LEU A 278 15.47 -19.36 -18.26
N TYR A 279 15.24 -20.35 -19.11
CA TYR A 279 16.29 -21.29 -19.42
C TYR A 279 17.58 -20.59 -19.85
N PHE A 280 17.51 -19.66 -20.79
CA PHE A 280 18.71 -19.03 -21.35
C PHE A 280 19.40 -18.08 -20.32
N LEU A 281 18.60 -17.48 -19.48
CA LEU A 281 19.12 -16.59 -18.43
C LEU A 281 19.95 -17.39 -17.43
N VAL A 282 19.44 -18.54 -16.98
CA VAL A 282 20.20 -19.26 -15.98
C VAL A 282 21.45 -19.88 -16.60
N LYS A 283 21.47 -20.06 -17.92
CA LYS A 283 22.62 -20.64 -18.54
C LYS A 283 23.61 -19.57 -18.96
N ASN A 284 23.27 -18.31 -18.75
CA ASN A 284 24.07 -17.16 -19.20
C ASN A 284 24.12 -16.13 -18.07
N PRO A 285 24.89 -16.50 -16.99
CA PRO A 285 24.76 -15.71 -15.77
C PRO A 285 25.05 -14.19 -15.98
N HIS A 286 25.91 -13.80 -16.93
CA HIS A 286 26.21 -12.39 -17.10
C HIS A 286 24.97 -11.69 -17.69
N VAL A 287 24.29 -12.36 -18.62
CA VAL A 287 23.00 -11.87 -19.20
C VAL A 287 21.88 -11.76 -18.10
N LEU A 288 21.71 -12.82 -17.30
CA LEU A 288 20.85 -12.77 -16.10
C LEU A 288 21.17 -11.53 -15.23
N GLN A 289 22.42 -11.33 -14.88
CA GLN A 289 22.72 -10.20 -14.00
C GLN A 289 22.36 -8.90 -14.70
N LYS A 290 22.59 -8.78 -16.01
CA LYS A 290 22.37 -7.51 -16.69
C LYS A 290 20.85 -7.24 -16.73
N ALA A 291 20.08 -8.31 -16.87
CA ALA A 291 18.60 -8.20 -16.90
C ALA A 291 18.10 -7.90 -15.52
N ALA A 292 18.61 -8.62 -14.51
CA ALA A 292 18.25 -8.32 -13.13
C ALA A 292 18.57 -6.92 -12.73
N GLU A 293 19.72 -6.39 -13.12
CA GLU A 293 20.04 -4.96 -12.88
C GLU A 293 18.95 -4.02 -13.44
N GLU A 294 18.51 -4.25 -14.68
CA GLU A 294 17.46 -3.40 -15.25
C GLU A 294 16.17 -3.47 -14.46
N ALA A 295 15.70 -4.67 -14.15
CA ALA A 295 14.52 -4.84 -13.37
C ALA A 295 14.52 -4.04 -12.04
N ALA A 296 15.65 -4.07 -11.33
CA ALA A 296 15.75 -3.39 -10.06
C ALA A 296 15.67 -1.90 -10.25
N ARG A 297 16.36 -1.42 -11.30
CA ARG A 297 16.50 -0.02 -11.65
C ARG A 297 15.15 0.55 -12.04
N VAL A 298 14.39 -0.24 -12.80
CA VAL A 298 13.18 0.28 -13.44
C VAL A 298 11.94 0.13 -12.59
N LEU A 299 11.80 -1.06 -11.99
CA LEU A 299 10.62 -1.41 -11.27
C LEU A 299 10.67 -1.02 -9.79
N VAL A 300 10.59 0.28 -9.57
CA VAL A 300 10.75 0.86 -8.24
C VAL A 300 9.56 0.80 -7.36
N ASP A 301 8.37 0.48 -7.88
CA ASP A 301 7.15 0.48 -7.11
C ASP A 301 6.73 -0.93 -6.79
N PRO A 302 5.82 -1.11 -5.85
CA PRO A 302 5.39 -2.41 -5.39
C PRO A 302 4.73 -3.28 -6.43
N VAL A 303 4.04 -2.66 -7.38
CA VAL A 303 3.66 -3.40 -8.59
C VAL A 303 3.96 -2.57 -9.81
N PRO A 304 4.33 -3.25 -10.90
CA PRO A 304 4.74 -2.47 -12.06
C PRO A 304 3.62 -1.70 -12.71
N SER A 305 3.93 -0.51 -13.19
CA SER A 305 3.02 0.24 -14.06
C SER A 305 3.19 -0.17 -15.54
N TYR A 306 2.19 0.24 -16.34
CA TYR A 306 2.26 0.05 -17.77
C TYR A 306 3.48 0.73 -18.36
N LYS A 307 3.68 2.01 -18.04
CA LYS A 307 4.84 2.75 -18.58
C LYS A 307 6.14 2.13 -18.12
N GLN A 308 6.14 1.55 -16.92
CA GLN A 308 7.36 0.91 -16.40
C GLN A 308 7.70 -0.35 -17.20
N VAL A 309 6.70 -1.17 -17.50
CA VAL A 309 6.97 -2.34 -18.37
C VAL A 309 7.58 -1.93 -19.71
N LYS A 310 7.05 -0.89 -20.31
CA LYS A 310 7.61 -0.35 -21.55
C LYS A 310 9.08 0.15 -21.43
N GLN A 311 9.54 0.37 -20.19
N GLN A 311 9.62 0.41 -20.23
CA GLN A 311 10.87 0.85 -19.86
CA GLN A 311 11.04 0.83 -20.12
C GLN A 311 11.92 -0.29 -19.85
C GLN A 311 11.99 -0.33 -19.85
N LEU A 312 11.44 -1.54 -19.75
CA LEU A 312 12.28 -2.75 -19.68
C LEU A 312 12.85 -3.24 -21.05
N LYS A 313 13.79 -2.45 -21.58
CA LYS A 313 14.38 -2.64 -22.87
C LYS A 313 15.17 -3.91 -22.95
N TYR A 314 16.03 -4.10 -21.95
CA TYR A 314 16.88 -5.31 -21.98
C TYR A 314 16.08 -6.57 -21.82
N VAL A 315 15.10 -6.52 -20.93
CA VAL A 315 14.20 -7.68 -20.78
C VAL A 315 13.54 -8.02 -22.11
N GLY A 316 13.09 -6.98 -22.82
CA GLY A 316 12.56 -7.11 -24.18
C GLY A 316 13.53 -7.82 -25.10
N MET A 317 14.79 -7.40 -25.01
CA MET A 317 15.88 -7.96 -25.83
C MET A 317 16.07 -9.48 -25.54
N VAL A 318 16.09 -9.83 -24.25
CA VAL A 318 16.11 -11.19 -23.76
C VAL A 318 14.98 -11.99 -24.39
N LEU A 319 13.75 -11.46 -24.41
CA LEU A 319 12.65 -12.23 -24.94
C LEU A 319 12.76 -12.44 -26.46
N ASN A 320 13.25 -11.44 -27.17
CA ASN A 320 13.32 -11.56 -28.59
C ASN A 320 14.42 -12.52 -28.97
N GLU A 321 15.49 -12.55 -28.15
CA GLU A 321 16.56 -13.49 -28.37
C GLU A 321 16.16 -14.93 -28.09
N ALA A 322 15.30 -15.15 -27.09
CA ALA A 322 14.67 -16.47 -26.83
C ALA A 322 13.80 -16.92 -27.98
N LEU A 323 13.03 -15.97 -28.51
CA LEU A 323 12.25 -16.24 -29.74
C LEU A 323 13.10 -16.46 -30.95
N ARG A 324 14.29 -15.81 -31.05
CA ARG A 324 15.14 -16.08 -32.18
C ARG A 324 15.55 -17.56 -32.13
N LEU A 325 16.17 -18.03 -31.04
CA LEU A 325 16.63 -19.45 -30.98
C LEU A 325 15.51 -20.46 -31.00
N TRP A 326 14.41 -20.20 -30.30
CA TRP A 326 13.35 -21.21 -30.12
C TRP A 326 11.99 -20.55 -30.26
N PRO A 327 11.66 -20.14 -31.48
CA PRO A 327 10.35 -19.57 -31.73
C PRO A 327 9.27 -20.59 -31.43
N THR A 328 8.36 -20.25 -30.52
CA THR A 328 7.52 -21.32 -29.93
C THR A 328 6.39 -21.85 -30.80
N ALA A 329 6.05 -21.12 -31.87
CA ALA A 329 5.21 -21.63 -33.00
C ALA A 329 6.18 -21.74 -34.17
N PRO A 330 6.78 -22.93 -34.37
CA PRO A 330 8.07 -22.85 -35.14
C PRO A 330 7.95 -22.88 -36.66
N ALA A 331 6.74 -22.99 -37.16
CA ALA A 331 6.52 -23.06 -38.58
C ALA A 331 5.24 -22.37 -38.95
N PHE A 332 5.24 -21.76 -40.15
CA PHE A 332 4.01 -21.38 -40.84
C PHE A 332 4.12 -21.72 -42.32
N SER A 333 2.97 -21.81 -42.99
CA SER A 333 2.85 -22.36 -44.33
C SER A 333 2.24 -21.34 -45.26
N LEU A 334 2.66 -21.39 -46.52
CA LEU A 334 2.20 -20.45 -47.54
C LEU A 334 1.86 -21.26 -48.80
N TYR A 335 0.97 -20.73 -49.67
CA TYR A 335 0.72 -21.27 -51.00
C TYR A 335 0.92 -20.21 -52.13
N ALA A 336 1.37 -20.67 -53.30
CA ALA A 336 1.66 -19.80 -54.47
C ALA A 336 0.35 -19.35 -55.08
N LYS A 337 0.11 -18.04 -55.13
CA LYS A 337 -1.21 -17.56 -55.63
C LYS A 337 -1.28 -17.74 -57.11
N GLU A 338 -0.12 -17.75 -57.79
CA GLU A 338 0.00 -17.95 -59.23
C GLU A 338 1.30 -18.64 -59.49
N ASP A 339 1.47 -19.19 -60.69
CA ASP A 339 2.78 -19.71 -61.08
C ASP A 339 3.86 -18.71 -60.86
N THR A 340 4.99 -19.12 -60.31
CA THR A 340 6.01 -18.14 -59.99
C THR A 340 7.36 -18.79 -59.78
N VAL A 341 8.41 -18.01 -59.83
CA VAL A 341 9.74 -18.58 -59.63
C VAL A 341 10.35 -18.06 -58.33
N LEU A 342 10.68 -18.97 -57.42
CA LEU A 342 11.40 -18.63 -56.24
C LEU A 342 12.96 -18.62 -56.39
N GLY A 343 13.53 -17.49 -55.98
CA GLY A 343 14.96 -17.30 -55.98
C GLY A 343 15.63 -17.35 -57.32
N GLY A 344 14.88 -17.11 -58.40
CA GLY A 344 15.41 -17.27 -59.76
C GLY A 344 15.77 -18.69 -60.17
N GLU A 345 15.44 -19.68 -59.34
CA GLU A 345 15.92 -21.05 -59.58
C GLU A 345 14.89 -22.14 -59.29
N TYR A 346 13.79 -21.84 -58.59
CA TYR A 346 12.84 -22.86 -58.21
C TYR A 346 11.45 -22.48 -58.70
N PRO A 347 11.08 -23.05 -59.86
CA PRO A 347 9.73 -22.81 -60.38
C PRO A 347 8.65 -23.41 -59.53
N LEU A 348 7.56 -22.66 -59.34
CA LEU A 348 6.44 -23.16 -58.58
C LEU A 348 5.22 -23.01 -59.44
N GLU A 349 4.28 -23.93 -59.30
CA GLU A 349 2.95 -23.76 -59.90
C GLU A 349 2.00 -23.22 -58.88
N LYS A 350 0.97 -22.54 -59.36
CA LYS A 350 -0.14 -22.08 -58.56
C LYS A 350 -0.59 -23.17 -57.66
N GLY A 351 -0.74 -22.81 -56.38
CA GLY A 351 -1.15 -23.74 -55.35
C GLY A 351 -0.09 -24.50 -54.63
N ASP A 352 1.14 -24.48 -55.14
CA ASP A 352 2.24 -25.18 -54.48
C ASP A 352 2.45 -24.62 -53.07
N GLU A 353 2.82 -25.50 -52.12
CA GLU A 353 2.93 -25.18 -50.71
C GLU A 353 4.35 -25.01 -50.28
N LEU A 354 4.56 -24.07 -49.37
CA LEU A 354 5.85 -23.82 -48.73
C LEU A 354 5.70 -23.88 -47.24
N MET A 355 6.77 -24.29 -46.55
CA MET A 355 6.83 -24.22 -45.11
C MET A 355 8.00 -23.33 -44.75
N VAL A 356 7.78 -22.37 -43.86
CA VAL A 356 8.84 -21.51 -43.34
C VAL A 356 9.27 -22.11 -42.01
N LEU A 357 10.53 -22.51 -41.93
CA LEU A 357 11.06 -23.25 -40.80
C LEU A 357 11.81 -22.20 -40.01
N ILE A 358 11.03 -21.61 -39.12
CA ILE A 358 11.41 -20.34 -38.40
C ILE A 358 12.72 -20.51 -37.61
N PRO A 359 12.89 -21.59 -36.85
CA PRO A 359 14.21 -21.68 -36.13
C PRO A 359 15.43 -21.70 -37.04
N GLN A 360 15.32 -22.26 -38.26
CA GLN A 360 16.42 -22.21 -39.22
C GLN A 360 16.60 -20.83 -39.84
N LEU A 361 15.49 -20.17 -40.18
CA LEU A 361 15.58 -18.78 -40.65
C LEU A 361 16.41 -17.99 -39.62
N HIS A 362 16.13 -18.24 -38.34
CA HIS A 362 16.73 -17.50 -37.20
C HIS A 362 18.19 -17.85 -36.90
N ARG A 363 18.71 -18.78 -37.64
CA ARG A 363 20.07 -19.24 -37.62
C ARG A 363 20.79 -18.98 -38.95
N ASP A 364 20.27 -18.10 -39.80
CA ASP A 364 20.89 -17.80 -41.08
C ASP A 364 22.14 -16.94 -40.80
N LYS A 365 23.33 -17.53 -41.00
CA LYS A 365 24.56 -16.82 -40.70
C LYS A 365 24.78 -15.60 -41.58
N THR A 366 24.17 -15.59 -42.78
CA THR A 366 24.32 -14.41 -43.64
C THR A 366 23.65 -13.18 -43.00
N ILE A 367 22.65 -13.42 -42.15
CA ILE A 367 21.96 -12.33 -41.50
C ILE A 367 22.59 -12.03 -40.15
N TRP A 368 22.82 -13.08 -39.36
CA TRP A 368 23.11 -12.94 -37.96
C TRP A 368 24.57 -13.04 -37.59
N GLY A 369 25.39 -13.51 -38.52
CA GLY A 369 26.80 -13.73 -38.19
C GLY A 369 27.03 -15.18 -37.81
N ASP A 370 28.29 -15.53 -37.58
CA ASP A 370 28.67 -16.91 -37.37
C ASP A 370 28.20 -17.46 -36.02
N ASP A 371 28.07 -16.61 -35.01
CA ASP A 371 27.80 -17.08 -33.64
C ASP A 371 26.28 -17.32 -33.37
N VAL A 372 25.55 -17.98 -34.28
CA VAL A 372 24.07 -17.97 -34.21
C VAL A 372 23.51 -18.81 -33.07
N GLU A 373 24.36 -19.66 -32.49
CA GLU A 373 23.89 -20.55 -31.41
C GLU A 373 24.05 -19.83 -30.06
N GLU A 374 24.76 -18.71 -30.01
CA GLU A 374 24.96 -18.01 -28.73
C GLU A 374 23.70 -17.22 -28.39
N PHE A 375 23.48 -17.05 -27.10
CA PHE A 375 22.37 -16.26 -26.61
C PHE A 375 22.90 -14.89 -26.29
N ARG A 376 22.59 -13.94 -27.16
CA ARG A 376 23.10 -12.59 -27.08
C ARG A 376 21.97 -11.59 -27.38
N PRO A 377 21.26 -11.15 -26.34
CA PRO A 377 20.14 -10.18 -26.47
C PRO A 377 20.59 -8.88 -27.12
N GLU A 378 21.90 -8.57 -27.03
CA GLU A 378 22.47 -7.36 -27.63
C GLU A 378 22.22 -7.33 -29.13
N ARG A 379 21.96 -8.49 -29.73
CA ARG A 379 21.62 -8.49 -31.15
C ARG A 379 20.45 -7.56 -31.45
N PHE A 380 19.61 -7.31 -30.44
CA PHE A 380 18.33 -6.65 -30.61
C PHE A 380 18.35 -5.23 -30.04
N GLU A 381 19.56 -4.68 -29.85
CA GLU A 381 19.72 -3.37 -29.27
C GLU A 381 19.13 -2.26 -30.14
N ASN A 382 19.26 -2.43 -31.46
CA ASN A 382 18.46 -1.59 -32.39
C ASN A 382 17.70 -2.51 -33.35
N PRO A 383 16.42 -2.74 -33.08
CA PRO A 383 15.69 -3.69 -33.90
C PRO A 383 15.53 -3.26 -35.38
N SER A 384 15.67 -1.97 -35.64
CA SER A 384 15.67 -1.40 -36.98
C SER A 384 16.68 -1.99 -37.82
N ALA A 385 17.83 -2.34 -37.21
CA ALA A 385 18.93 -2.88 -37.95
C ALA A 385 18.61 -4.21 -38.60
N ILE A 386 17.64 -4.95 -38.06
CA ILE A 386 17.36 -6.27 -38.62
C ILE A 386 16.66 -6.22 -40.01
N PRO A 387 17.20 -6.92 -40.99
CA PRO A 387 16.56 -6.86 -42.32
C PRO A 387 15.13 -7.36 -42.32
N GLN A 388 14.35 -6.95 -43.34
CA GLN A 388 12.98 -7.38 -43.43
C GLN A 388 12.95 -8.88 -43.60
N HIS A 389 12.02 -9.52 -42.90
CA HIS A 389 11.73 -10.98 -43.03
C HIS A 389 12.86 -11.92 -42.51
N ALA A 390 13.71 -11.39 -41.65
CA ALA A 390 14.83 -12.12 -41.02
C ALA A 390 14.45 -12.69 -39.67
N PHE A 391 13.49 -12.05 -39.03
CA PHE A 391 13.07 -12.40 -37.67
C PHE A 391 11.56 -12.42 -37.67
N LYS A 392 10.98 -13.62 -37.72
CA LYS A 392 9.53 -13.80 -37.90
C LYS A 392 8.84 -14.74 -36.92
N PRO A 393 9.09 -14.58 -35.64
CA PRO A 393 8.43 -15.49 -34.69
C PRO A 393 6.90 -15.29 -34.59
N PHE A 394 6.38 -14.16 -35.11
CA PHE A 394 4.94 -13.82 -35.06
C PHE A 394 4.32 -13.87 -36.47
N GLY A 395 4.95 -14.58 -37.42
CA GLY A 395 4.36 -14.85 -38.73
C GLY A 395 4.49 -13.61 -39.64
N ASN A 396 3.64 -13.49 -40.68
CA ASN A 396 3.85 -12.51 -41.72
C ASN A 396 2.57 -11.71 -42.16
N GLY A 397 2.76 -10.41 -42.38
CA GLY A 397 1.74 -9.63 -43.07
C GLY A 397 0.41 -9.56 -42.37
N GLN A 398 -0.67 -9.59 -43.15
CA GLN A 398 -2.01 -9.45 -42.55
C GLN A 398 -2.43 -10.67 -41.80
N ARG A 399 -1.69 -11.76 -41.97
CA ARG A 399 -1.92 -12.98 -41.20
C ARG A 399 -0.90 -13.16 -40.09
N ALA A 400 -0.25 -12.09 -39.70
CA ALA A 400 0.70 -12.14 -38.57
C ALA A 400 -0.10 -12.29 -37.27
N CYS A 401 0.62 -12.59 -36.20
CA CYS A 401 0.04 -12.74 -34.86
C CYS A 401 -0.77 -11.49 -34.46
N ILE A 402 -2.07 -11.63 -34.22
CA ILE A 402 -2.86 -10.56 -33.63
C ILE A 402 -2.46 -10.23 -32.22
N GLY A 403 -1.95 -11.23 -31.48
CA GLY A 403 -1.71 -11.01 -30.05
C GLY A 403 -0.31 -10.69 -29.66
N GLN A 404 0.49 -10.21 -30.62
CA GLN A 404 1.96 -10.09 -30.45
C GLN A 404 2.27 -9.18 -29.28
N GLN A 405 1.65 -8.00 -29.30
CA GLN A 405 1.85 -7.01 -28.23
C GLN A 405 1.35 -7.52 -26.87
N PHE A 406 0.25 -8.26 -26.84
CA PHE A 406 -0.24 -8.84 -25.61
C PHE A 406 0.78 -9.85 -25.00
N ALA A 407 1.27 -10.80 -25.82
CA ALA A 407 2.28 -11.75 -25.39
C ALA A 407 3.51 -11.09 -24.88
N LEU A 408 4.05 -10.19 -25.66
CA LEU A 408 5.26 -9.47 -25.23
C LEU A 408 5.08 -8.62 -23.97
N HIS A 409 3.91 -7.99 -23.84
CA HIS A 409 3.69 -7.15 -22.64
C HIS A 409 3.62 -8.01 -21.41
N GLU A 410 2.82 -9.07 -21.50
CA GLU A 410 2.73 -10.05 -20.45
C GLU A 410 4.14 -10.65 -20.08
N ALA A 411 4.84 -11.21 -21.09
CA ALA A 411 6.16 -11.83 -20.84
C ALA A 411 7.13 -10.84 -20.15
N THR A 412 7.08 -9.64 -20.67
CA THR A 412 8.05 -8.61 -20.20
C THR A 412 7.73 -8.27 -18.75
N LEU A 413 6.45 -8.13 -18.45
CA LEU A 413 5.97 -7.81 -17.10
C LEU A 413 6.36 -8.93 -16.17
N VAL A 414 6.06 -10.16 -16.55
CA VAL A 414 6.30 -11.29 -15.69
C VAL A 414 7.79 -11.47 -15.49
N LEU A 415 8.59 -11.43 -16.55
CA LEU A 415 9.99 -11.80 -16.40
C LEU A 415 10.63 -10.70 -15.57
N GLY A 416 10.17 -9.47 -15.80
CA GLY A 416 10.67 -8.34 -14.99
C GLY A 416 10.45 -8.50 -13.51
N MET A 417 9.24 -8.85 -13.12
CA MET A 417 8.95 -9.20 -11.75
C MET A 417 9.76 -10.36 -11.18
N MET A 418 9.92 -11.46 -11.96
CA MET A 418 10.70 -12.59 -11.47
C MET A 418 12.12 -12.17 -11.15
N LEU A 419 12.71 -11.37 -12.04
CA LEU A 419 14.10 -10.91 -11.94
C LEU A 419 14.27 -9.85 -10.80
N LYS A 420 13.25 -9.08 -10.54
CA LYS A 420 13.29 -8.13 -9.41
C LYS A 420 13.29 -8.89 -8.07
N HIS A 421 12.49 -9.95 -8.01
CA HIS A 421 12.08 -10.52 -6.74
C HIS A 421 12.87 -11.72 -6.31
N PHE A 422 13.56 -12.38 -7.24
CA PHE A 422 14.33 -13.57 -6.89
C PHE A 422 15.70 -13.67 -7.53
N ASP A 423 16.54 -14.50 -6.90
CA ASP A 423 17.75 -15.05 -7.51
C ASP A 423 17.44 -16.43 -7.92
N PHE A 424 17.95 -16.81 -9.07
CA PHE A 424 17.67 -18.17 -9.61
C PHE A 424 18.86 -19.12 -9.64
N GLU A 425 18.61 -20.41 -9.44
CA GLU A 425 19.68 -21.34 -9.47
C GLU A 425 19.27 -22.48 -10.37
N ASP A 426 20.14 -22.82 -11.31
CA ASP A 426 19.97 -24.01 -12.15
C ASP A 426 20.59 -25.20 -11.36
N HIS A 427 19.86 -25.67 -10.38
CA HIS A 427 20.41 -26.61 -9.37
C HIS A 427 20.62 -28.00 -9.86
N THR A 428 20.02 -28.34 -11.00
CA THR A 428 20.17 -29.69 -11.53
C THR A 428 21.13 -29.68 -12.68
N ASN A 429 21.66 -28.50 -13.04
CA ASN A 429 22.40 -28.32 -14.30
C ASN A 429 21.60 -28.95 -15.45
N TYR A 430 20.38 -28.46 -15.61
CA TYR A 430 19.39 -28.94 -16.57
C TYR A 430 19.86 -28.97 -18.01
N GLU A 431 19.72 -30.16 -18.61
CA GLU A 431 20.00 -30.40 -20.04
C GLU A 431 18.73 -30.17 -20.89
N LEU A 432 18.82 -29.18 -21.77
CA LEU A 432 17.65 -28.77 -22.62
C LEU A 432 17.03 -29.97 -23.32
N ASP A 433 15.74 -30.14 -23.12
CA ASP A 433 14.97 -31.18 -23.75
C ASP A 433 13.68 -30.57 -24.22
N ILE A 434 13.51 -30.52 -25.55
CA ILE A 434 12.45 -29.68 -26.15
C ILE A 434 11.27 -30.53 -26.55
N LYS A 435 10.16 -30.36 -25.82
CA LYS A 435 8.95 -31.08 -26.08
C LYS A 435 8.14 -30.43 -27.22
N GLU A 436 7.68 -31.28 -28.14
CA GLU A 436 6.89 -30.80 -29.30
C GLU A 436 5.43 -31.16 -29.19
N THR A 437 4.58 -30.14 -29.31
CA THR A 437 3.13 -30.31 -29.35
C THR A 437 2.62 -29.40 -30.49
N LEU A 438 3.27 -29.53 -31.64
CA LEU A 438 3.31 -28.57 -32.72
C LEU A 438 4.08 -27.35 -32.27
N THR A 439 3.66 -26.81 -31.11
CA THR A 439 4.41 -25.73 -30.46
C THR A 439 5.60 -26.34 -29.71
N LEU A 440 6.53 -25.49 -29.32
CA LEU A 440 7.75 -25.94 -28.58
C LEU A 440 7.84 -25.45 -27.14
N LYS A 441 8.37 -26.29 -26.21
CA LYS A 441 8.56 -25.89 -24.84
C LYS A 441 9.61 -26.78 -24.18
N PRO A 442 10.43 -26.22 -23.27
CA PRO A 442 11.31 -27.10 -22.50
C PRO A 442 10.49 -28.07 -21.64
N GLU A 443 10.90 -29.32 -21.67
CA GLU A 443 10.32 -30.30 -20.74
C GLU A 443 11.25 -30.59 -19.57
N GLY A 444 10.69 -30.71 -18.40
CA GLY A 444 11.49 -31.09 -17.16
C GLY A 444 12.36 -29.98 -16.62
N PHE A 445 12.22 -28.78 -17.17
CA PHE A 445 13.07 -27.69 -16.70
C PHE A 445 12.64 -27.30 -15.29
N VAL A 446 13.60 -27.30 -14.36
CA VAL A 446 13.37 -26.95 -12.94
C VAL A 446 14.44 -25.97 -12.47
N VAL A 447 14.11 -25.10 -11.54
CA VAL A 447 15.07 -24.19 -10.96
C VAL A 447 14.74 -24.06 -9.45
N LYS A 448 15.59 -23.41 -8.71
CA LYS A 448 15.19 -22.95 -7.40
C LYS A 448 15.25 -21.43 -7.43
N ALA A 449 14.36 -20.81 -6.68
CA ALA A 449 14.28 -19.36 -6.63
C ALA A 449 14.46 -18.92 -5.18
N LYS A 450 15.51 -18.14 -4.91
CA LYS A 450 15.73 -17.55 -3.57
C LYS A 450 15.26 -16.07 -3.51
N SER A 451 14.26 -15.83 -2.65
CA SER A 451 13.61 -14.57 -2.57
C SER A 451 14.58 -13.55 -2.17
N LYS A 452 14.47 -12.37 -2.78
CA LYS A 452 15.21 -11.22 -2.37
C LYS A 452 14.43 -10.40 -1.30
N LYS A 453 13.41 -11.01 -0.77
CA LYS A 453 12.73 -10.32 0.28
C LYS A 453 12.69 -8.90 -0.15
N ILE A 454 12.92 -8.70 -1.52
CA ILE A 454 13.06 -7.34 -2.21
C ILE A 454 13.61 -6.99 -0.86
N PRO A 455 14.48 -7.70 -0.02
CA PRO A 455 14.86 -7.55 1.54
C PRO A 455 13.79 -7.54 2.84
N LEU A 456 13.87 -8.46 3.82
CA LEU A 456 12.91 -8.50 4.95
C LEU A 456 13.53 -9.01 6.23
N LYS A 457 14.57 -9.81 6.08
CA LYS A 457 15.13 -10.43 7.26
C LYS A 457 15.16 -9.51 8.46
N LYS A 458 14.27 -9.72 9.43
CA LYS A 458 14.17 -8.81 10.58
C LYS A 458 14.12 -9.52 11.90
N VAL A 459 14.93 -9.13 12.88
CA VAL A 459 14.99 -9.90 14.16
C VAL A 459 14.19 -9.52 15.45
N ARG A 460 14.69 -8.62 16.31
CA ARG A 460 14.02 -8.20 17.59
C ARG A 460 13.99 -9.11 18.86
N LYS A 461 13.56 -10.35 18.78
CA LYS A 461 13.41 -11.23 19.97
C LYS A 461 13.49 -10.66 21.39
N LYS A 462 14.69 -10.44 21.91
CA LYS A 462 14.88 -9.85 23.25
C LYS A 462 14.27 -10.52 24.48
N ALA A 463 14.31 -11.83 24.59
CA ALA A 463 13.73 -12.39 25.81
C ALA A 463 14.65 -13.36 26.49
N GLU A 464 15.73 -12.86 27.02
CA GLU A 464 16.67 -13.69 27.74
C GLU A 464 16.32 -14.37 29.03
N ASN A 465 15.66 -13.67 29.92
CA ASN A 465 15.48 -14.24 31.24
C ASN A 465 14.10 -14.33 31.74
N ALA A 466 13.77 -15.39 32.44
CA ALA A 466 12.41 -15.46 32.84
C ALA A 466 12.19 -16.34 34.01
N HIS A 467 11.40 -15.88 34.97
CA HIS A 467 10.98 -16.74 36.04
C HIS A 467 9.64 -16.21 36.51
N ASN A 468 9.73 -16.86 33.70
CA ASN A 468 8.68 -16.04 33.11
C ASN A 468 7.33 -16.25 33.76
N THR A 469 7.14 -15.66 34.94
CA THR A 469 5.89 -15.91 35.66
C THR A 469 4.72 -15.11 35.11
N PRO A 470 3.56 -15.75 35.23
CA PRO A 470 2.28 -15.26 34.70
C PRO A 470 1.73 -14.02 35.39
N LEU A 471 1.81 -12.86 34.74
CA LEU A 471 1.21 -11.67 35.36
C LEU A 471 0.00 -11.16 34.59
N LEU A 472 -1.20 -11.41 35.12
CA LEU A 472 -2.41 -10.93 34.44
C LEU A 472 -2.84 -9.57 34.94
N VAL A 473 -2.95 -8.61 34.03
CA VAL A 473 -3.41 -7.28 34.45
C VAL A 473 -4.78 -6.97 33.86
N LEU A 474 -5.74 -6.73 34.75
CA LEU A 474 -7.12 -6.43 34.43
C LEU A 474 -7.44 -4.96 34.72
N TYR A 475 -8.25 -4.36 33.84
CA TYR A 475 -8.64 -2.98 34.11
C TYR A 475 -10.15 -2.81 34.09
N GLY A 476 -10.58 -1.79 34.82
CA GLY A 476 -11.90 -1.21 34.81
C GLY A 476 -11.72 0.25 34.36
N SER A 477 -12.09 0.56 33.14
CA SER A 477 -11.86 1.92 32.65
C SER A 477 -12.98 2.38 31.73
N ASN A 478 -13.34 3.66 31.86
CA ASN A 478 -14.27 4.32 30.95
C ASN A 478 -13.51 5.31 30.07
N MET A 479 -12.64 6.12 30.66
CA MET A 479 -11.87 7.07 29.85
C MET A 479 -10.39 6.74 29.68
N GLY A 480 -9.91 5.52 29.93
CA GLY A 480 -8.57 5.10 29.60
C GLY A 480 -7.43 5.37 30.54
N THR A 481 -7.64 6.11 31.61
CA THR A 481 -6.58 6.35 32.59
C THR A 481 -6.12 5.03 33.22
N ALA A 482 -7.08 4.29 33.77
CA ALA A 482 -6.85 2.97 34.34
C ALA A 482 -6.39 1.97 33.28
N GLU A 483 -6.96 2.05 32.07
CA GLU A 483 -6.51 1.14 31.02
C GLU A 483 -5.07 1.43 30.60
N GLY A 484 -4.62 2.68 30.53
CA GLY A 484 -3.23 2.92 30.15
C GLY A 484 -2.26 2.52 31.24
N THR A 485 -2.67 2.74 32.49
CA THR A 485 -1.88 2.36 33.66
C THR A 485 -1.66 0.86 33.67
N ALA A 486 -2.71 0.10 33.40
CA ALA A 486 -2.70 -1.34 33.28
C ALA A 486 -1.72 -1.83 32.20
N ARG A 487 -1.79 -1.21 31.03
CA ARG A 487 -0.94 -1.58 29.90
C ARG A 487 0.50 -1.16 30.15
N ASP A 488 0.66 -0.08 30.91
CA ASP A 488 2.01 0.36 31.30
C ASP A 488 2.61 -0.71 32.21
N LEU A 489 1.83 -1.15 33.20
CA LEU A 489 2.29 -2.21 34.09
C LEU A 489 2.69 -3.43 33.29
N ALA A 490 1.78 -3.89 32.42
CA ALA A 490 2.12 -5.04 31.59
C ALA A 490 3.37 -4.81 30.75
N ASP A 491 3.71 -3.55 30.47
CA ASP A 491 4.91 -3.27 29.69
C ASP A 491 6.15 -3.38 30.57
N ILE A 492 6.02 -2.97 31.83
CA ILE A 492 7.19 -3.10 32.71
C ILE A 492 7.32 -4.55 33.18
N ALA A 493 6.24 -5.30 33.18
CA ALA A 493 6.36 -6.71 33.57
C ALA A 493 7.22 -7.48 32.55
N MET A 494 6.97 -7.24 31.28
CA MET A 494 7.68 -7.82 30.15
C MET A 494 9.19 -7.61 30.27
N SER A 495 9.52 -6.44 30.81
CA SER A 495 10.89 -6.04 31.09
C SER A 495 11.42 -6.76 32.33
N LYS A 496 10.50 -7.33 33.11
CA LYS A 496 10.91 -8.03 34.34
C LYS A 496 10.65 -9.53 34.20
N GLY A 497 10.57 -9.96 32.95
CA GLY A 497 10.51 -11.32 32.51
C GLY A 497 9.18 -12.02 32.67
N PHE A 498 8.15 -11.33 33.16
CA PHE A 498 6.85 -11.97 33.32
C PHE A 498 6.29 -12.40 31.97
N ALA A 499 5.12 -13.02 32.02
CA ALA A 499 4.29 -13.38 30.89
C ALA A 499 2.93 -12.70 31.05
N PRO A 500 2.93 -11.38 30.92
CA PRO A 500 1.75 -10.57 31.26
C PRO A 500 0.65 -10.68 30.21
N GLN A 501 -0.56 -10.46 30.67
CA GLN A 501 -1.78 -10.46 29.88
C GLN A 501 -2.67 -9.31 30.31
N VAL A 502 -3.17 -8.54 29.35
CA VAL A 502 -4.01 -7.41 29.69
C VAL A 502 -5.43 -7.59 29.14
N ALA A 503 -6.39 -7.32 30.02
CA ALA A 503 -7.80 -7.45 29.69
C ALA A 503 -8.66 -6.64 30.65
N THR A 504 -9.90 -6.39 30.26
CA THR A 504 -10.85 -5.70 31.14
C THR A 504 -11.15 -6.54 32.38
N LEU A 505 -11.73 -5.90 33.39
CA LEU A 505 -12.07 -6.64 34.60
C LEU A 505 -13.23 -7.60 34.36
N ASP A 506 -14.33 -7.11 33.80
CA ASP A 506 -15.53 -7.97 33.78
C ASP A 506 -15.50 -8.93 32.60
N SER A 507 -14.32 -9.41 32.24
CA SER A 507 -14.12 -10.38 31.17
C SER A 507 -13.39 -11.62 31.70
N HIS A 508 -12.87 -11.47 32.91
CA HIS A 508 -12.26 -12.55 33.68
C HIS A 508 -13.10 -12.74 34.96
N ALA A 509 -14.37 -12.33 34.86
CA ALA A 509 -15.32 -12.49 35.95
C ALA A 509 -15.50 -13.96 36.29
N GLY A 510 -14.77 -14.44 37.31
CA GLY A 510 -14.88 -15.84 37.71
C GLY A 510 -13.62 -16.59 37.33
N ASN A 511 -12.91 -16.07 36.35
CA ASN A 511 -11.70 -16.64 35.78
C ASN A 511 -10.44 -15.97 36.31
N LEU A 512 -10.40 -15.69 37.61
CA LEU A 512 -9.19 -15.18 38.24
C LEU A 512 -8.10 -16.25 38.20
N PRO A 513 -6.88 -15.84 37.90
CA PRO A 513 -5.77 -16.78 37.75
C PRO A 513 -5.40 -17.45 39.06
N ARG A 514 -5.46 -18.77 39.06
CA ARG A 514 -5.09 -19.54 40.25
C ARG A 514 -3.59 -19.76 40.29
N GLU A 515 -2.85 -18.94 39.54
CA GLU A 515 -1.40 -19.02 39.53
C GLU A 515 -0.77 -17.76 38.95
N GLY A 516 0.36 -17.41 39.57
CA GLY A 516 1.10 -16.19 39.37
C GLY A 516 0.56 -15.10 40.27
N ALA A 517 -0.13 -14.16 39.64
CA ALA A 517 -0.68 -13.00 40.34
C ALA A 517 -1.54 -12.19 39.39
N VAL A 518 -2.45 -11.39 39.94
CA VAL A 518 -3.35 -10.59 39.10
C VAL A 518 -3.39 -9.16 39.61
N LEU A 519 -2.82 -8.25 38.81
CA LEU A 519 -2.90 -6.82 39.12
C LEU A 519 -4.23 -6.26 38.64
N ILE A 520 -4.90 -5.54 39.53
CA ILE A 520 -6.22 -5.01 39.21
C ILE A 520 -6.21 -3.49 39.36
N VAL A 521 -6.30 -2.86 38.20
CA VAL A 521 -6.29 -1.42 38.00
C VAL A 521 -7.66 -0.92 37.58
N THR A 522 -8.27 -0.09 38.43
CA THR A 522 -9.63 0.34 38.18
C THR A 522 -9.94 1.72 38.75
N ALA A 523 -10.84 2.37 38.02
CA ALA A 523 -11.43 3.64 38.40
C ALA A 523 -12.74 3.41 39.13
N SER A 524 -13.38 4.53 39.48
CA SER A 524 -14.69 4.56 40.08
C SER A 524 -15.53 5.63 39.38
N TYR A 525 -16.83 5.39 39.21
CA TYR A 525 -17.68 6.44 38.65
C TYR A 525 -18.87 6.68 39.57
N ASN A 526 -18.83 7.80 40.28
CA ASN A 526 -19.85 8.12 41.26
C ASN A 526 -20.11 6.94 42.19
N GLY A 527 -19.05 6.21 42.56
CA GLY A 527 -19.19 5.08 43.48
C GLY A 527 -19.43 3.76 42.79
N HIS A 528 -19.45 3.78 41.46
CA HIS A 528 -19.77 2.59 40.69
C HIS A 528 -18.65 2.17 39.76
N PRO A 529 -18.69 0.90 39.33
CA PRO A 529 -17.63 0.38 38.47
C PRO A 529 -17.80 0.94 37.06
N PRO A 530 -16.68 1.08 36.37
CA PRO A 530 -16.72 1.46 34.95
C PRO A 530 -17.47 0.43 34.14
N ASP A 531 -17.90 0.84 32.97
CA ASP A 531 -18.72 -0.02 32.10
C ASP A 531 -18.09 -1.36 31.83
N ASN A 532 -16.76 -1.44 31.77
CA ASN A 532 -16.16 -2.77 31.51
C ASN A 532 -15.77 -3.48 32.80
N ALA A 533 -16.34 -3.10 33.94
CA ALA A 533 -15.97 -3.75 35.19
C ALA A 533 -17.18 -4.21 36.01
N LYS A 534 -18.37 -3.82 35.62
CA LYS A 534 -19.62 -4.07 36.32
C LYS A 534 -19.90 -5.55 36.52
N GLN A 535 -19.71 -6.36 35.49
CA GLN A 535 -19.93 -7.81 35.53
C GLN A 535 -18.99 -8.47 36.53
N PHE A 536 -17.78 -7.91 36.63
CA PHE A 536 -16.79 -8.46 37.53
C PHE A 536 -17.24 -8.28 38.99
N VAL A 537 -17.47 -7.03 39.35
CA VAL A 537 -17.86 -6.65 40.71
C VAL A 537 -19.15 -7.34 41.12
N ASP A 538 -20.16 -7.32 40.26
CA ASP A 538 -21.41 -7.99 40.62
C ASP A 538 -21.12 -9.46 40.92
N TRP A 539 -20.40 -10.09 40.00
CA TRP A 539 -19.93 -11.45 40.23
C TRP A 539 -19.22 -11.53 41.58
N LEU A 540 -18.43 -10.50 41.89
CA LEU A 540 -17.68 -10.49 43.14
C LEU A 540 -18.57 -10.27 44.35
N ASP A 541 -19.49 -9.33 44.25
CA ASP A 541 -20.38 -8.96 45.35
C ASP A 541 -21.25 -10.14 45.79
N GLN A 542 -22.34 -10.35 45.04
CA GLN A 542 -23.19 -11.49 45.40
C GLN A 542 -22.39 -12.78 45.35
N ALA A 543 -22.06 -13.23 44.14
CA ALA A 543 -21.32 -14.49 44.00
C ALA A 543 -20.04 -14.47 44.84
N SER A 544 -19.93 -15.43 45.75
CA SER A 544 -18.74 -15.62 46.58
C SER A 544 -18.44 -17.11 46.71
N ALA A 545 -19.44 -17.91 46.37
CA ALA A 545 -19.41 -19.36 46.40
C ALA A 545 -18.15 -19.91 45.71
N ASP A 546 -17.96 -19.48 44.46
CA ASP A 546 -16.78 -19.86 43.70
C ASP A 546 -15.57 -19.10 44.22
N GLU A 547 -15.21 -19.38 45.46
CA GLU A 547 -14.18 -18.75 46.25
C GLU A 547 -12.99 -18.31 45.41
N VAL A 548 -12.26 -17.33 45.93
CA VAL A 548 -11.13 -16.72 45.25
C VAL A 548 -9.81 -17.19 45.83
N LYS A 549 -9.83 -18.43 46.32
CA LYS A 549 -8.63 -19.05 46.89
C LYS A 549 -7.65 -19.46 45.80
N GLY A 550 -6.40 -19.14 46.04
CA GLY A 550 -5.28 -19.41 45.14
C GLY A 550 -4.84 -18.14 44.42
N VAL A 551 -5.79 -17.24 44.21
CA VAL A 551 -5.62 -15.99 43.49
C VAL A 551 -4.78 -14.99 44.26
N ARG A 552 -3.51 -14.88 43.88
CA ARG A 552 -2.62 -13.90 44.54
C ARG A 552 -2.65 -12.61 43.74
N TYR A 553 -3.27 -11.57 44.29
CA TYR A 553 -3.47 -10.31 43.58
C TYR A 553 -2.90 -9.09 44.30
N SER A 554 -3.28 -7.95 43.77
CA SER A 554 -2.93 -6.60 44.22
C SER A 554 -3.82 -5.60 43.50
N VAL A 555 -4.16 -4.48 44.12
CA VAL A 555 -5.09 -3.54 43.50
C VAL A 555 -4.54 -2.13 43.41
N PHE A 556 -4.64 -1.53 42.23
CA PHE A 556 -4.29 -0.12 42.09
C PHE A 556 -5.53 0.70 41.73
N GLY A 557 -5.75 1.75 42.50
CA GLY A 557 -6.89 2.63 42.41
C GLY A 557 -6.64 3.93 41.69
N CYS A 558 -7.50 4.14 40.68
CA CYS A 558 -7.60 5.40 39.97
C CYS A 558 -8.87 6.13 40.42
N GLY A 559 -8.66 7.26 41.07
CA GLY A 559 -9.74 8.08 41.62
C GLY A 559 -9.44 9.55 41.56
N ASP A 560 -10.43 10.33 41.96
CA ASP A 560 -10.31 11.78 42.04
C ASP A 560 -10.88 12.26 43.37
N LYS A 561 -10.10 13.03 44.11
CA LYS A 561 -10.52 13.54 45.41
C LYS A 561 -11.75 14.43 45.28
N ASN A 562 -11.98 14.96 44.09
CA ASN A 562 -13.13 15.78 43.74
C ASN A 562 -14.46 15.05 43.91
N TRP A 563 -14.43 13.75 44.12
CA TRP A 563 -15.53 12.87 44.39
C TRP A 563 -15.52 12.34 45.82
N ALA A 564 -15.85 13.26 46.69
CA ALA A 564 -16.08 13.33 48.10
C ALA A 564 -16.10 11.99 48.84
N THR A 565 -17.31 11.48 48.97
CA THR A 565 -17.75 10.29 49.66
C THR A 565 -17.52 9.02 48.87
N THR A 566 -17.15 9.16 47.59
CA THR A 566 -17.00 7.95 46.80
C THR A 566 -15.54 7.66 46.48
N TYR A 567 -14.63 8.44 47.04
CA TYR A 567 -13.21 8.30 46.71
C TYR A 567 -12.72 6.86 46.81
N GLN A 568 -12.27 6.34 45.68
CA GLN A 568 -11.69 5.02 45.48
C GLN A 568 -12.58 3.87 45.93
N LYS A 569 -13.88 4.09 45.94
CA LYS A 569 -14.83 3.09 46.43
C LYS A 569 -14.76 1.78 45.65
N VAL A 570 -14.56 1.82 44.33
CA VAL A 570 -14.56 0.53 43.63
C VAL A 570 -13.27 -0.25 43.87
N PRO A 571 -12.09 0.33 43.69
CA PRO A 571 -10.86 -0.40 44.02
C PRO A 571 -10.89 -0.96 45.45
N ALA A 572 -11.37 -0.14 46.38
CA ALA A 572 -11.48 -0.56 47.77
C ALA A 572 -12.41 -1.75 47.90
N PHE A 573 -13.59 -1.65 47.31
CA PHE A 573 -14.54 -2.75 47.32
C PHE A 573 -13.91 -4.06 46.87
N ILE A 574 -13.32 -4.02 45.68
CA ILE A 574 -12.69 -5.19 45.07
C ILE A 574 -11.58 -5.76 45.94
N ASP A 575 -10.73 -4.87 46.44
CA ASP A 575 -9.58 -5.24 47.26
C ASP A 575 -9.96 -6.03 48.51
N GLU A 576 -10.82 -5.41 49.30
CA GLU A 576 -11.26 -5.97 50.57
C GLU A 576 -12.28 -7.09 50.34
N THR A 577 -13.06 -7.00 49.26
CA THR A 577 -14.00 -8.10 49.03
C THR A 577 -13.24 -9.36 48.64
N LEU A 578 -12.21 -9.16 47.82
CA LEU A 578 -11.37 -10.26 47.36
C LEU A 578 -10.75 -10.99 48.54
N ALA A 579 -10.54 -10.23 49.62
CA ALA A 579 -9.90 -10.78 50.79
C ALA A 579 -10.87 -11.48 51.74
N ALA A 580 -12.11 -10.99 51.79
CA ALA A 580 -13.12 -11.67 52.59
C ALA A 580 -13.72 -12.83 51.78
N LYS A 581 -12.90 -13.51 51.01
CA LYS A 581 -13.21 -14.62 50.10
C LYS A 581 -11.99 -15.51 49.87
N GLY A 582 -10.90 -15.22 50.60
CA GLY A 582 -9.66 -16.03 50.57
C GLY A 582 -8.50 -15.38 49.83
N ALA A 583 -7.92 -14.30 50.37
CA ALA A 583 -6.97 -13.50 49.62
C ALA A 583 -5.50 -13.93 49.74
N GLU A 584 -4.84 -13.82 48.60
CA GLU A 584 -3.37 -13.90 48.54
C GLU A 584 -2.83 -12.52 48.18
N ASN A 585 -3.41 -11.53 48.86
CA ASN A 585 -2.97 -10.15 48.69
C ASN A 585 -1.46 -10.03 48.93
N ILE A 586 -0.68 -10.10 47.85
CA ILE A 586 0.77 -10.05 47.88
C ILE A 586 1.32 -8.63 48.01
N ALA A 587 0.50 -7.64 47.69
CA ALA A 587 0.94 -6.24 47.70
C ALA A 587 -0.20 -5.29 48.02
N ASP A 588 -0.01 -4.47 49.05
CA ASP A 588 -1.13 -3.63 49.49
C ASP A 588 -1.56 -2.70 48.37
N ARG A 589 -2.87 -2.44 48.32
CA ARG A 589 -3.49 -1.59 47.34
C ARG A 589 -2.71 -0.29 47.20
N GLY A 590 -2.89 0.38 46.07
CA GLY A 590 -2.31 1.68 45.74
C GLY A 590 -3.35 2.63 45.17
N GLU A 591 -3.23 3.92 45.48
CA GLU A 591 -4.23 4.89 45.07
C GLU A 591 -3.63 6.01 44.22
N ALA A 592 -4.40 6.54 43.27
CA ALA A 592 -3.96 7.70 42.51
C ALA A 592 -5.04 8.78 42.57
N ASP A 593 -4.63 9.97 43.03
CA ASP A 593 -5.52 11.12 43.01
C ASP A 593 -5.19 12.00 41.81
N ALA A 594 -6.10 12.01 40.85
CA ALA A 594 -5.97 12.79 39.63
C ALA A 594 -5.88 14.28 39.95
N SER A 595 -6.46 14.67 41.08
CA SER A 595 -6.49 16.05 41.55
C SER A 595 -5.20 16.47 42.24
N ASP A 596 -4.19 15.58 42.30
CA ASP A 596 -2.91 15.97 42.87
C ASP A 596 -1.75 15.28 42.15
N ASP A 597 -1.18 14.29 42.83
CA ASP A 597 0.08 13.69 42.39
C ASP A 597 -0.11 12.22 42.04
N PHE A 598 -0.88 11.98 40.97
CA PHE A 598 -1.18 10.61 40.58
C PHE A 598 0.07 9.84 40.20
N GLU A 599 1.13 10.46 39.68
CA GLU A 599 2.29 9.67 39.26
C GLU A 599 3.21 9.36 40.43
N GLY A 600 3.16 10.22 41.46
CA GLY A 600 3.90 9.94 42.68
C GLY A 600 3.39 8.63 43.28
N THR A 601 2.12 8.63 43.67
CA THR A 601 1.52 7.44 44.27
C THR A 601 1.61 6.24 43.35
N TYR A 602 1.41 6.47 42.05
CA TYR A 602 1.48 5.32 41.15
C TYR A 602 2.89 4.76 41.19
N GLU A 603 3.86 5.67 41.26
CA GLU A 603 5.26 5.29 41.37
C GLU A 603 5.56 4.59 42.69
N GLU A 604 5.10 5.14 43.81
CA GLU A 604 5.31 4.48 45.10
C GLU A 604 4.79 3.04 45.06
N TRP A 605 3.50 2.87 44.77
CA TRP A 605 2.86 1.56 44.75
C TRP A 605 3.55 0.54 43.85
N ARG A 606 4.05 1.00 42.70
CA ARG A 606 4.72 0.19 41.70
C ARG A 606 6.03 -0.41 42.19
N GLU A 607 6.93 0.46 42.64
CA GLU A 607 8.23 -0.04 43.11
C GLU A 607 8.06 -1.00 44.28
N HIS A 608 7.29 -0.56 45.28
CA HIS A 608 6.96 -1.45 46.39
C HIS A 608 6.34 -2.73 45.86
N MET A 609 5.52 -2.59 44.83
CA MET A 609 4.79 -3.72 44.29
C MET A 609 5.69 -4.78 43.69
N TRP A 610 6.57 -4.43 42.78
CA TRP A 610 7.42 -5.41 42.12
C TRP A 610 8.18 -6.26 43.13
N SER A 611 8.67 -5.59 44.17
CA SER A 611 9.44 -6.23 45.23
C SER A 611 8.58 -7.18 46.04
N ASP A 612 7.37 -6.76 46.40
CA ASP A 612 6.48 -7.63 47.16
C ASP A 612 6.31 -8.97 46.44
N VAL A 613 6.05 -8.90 45.15
CA VAL A 613 5.87 -10.08 44.31
C VAL A 613 7.21 -10.75 44.01
N ALA A 614 8.29 -9.96 44.01
CA ALA A 614 9.63 -10.49 43.79
C ALA A 614 9.95 -11.56 44.82
N ALA A 615 10.24 -11.04 46.02
CA ALA A 615 10.45 -11.85 47.20
C ALA A 615 9.45 -13.00 47.30
N TYR A 616 8.17 -12.69 47.04
CA TYR A 616 7.14 -13.72 47.14
C TYR A 616 7.54 -14.97 46.33
N PHE A 617 7.75 -14.82 45.03
CA PHE A 617 8.07 -15.91 44.12
C PHE A 617 9.58 -15.94 43.82
N ASN A 618 9.89 -15.16 42.80
CA ASN A 618 11.26 -15.04 42.42
C ASN A 618 11.43 -13.64 41.96
N LEU A 619 12.66 -13.26 41.58
CA LEU A 619 12.91 -11.89 41.13
C LEU A 619 13.74 -11.80 39.84
N ASP A 620 13.07 -11.75 38.69
CA ASP A 620 13.72 -11.66 37.36
C ASP A 620 14.58 -10.45 36.91
N ILE A 621 14.33 -9.24 37.33
CA ILE A 621 15.07 -8.13 36.77
C ILE A 621 15.83 -7.57 37.83
N GLU A 622 16.99 -7.16 37.40
CA GLU A 622 17.77 -6.55 38.36
C GLU A 622 17.77 -5.23 37.77
N ASN A 623 16.89 -4.46 38.33
CA ASN A 623 16.85 -3.07 37.95
C ASN A 623 16.34 -2.68 36.62
N SER A 624 15.50 -3.55 36.08
CA SER A 624 14.89 -3.31 34.79
C SER A 624 15.99 -3.49 33.87
N GLU A 625 17.15 -3.12 34.36
CA GLU A 625 18.27 -3.38 33.50
C GLU A 625 18.09 -2.59 32.21
N ASP A 626 16.94 -1.90 32.16
CA ASP A 626 16.51 -1.18 30.96
C ASP A 626 16.02 -2.25 30.04
N ASN A 627 15.37 -1.82 28.98
CA ASN A 627 14.67 -2.69 28.09
C ASN A 627 13.76 -1.60 28.35
N LYS A 628 13.30 -1.57 29.60
CA LYS A 628 12.56 -0.44 29.97
C LYS A 628 12.66 0.65 28.98
N SER A 629 13.84 1.07 28.59
CA SER A 629 13.83 2.11 27.59
C SER A 629 14.01 1.62 26.19
N THR A 630 12.95 1.40 25.45
CA THR A 630 13.16 1.02 24.08
C THR A 630 12.55 2.10 23.30
N LEU A 631 13.39 2.94 22.77
CA LEU A 631 12.83 4.05 22.14
C LEU A 631 12.76 3.69 20.73
N SER A 632 11.83 4.30 20.05
CA SER A 632 11.77 4.08 18.62
C SER A 632 11.47 5.37 17.86
N LEU A 633 12.43 5.92 17.12
CA LEU A 633 12.22 7.22 16.47
C LEU A 633 13.00 7.48 15.17
N GLN A 634 12.51 8.46 14.39
CA GLN A 634 13.05 8.71 13.06
C GLN A 634 13.03 10.15 12.55
N PHE A 635 13.87 10.50 11.60
CA PHE A 635 13.76 11.82 11.01
C PHE A 635 14.48 11.76 9.75
N VAL A 636 13.80 11.08 8.86
CA VAL A 636 14.31 11.05 7.59
C VAL A 636 14.00 12.44 7.29
N ASP A 637 14.90 13.32 7.54
CA ASP A 637 14.58 14.61 7.14
C ASP A 637 14.68 14.29 5.67
N SER A 638 13.57 14.24 4.92
CA SER A 638 13.59 13.81 3.49
C SER A 638 12.93 14.77 2.50
N ALA A 639 13.30 14.70 1.22
CA ALA A 639 12.74 15.60 0.19
C ALA A 639 11.71 14.95 -0.64
N ALA A 640 10.79 15.74 -1.17
CA ALA A 640 9.86 15.12 -2.05
C ALA A 640 10.70 14.55 -3.06
N ASP A 641 10.41 13.32 -3.42
CA ASP A 641 11.16 12.89 -4.56
C ASP A 641 10.20 13.07 -5.68
N MET A 642 9.83 14.31 -5.93
CA MET A 642 8.89 14.59 -6.98
C MET A 642 9.21 13.79 -8.19
N PRO A 643 8.20 13.62 -9.01
CA PRO A 643 8.48 12.73 -10.11
C PRO A 643 9.60 13.24 -10.92
N LEU A 644 9.58 14.44 -11.33
CA LEU A 644 10.64 14.80 -12.18
C LEU A 644 11.97 14.39 -11.54
N ALA A 645 12.19 14.71 -10.26
CA ALA A 645 13.46 14.30 -9.67
C ALA A 645 13.77 12.84 -10.01
N LYS A 646 12.77 11.95 -9.96
CA LYS A 646 12.95 10.55 -10.35
C LYS A 646 13.23 10.37 -11.85
N MET A 647 12.54 11.13 -12.71
CA MET A 647 12.74 11.06 -14.16
C MET A 647 14.19 11.40 -14.57
N HIS A 648 14.81 12.34 -13.87
CA HIS A 648 16.19 12.76 -14.13
C HIS A 648 17.25 12.04 -13.28
N GLY A 649 16.85 11.09 -12.42
CA GLY A 649 17.77 10.48 -11.45
C GLY A 649 18.38 11.50 -10.48
N ALA A 650 17.66 12.58 -10.18
CA ALA A 650 18.13 13.68 -9.36
C ALA A 650 18.28 13.25 -7.90
N PHE A 651 18.91 13.11 -7.34
CA PHE A 651 19.23 12.89 -5.95
C PHE A 651 19.22 14.21 -5.19
N SER A 652 19.12 14.09 -3.87
CA SER A 652 19.03 15.23 -2.96
C SER A 652 20.39 15.37 -2.30
N THR A 653 20.83 16.59 -2.08
CA THR A 653 22.20 16.76 -1.63
C THR A 653 22.42 18.17 -1.12
N ASN A 654 23.59 18.43 -0.56
CA ASN A 654 23.82 19.71 0.08
C ASN A 654 24.69 20.72 -0.68
N VAL A 655 24.31 21.98 -0.54
CA VAL A 655 25.09 23.11 -0.98
C VAL A 655 26.28 23.38 -0.05
N VAL A 656 27.52 23.33 -0.56
CA VAL A 656 28.66 23.58 0.30
C VAL A 656 29.18 24.98 0.17
N ALA A 657 28.82 25.69 -0.87
CA ALA A 657 29.22 27.09 -0.95
C ALA A 657 28.30 27.88 -1.88
N SER A 658 28.19 29.17 -1.66
CA SER A 658 27.29 29.94 -2.47
C SER A 658 27.73 31.35 -2.31
N LYS A 659 28.12 32.01 -3.39
CA LYS A 659 28.65 33.32 -3.23
C LYS A 659 28.49 34.12 -4.47
N GLU A 660 28.71 35.40 -4.38
CA GLU A 660 28.48 36.31 -5.47
C GLU A 660 29.79 36.41 -6.25
N LEU A 661 29.69 36.48 -7.59
CA LEU A 661 30.86 36.63 -8.43
C LEU A 661 31.05 38.01 -8.98
N GLN A 662 30.02 38.82 -9.11
CA GLN A 662 30.20 40.15 -9.61
C GLN A 662 30.69 41.07 -8.47
N GLN A 663 31.10 42.27 -8.85
CA GLN A 663 31.66 43.22 -7.91
C GLN A 663 30.58 43.97 -7.11
N PRO A 664 30.97 44.46 -5.89
CA PRO A 664 30.03 45.29 -5.12
C PRO A 664 29.56 46.41 -6.01
N GLY A 665 28.25 46.65 -6.00
CA GLY A 665 27.71 47.70 -6.84
C GLY A 665 27.44 47.38 -8.30
N SER A 666 27.69 46.14 -8.72
CA SER A 666 27.19 45.74 -10.04
C SER A 666 25.67 45.73 -9.95
N ALA A 667 25.00 46.21 -11.00
CA ALA A 667 23.53 46.08 -11.06
C ALA A 667 23.04 44.60 -11.33
N ARG A 668 23.96 43.64 -11.44
CA ARG A 668 23.63 42.29 -11.89
C ARG A 668 24.37 41.36 -11.04
N SER A 669 23.96 40.11 -11.10
CA SER A 669 24.44 39.08 -10.25
C SER A 669 24.73 37.81 -11.03
N THR A 670 25.79 37.13 -10.61
CA THR A 670 26.19 35.85 -11.19
C THR A 670 26.65 35.10 -10.01
N ARG A 671 26.20 33.90 -9.80
CA ARG A 671 26.45 33.15 -8.62
C ARG A 671 27.37 31.97 -8.86
N HIS A 672 28.08 31.54 -7.83
CA HIS A 672 28.91 30.40 -7.87
C HIS A 672 28.47 29.53 -6.76
N LEU A 673 28.11 28.30 -7.05
CA LEU A 673 27.67 27.38 -6.09
C LEU A 673 28.47 26.17 -6.16
N GLU A 674 28.78 25.61 -5.02
CA GLU A 674 29.50 24.35 -4.94
C GLU A 674 28.52 23.38 -4.33
N ILE A 675 28.47 22.19 -4.88
CA ILE A 675 27.50 21.17 -4.52
C ILE A 675 28.20 19.86 -4.26
N GLU A 676 27.69 19.08 -3.31
CA GLU A 676 28.30 17.84 -2.92
C GLU A 676 27.58 16.81 -3.69
N LEU A 677 28.27 15.73 -4.03
CA LEU A 677 27.65 14.65 -4.74
C LEU A 677 27.74 13.40 -3.91
N PRO A 678 26.70 12.58 -3.96
CA PRO A 678 26.68 11.29 -3.29
C PRO A 678 27.59 10.26 -3.97
N LYS A 679 27.96 9.18 -3.25
CA LYS A 679 28.82 8.08 -3.80
C LYS A 679 28.43 7.65 -5.24
N GLU A 680 27.14 7.36 -5.43
CA GLU A 680 26.59 6.90 -6.74
C GLU A 680 26.75 7.86 -7.96
N ALA A 681 26.89 9.16 -7.72
CA ALA A 681 27.02 10.12 -8.83
C ALA A 681 28.47 10.33 -9.18
N SER A 682 28.71 10.68 -10.43
CA SER A 682 30.01 11.07 -10.88
C SER A 682 29.85 11.95 -12.11
N TYR A 683 30.91 12.70 -12.43
CA TYR A 683 30.87 13.59 -13.54
C TYR A 683 32.18 13.78 -14.26
N GLN A 684 32.11 14.45 -15.41
CA GLN A 684 33.24 14.70 -16.27
C GLN A 684 33.19 16.16 -16.67
N GLU A 685 34.34 16.75 -17.04
CA GLU A 685 34.33 18.09 -17.69
C GLU A 685 33.31 18.08 -18.88
N GLY A 686 32.70 19.27 -19.05
CA GLY A 686 31.61 19.52 -19.98
C GLY A 686 30.29 18.83 -19.67
N ASP A 687 30.15 18.21 -18.49
CA ASP A 687 28.81 17.67 -18.09
C ASP A 687 27.97 18.83 -17.53
N HIS A 688 26.65 18.64 -17.51
CA HIS A 688 25.71 19.62 -16.95
C HIS A 688 25.10 19.12 -15.68
N LEU A 689 24.85 20.07 -14.77
CA LEU A 689 23.99 19.84 -13.61
C LEU A 689 22.53 20.15 -13.92
N GLY A 690 21.69 19.16 -13.75
CA GLY A 690 20.24 19.35 -13.94
C GLY A 690 19.70 19.81 -12.63
N VAL A 691 19.08 20.99 -12.56
CA VAL A 691 18.54 21.46 -11.28
C VAL A 691 17.00 21.52 -11.31
N ILE A 692 16.34 20.82 -10.38
CA ILE A 692 14.89 20.93 -10.16
C ILE A 692 14.63 22.09 -9.21
N PRO A 693 14.10 23.17 -9.72
CA PRO A 693 14.04 24.32 -8.89
C PRO A 693 12.74 24.41 -8.14
N ARG A 694 12.69 25.34 -7.19
CA ARG A 694 11.49 25.74 -6.51
C ARG A 694 11.06 27.13 -6.93
N ASN A 695 9.75 27.35 -6.90
CA ASN A 695 9.19 28.63 -7.18
C ASN A 695 9.40 29.53 -6.01
N TYR A 696 9.80 30.77 -6.23
CA TYR A 696 10.12 31.66 -5.11
C TYR A 696 8.82 32.19 -4.36
N GLU A 697 9.00 32.74 -3.18
CA GLU A 697 7.92 33.12 -2.32
C GLU A 697 7.02 34.15 -2.95
N GLY A 698 7.62 35.22 -3.50
CA GLY A 698 6.86 36.25 -4.19
C GLY A 698 5.82 35.68 -5.15
N ILE A 699 6.20 34.73 -5.97
CA ILE A 699 5.30 34.29 -7.02
C ILE A 699 4.29 33.29 -6.41
N VAL A 700 4.67 32.52 -5.38
CA VAL A 700 3.74 31.62 -4.72
C VAL A 700 2.63 32.52 -4.03
N ASN A 701 3.05 33.52 -3.28
CA ASN A 701 2.12 34.46 -2.65
C ASN A 701 1.21 35.15 -3.66
N ARG A 702 1.68 35.45 -4.87
CA ARG A 702 0.77 36.08 -5.84
C ARG A 702 -0.41 35.14 -6.17
N VAL A 703 -0.15 33.85 -6.19
CA VAL A 703 -1.17 32.87 -6.50
C VAL A 703 -2.15 32.69 -5.32
N THR A 704 -1.63 32.50 -4.12
CA THR A 704 -2.50 32.29 -2.97
C THR A 704 -3.33 33.58 -2.69
N ALA A 705 -2.79 34.74 -3.00
CA ALA A 705 -3.50 35.98 -2.86
C ALA A 705 -4.60 36.05 -3.90
N ARG A 706 -4.36 35.56 -5.11
CA ARG A 706 -5.35 35.73 -6.17
C ARG A 706 -6.55 34.83 -5.90
N PHE A 707 -6.27 33.69 -5.27
CA PHE A 707 -7.30 32.71 -4.92
C PHE A 707 -7.83 32.84 -3.47
N GLY A 708 -7.31 33.81 -2.73
CA GLY A 708 -7.67 34.03 -1.35
C GLY A 708 -7.32 32.86 -0.43
N LEU A 709 -6.20 32.18 -0.63
CA LEU A 709 -5.88 30.97 0.08
C LEU A 709 -4.76 31.18 1.03
N ASP A 710 -4.71 30.36 2.06
CA ASP A 710 -3.58 30.33 2.94
C ASP A 710 -2.55 29.31 2.38
N ALA A 711 -1.27 29.64 2.46
CA ALA A 711 -0.18 28.76 2.02
C ALA A 711 -0.35 27.34 2.58
N SER A 712 -0.72 27.27 3.85
CA SER A 712 -0.70 26.03 4.62
C SER A 712 -1.95 25.22 4.49
N GLN A 713 -2.96 25.77 3.85
CA GLN A 713 -4.20 25.05 3.62
C GLN A 713 -3.97 23.74 2.92
N GLN A 714 -4.24 22.66 3.64
CA GLN A 714 -4.15 21.31 3.10
C GLN A 714 -5.30 21.02 2.18
N ILE A 715 -5.07 20.41 1.03
CA ILE A 715 -6.18 20.06 0.17
C ILE A 715 -5.84 18.82 -0.60
N ARG A 716 -6.81 18.25 -1.30
CA ARG A 716 -6.63 17.02 -2.10
C ARG A 716 -7.23 17.09 -3.49
N LEU A 717 -6.42 16.85 -4.51
CA LEU A 717 -6.94 16.84 -5.89
C LEU A 717 -7.39 15.48 -6.41
N GLU A 718 -8.03 15.50 -7.57
CA GLU A 718 -8.42 14.27 -8.29
C GLU A 718 -8.86 14.61 -9.72
N ALA A 719 -8.58 13.73 -10.70
CA ALA A 719 -9.18 13.83 -12.08
C ALA A 719 -9.82 12.63 -12.77
N GLU A 720 -8.90 11.66 -13.13
CA GLU A 720 -9.26 10.37 -13.80
C GLU A 720 -8.63 10.38 -15.14
N GLU A 721 -8.05 11.46 -15.46
CA GLU A 721 -7.60 11.79 -16.81
C GLU A 721 -6.09 11.89 -16.63
N GLU A 722 -5.12 11.61 -17.58
CA GLU A 722 -3.52 11.58 -17.39
C GLU A 722 -2.84 12.89 -17.04
N LYS A 723 -1.53 12.94 -16.56
CA LYS A 723 -1.26 14.22 -16.23
C LYS A 723 0.24 14.63 -16.22
N LEU A 724 0.69 15.09 -17.38
CA LEU A 724 2.09 15.47 -17.57
C LEU A 724 2.42 16.42 -16.35
N ALA A 725 1.35 17.19 -16.05
CA ALA A 725 1.34 18.06 -14.82
C ALA A 725 1.45 16.76 -13.97
N HIS A 726 2.53 16.62 -13.18
CA HIS A 726 2.85 15.41 -12.38
C HIS A 726 2.43 15.52 -10.90
N LEU A 727 1.14 15.82 -10.71
CA LEU A 727 0.58 16.20 -9.42
C LEU A 727 0.28 15.03 -8.47
N PRO A 728 0.59 15.20 -7.16
CA PRO A 728 0.14 14.17 -6.20
C PRO A 728 -1.40 14.20 -6.12
N LEU A 729 -2.04 13.23 -6.76
CA LEU A 729 -3.50 13.11 -6.77
C LEU A 729 -3.96 12.04 -5.74
N ALA A 730 -5.10 12.28 -5.09
CA ALA A 730 -5.61 11.39 -4.03
C ALA A 730 -4.71 11.40 -2.80
N LYS A 731 -3.96 12.51 -2.61
CA LYS A 731 -3.18 12.74 -1.36
C LYS A 731 -3.50 14.16 -0.84
N THR A 732 -3.45 14.35 0.48
CA THR A 732 -3.61 15.67 1.04
C THR A 732 -2.26 16.34 1.19
N VAL A 733 -2.18 17.61 0.81
CA VAL A 733 -0.92 18.29 0.55
C VAL A 733 -1.25 19.75 0.60
N SER A 734 -0.45 20.57 1.23
CA SER A 734 -0.74 22.00 1.25
C SER A 734 -0.65 22.68 -0.12
N VAL A 735 -1.17 23.89 -0.19
CA VAL A 735 -1.31 24.68 -1.40
C VAL A 735 0.09 25.06 -1.86
N GLU A 736 0.83 25.62 -0.93
CA GLU A 736 2.17 26.06 -1.12
C GLU A 736 3.07 24.93 -1.67
N GLU A 737 2.93 23.68 -1.18
CA GLU A 737 3.70 22.57 -1.74
C GLU A 737 3.16 22.08 -3.08
N LEU A 738 1.85 22.19 -3.31
CA LEU A 738 1.33 21.87 -4.64
C LEU A 738 1.98 22.82 -5.70
N LEU A 739 2.16 24.05 -5.30
CA LEU A 739 2.64 25.09 -6.13
C LEU A 739 4.18 24.90 -6.51
N GLN A 740 4.91 24.07 -5.79
CA GLN A 740 6.25 23.62 -6.18
C GLN A 740 6.30 22.48 -7.22
N TYR A 741 5.16 22.10 -7.78
CA TYR A 741 5.15 21.05 -8.79
C TYR A 741 4.93 21.59 -10.20
N VAL A 742 4.69 22.88 -10.36
CA VAL A 742 4.19 23.43 -11.60
C VAL A 742 4.99 24.69 -12.02
N GLU A 743 4.91 25.01 -13.31
CA GLU A 743 5.47 26.19 -13.86
C GLU A 743 4.47 27.32 -13.71
N LEU A 744 4.90 28.41 -13.12
CA LEU A 744 4.02 29.52 -12.91
C LEU A 744 4.20 30.67 -13.88
N GLN A 745 5.24 30.62 -14.74
CA GLN A 745 5.46 31.73 -15.65
C GLN A 745 5.81 31.39 -17.08
N ASP A 746 5.20 30.33 -17.56
CA ASP A 746 5.22 30.03 -18.95
C ASP A 746 4.18 30.90 -19.66
N PRO A 747 4.42 31.24 -20.90
CA PRO A 747 3.34 31.93 -21.60
C PRO A 747 1.92 31.23 -21.51
N VAL A 748 0.85 32.02 -21.57
CA VAL A 748 -0.45 31.48 -21.38
C VAL A 748 -0.76 30.65 -22.63
N THR A 749 -1.35 29.47 -22.47
CA THR A 749 -1.61 28.61 -23.63
C THR A 749 -3.01 28.82 -24.09
N ARG A 750 -3.32 28.36 -25.29
CA ARG A 750 -4.64 28.54 -25.82
C ARG A 750 -5.76 27.81 -25.00
N THR A 751 -5.44 26.65 -24.47
CA THR A 751 -6.29 25.87 -23.57
C THR A 751 -6.54 26.69 -22.34
N GLN A 752 -5.48 27.23 -21.75
CA GLN A 752 -5.59 28.15 -20.61
C GLN A 752 -6.45 29.34 -20.93
N LEU A 753 -6.38 29.89 -22.12
CA LEU A 753 -7.15 31.09 -22.37
C LEU A 753 -8.64 30.79 -22.46
N ARG A 754 -8.95 29.67 -23.13
CA ARG A 754 -10.34 29.18 -23.24
C ARG A 754 -10.93 28.85 -21.90
N ALA A 755 -10.14 28.29 -21.02
CA ALA A 755 -10.65 27.94 -19.72
C ALA A 755 -11.01 29.23 -19.02
N MET A 756 -10.14 30.25 -19.10
CA MET A 756 -10.45 31.52 -18.45
C MET A 756 -11.67 32.19 -19.11
N ALA A 757 -11.73 32.17 -20.41
CA ALA A 757 -12.82 32.86 -21.08
C ALA A 757 -14.18 32.31 -20.56
N ALA A 758 -14.22 31.00 -20.40
CA ALA A 758 -15.42 30.25 -20.03
C ALA A 758 -15.88 30.56 -18.60
N LYS A 759 -14.97 31.04 -17.73
CA LYS A 759 -15.30 31.42 -16.39
C LYS A 759 -15.42 32.89 -16.20
N THR A 760 -15.47 33.65 -17.27
CA THR A 760 -15.47 35.08 -17.18
C THR A 760 -16.89 35.62 -17.34
N VAL A 761 -17.32 36.43 -16.37
CA VAL A 761 -18.67 36.94 -16.33
C VAL A 761 -18.59 38.47 -16.65
N CYS A 762 -17.38 38.99 -16.83
CA CYS A 762 -17.11 40.32 -17.50
C CYS A 762 -17.13 40.35 -19.04
N PRO A 763 -18.30 40.63 -19.63
CA PRO A 763 -18.42 40.41 -21.09
C PRO A 763 -17.26 41.05 -21.88
N PRO A 764 -16.95 42.33 -21.67
CA PRO A 764 -15.80 42.85 -22.42
C PRO A 764 -14.49 42.14 -22.08
N HIS A 765 -14.41 41.55 -20.91
CA HIS A 765 -13.22 40.88 -20.53
C HIS A 765 -13.19 39.53 -21.21
N LYS A 766 -14.34 38.98 -21.54
CA LYS A 766 -14.32 37.72 -22.22
C LYS A 766 -13.92 37.95 -23.69
N VAL A 767 -14.43 39.02 -24.28
CA VAL A 767 -14.04 39.39 -25.61
C VAL A 767 -12.50 39.58 -25.70
N GLU A 768 -11.87 40.21 -24.73
CA GLU A 768 -10.47 40.37 -24.79
C GLU A 768 -9.73 39.06 -24.68
N LEU A 769 -10.09 38.20 -23.75
CA LEU A 769 -9.35 36.94 -23.66
C LEU A 769 -9.46 36.10 -24.95
N GLU A 770 -10.58 36.15 -25.59
CA GLU A 770 -10.80 35.47 -26.83
C GLU A 770 -10.05 36.10 -28.01
N ALA A 771 -9.97 37.42 -28.00
CA ALA A 771 -9.14 38.11 -28.96
C ALA A 771 -7.75 37.50 -28.96
N LEU A 772 -7.23 37.13 -27.80
CA LEU A 772 -5.88 36.61 -27.70
C LEU A 772 -5.65 35.22 -28.35
N LEU A 773 -6.75 34.62 -28.80
CA LEU A 773 -6.67 33.28 -29.35
C LEU A 773 -6.29 33.37 -30.79
N GLU A 774 -6.47 34.54 -31.42
CA GLU A 774 -6.23 34.67 -32.86
C GLU A 774 -4.76 34.59 -33.08
N LYS A 775 -4.42 34.08 -34.27
CA LYS A 775 -3.03 33.68 -34.62
C LYS A 775 -2.05 34.82 -34.42
N GLN A 776 -2.41 35.98 -34.93
CA GLN A 776 -1.55 37.13 -34.87
C GLN A 776 -1.37 37.67 -33.44
N ALA A 777 -2.50 37.96 -32.78
CA ALA A 777 -2.50 38.41 -31.37
C ALA A 777 -1.79 37.46 -30.46
N TYR A 778 -1.99 36.17 -30.68
CA TYR A 778 -1.35 35.20 -29.83
C TYR A 778 0.17 35.32 -29.98
N LYS A 779 0.67 35.41 -31.21
CA LYS A 779 2.12 35.58 -31.44
C LYS A 779 2.60 36.90 -30.85
N GLU A 780 1.92 37.99 -31.16
CA GLU A 780 2.45 39.28 -30.78
C GLU A 780 2.23 39.67 -29.32
N GLN A 781 1.07 39.33 -28.75
CA GLN A 781 0.77 39.75 -27.37
C GLN A 781 1.00 38.68 -26.32
N VAL A 782 0.86 37.42 -26.69
CA VAL A 782 1.16 36.39 -25.74
C VAL A 782 2.60 35.93 -25.86
N LEU A 783 2.96 35.34 -27.01
CA LEU A 783 4.30 34.72 -27.09
C LEU A 783 5.45 35.76 -27.06
N ALA A 784 5.36 36.79 -27.88
CA ALA A 784 6.43 37.84 -27.85
C ALA A 784 6.72 38.46 -26.46
N LYS A 785 5.71 38.58 -25.60
CA LYS A 785 5.87 39.26 -24.32
C LYS A 785 5.86 38.31 -23.17
N ARG A 786 5.71 37.05 -23.45
CA ARG A 786 5.65 36.05 -22.41
C ARG A 786 4.60 36.33 -21.29
N LEU A 787 3.40 36.64 -21.77
CA LEU A 787 2.25 36.95 -20.97
C LEU A 787 1.75 35.63 -20.35
N THR A 788 1.65 35.53 -19.03
CA THR A 788 1.27 34.30 -18.34
C THR A 788 -0.22 34.20 -17.91
N MET A 789 -0.70 33.00 -17.56
CA MET A 789 -2.05 32.80 -17.05
C MET A 789 -2.21 33.57 -15.74
N LEU A 790 -1.25 33.45 -14.85
CA LEU A 790 -1.21 34.19 -13.62
C LEU A 790 -1.35 35.70 -13.75
N GLU A 791 -0.63 36.30 -14.69
CA GLU A 791 -0.73 37.73 -14.93
C GLU A 791 -2.14 38.04 -15.47
N LEU A 792 -2.74 37.14 -16.24
CA LEU A 792 -4.11 37.42 -16.74
C LEU A 792 -5.17 37.22 -15.64
N LEU A 793 -5.00 36.25 -14.77
CA LEU A 793 -5.86 36.11 -13.61
C LEU A 793 -5.74 37.36 -12.73
N GLU A 794 -4.56 37.93 -12.59
CA GLU A 794 -4.43 39.18 -11.76
C GLU A 794 -5.08 40.38 -12.43
N LYS A 795 -4.93 40.44 -13.73
CA LYS A 795 -5.62 41.43 -14.49
C LYS A 795 -7.14 41.22 -14.41
N TYR A 796 -7.63 39.98 -14.31
CA TYR A 796 -9.10 39.72 -14.33
C TYR A 796 -9.62 39.08 -13.07
N PRO A 797 -9.73 39.87 -12.00
CA PRO A 797 -10.13 39.30 -10.71
C PRO A 797 -11.53 38.72 -10.71
N ALA A 798 -12.37 39.06 -11.66
CA ALA A 798 -13.69 38.40 -11.74
C ALA A 798 -13.73 37.36 -12.86
N CYS A 799 -12.65 36.59 -12.93
CA CYS A 799 -12.66 35.41 -13.76
C CYS A 799 -12.81 34.32 -12.71
N GLU A 800 -13.83 33.49 -12.79
CA GLU A 800 -14.21 32.66 -11.63
C GLU A 800 -13.45 31.33 -11.60
N MET A 801 -12.27 31.33 -12.15
CA MET A 801 -11.53 30.13 -12.20
C MET A 801 -11.13 29.93 -10.77
N LYS A 802 -10.97 28.67 -10.45
CA LYS A 802 -10.68 28.28 -9.13
C LYS A 802 -9.35 27.59 -9.06
N PHE A 803 -8.82 27.51 -7.86
CA PHE A 803 -7.48 27.08 -7.68
C PHE A 803 -7.22 25.72 -8.27
N SER A 804 -8.13 24.81 -8.05
CA SER A 804 -7.88 23.45 -8.39
C SER A 804 -7.93 23.27 -9.89
N GLU A 805 -8.62 24.16 -10.58
CA GLU A 805 -8.63 24.13 -12.04
C GLU A 805 -7.34 24.82 -12.57
N PHE A 806 -6.82 25.79 -11.84
CA PHE A 806 -5.62 26.49 -12.20
C PHE A 806 -4.45 25.54 -12.21
N ILE A 807 -4.26 24.89 -11.07
CA ILE A 807 -3.16 24.06 -10.82
C ILE A 807 -3.15 22.99 -11.89
N ALA A 808 -4.29 22.44 -12.24
CA ALA A 808 -4.38 21.31 -13.16
C ALA A 808 -4.11 21.70 -14.61
N LEU A 809 -4.21 22.98 -14.93
CA LEU A 809 -4.01 23.43 -16.32
C LEU A 809 -2.51 23.80 -16.62
N LEU A 810 -1.68 23.71 -15.62
CA LEU A 810 -0.30 24.18 -15.67
C LEU A 810 0.65 23.08 -16.03
N PRO A 811 1.77 23.44 -16.62
CA PRO A 811 2.75 22.43 -16.91
C PRO A 811 3.57 22.06 -15.72
N SER A 812 4.05 20.85 -15.76
CA SER A 812 4.95 20.31 -14.76
C SER A 812 6.27 21.09 -14.67
N ILE A 813 6.85 21.22 -13.48
CA ILE A 813 8.03 21.99 -13.31
C ILE A 813 9.21 21.32 -14.00
N ARG A 814 9.99 22.09 -14.75
CA ARG A 814 11.07 21.53 -15.60
C ARG A 814 12.39 21.78 -14.95
N PRO A 815 13.32 20.90 -15.18
CA PRO A 815 14.68 21.16 -14.72
C PRO A 815 15.41 22.22 -15.54
N ARG A 816 16.39 22.86 -14.91
CA ARG A 816 17.26 23.78 -15.58
C ARG A 816 18.68 23.26 -15.58
N TYR A 817 19.39 23.43 -16.73
CA TYR A 817 20.72 22.91 -16.88
C TYR A 817 21.77 23.97 -16.68
N TYR A 818 22.80 23.61 -15.93
CA TYR A 818 23.96 24.43 -15.74
C TYR A 818 25.31 23.69 -16.06
N SER A 819 26.16 24.36 -16.77
CA SER A 819 27.44 23.78 -17.18
C SER A 819 28.33 23.72 -15.98
N ILE A 820 28.66 22.51 -15.56
CA ILE A 820 29.56 22.32 -14.42
C ILE A 820 30.91 23.06 -14.65
N SER A 821 31.24 23.96 -13.73
CA SER A 821 32.42 24.76 -13.82
C SER A 821 33.64 24.28 -12.99
N SER A 822 33.75 22.99 -12.80
CA SER A 822 34.88 22.49 -12.05
C SER A 822 35.30 21.20 -12.74
N SER A 823 36.49 20.71 -12.39
CA SER A 823 36.97 19.42 -12.89
C SER A 823 36.86 18.34 -11.84
N PRO A 824 36.44 17.15 -12.20
CA PRO A 824 36.47 16.04 -11.26
C PRO A 824 37.88 15.57 -10.90
N ARG A 825 38.88 15.97 -11.67
CA ARG A 825 40.25 15.67 -11.32
C ARG A 825 40.68 16.39 -10.07
N VAL A 826 39.95 17.44 -9.63
CA VAL A 826 40.32 18.08 -8.35
C VAL A 826 39.54 17.48 -7.17
N ASP A 827 38.25 17.23 -7.33
CA ASP A 827 37.45 16.53 -6.28
C ASP A 827 36.29 15.82 -6.96
N GLU A 828 36.34 14.49 -7.00
CA GLU A 828 35.37 13.71 -7.75
C GLU A 828 33.92 13.92 -7.24
N LYS A 829 33.79 14.15 -5.94
CA LYS A 829 32.52 14.24 -5.25
C LYS A 829 32.12 15.70 -4.95
N GLN A 830 32.67 16.67 -5.67
CA GLN A 830 32.20 18.04 -5.53
C GLN A 830 32.16 18.81 -6.86
N ALA A 831 31.06 19.51 -7.13
CA ALA A 831 30.86 20.15 -8.45
C ALA A 831 30.42 21.57 -8.29
N SER A 832 30.80 22.42 -9.24
CA SER A 832 30.49 23.80 -9.11
C SER A 832 29.65 24.23 -10.34
N ILE A 833 28.90 25.32 -10.20
CA ILE A 833 28.12 25.83 -11.29
C ILE A 833 28.23 27.31 -11.21
N THR A 834 27.89 28.00 -12.31
CA THR A 834 28.10 29.39 -12.46
C THR A 834 26.87 29.96 -13.11
N VAL A 835 26.11 30.77 -12.35
CA VAL A 835 24.71 31.00 -12.65
C VAL A 835 24.38 32.43 -12.81
N SER A 836 24.09 32.85 -14.00
CA SER A 836 23.71 34.24 -14.19
C SER A 836 22.21 34.43 -13.71
N VAL A 837 21.96 35.50 -12.91
CA VAL A 837 20.68 35.66 -12.28
C VAL A 837 19.75 36.44 -13.16
N VAL A 838 18.67 35.79 -13.63
CA VAL A 838 17.72 36.43 -14.53
C VAL A 838 16.78 37.33 -13.73
N SER A 839 16.72 38.57 -14.19
CA SER A 839 16.04 39.61 -13.48
C SER A 839 15.89 40.84 -14.37
N GLY A 840 14.73 41.51 -14.30
CA GLY A 840 14.46 42.70 -15.15
C GLY A 840 13.01 43.12 -15.03
N GLU A 841 12.59 44.06 -15.86
CA GLU A 841 11.22 44.41 -15.96
C GLU A 841 10.59 43.35 -16.87
N ALA A 842 9.48 42.76 -16.43
CA ALA A 842 8.77 41.77 -17.21
C ALA A 842 8.38 42.30 -18.58
N TRP A 843 8.68 41.55 -19.62
CA TRP A 843 8.27 41.99 -20.96
C TRP A 843 6.75 42.07 -21.09
N SER A 844 6.04 41.35 -20.23
CA SER A 844 4.57 41.40 -20.25
C SER A 844 4.05 42.76 -19.78
N GLY A 845 4.85 43.48 -19.00
CA GLY A 845 4.42 44.77 -18.43
C GLY A 845 3.94 44.62 -16.97
N TYR A 846 3.90 43.42 -16.45
CA TYR A 846 3.41 43.24 -15.08
C TYR A 846 4.55 43.19 -14.14
N GLY A 847 5.04 44.35 -13.79
CA GLY A 847 6.05 44.47 -12.72
C GLY A 847 7.42 43.86 -13.08
N GLU A 848 8.07 43.35 -12.04
CA GLU A 848 9.40 42.83 -12.05
C GLU A 848 9.40 41.28 -12.31
N TYR A 849 10.22 40.82 -13.25
CA TYR A 849 10.46 39.47 -13.62
C TYR A 849 11.68 38.86 -12.92
N LYS A 850 11.53 37.65 -12.37
CA LYS A 850 12.67 36.85 -11.87
C LYS A 850 12.63 35.44 -12.46
N GLY A 851 13.78 34.98 -12.99
CA GLY A 851 13.88 33.64 -13.61
C GLY A 851 13.79 32.62 -12.52
N ILE A 852 13.02 31.57 -12.72
CA ILE A 852 12.73 30.67 -11.63
C ILE A 852 13.98 30.02 -11.05
N ALA A 853 14.71 29.21 -11.82
CA ALA A 853 15.83 28.44 -11.22
C ALA A 853 16.96 29.36 -10.82
N SER A 854 17.21 30.36 -11.61
CA SER A 854 18.39 31.16 -11.33
C SER A 854 18.24 31.90 -10.01
N ASN A 855 17.03 32.37 -9.71
CA ASN A 855 16.79 33.10 -8.40
C ASN A 855 16.65 32.09 -7.28
N TYR A 856 16.17 30.93 -7.55
CA TYR A 856 16.21 29.88 -6.52
C TYR A 856 17.67 29.59 -6.14
N LEU A 857 18.48 29.30 -7.15
CA LEU A 857 19.89 29.06 -6.90
C LEU A 857 20.57 30.25 -6.20
N ALA A 858 20.27 31.47 -6.58
CA ALA A 858 20.88 32.64 -6.01
C ALA A 858 20.60 32.80 -4.56
N GLU A 859 19.47 32.24 -4.09
CA GLU A 859 19.09 32.46 -2.70
C GLU A 859 19.52 31.33 -1.80
N LEU A 860 20.05 30.25 -2.34
CA LEU A 860 20.50 29.13 -1.47
C LEU A 860 21.74 29.51 -0.70
N GLN A 861 21.94 28.83 0.42
CA GLN A 861 23.13 29.07 1.29
C GLN A 861 23.77 27.80 1.73
N GLU A 862 25.00 27.91 2.24
CA GLU A 862 25.70 26.70 2.76
C GLU A 862 24.75 25.91 3.67
N GLY A 863 24.63 24.62 3.44
CA GLY A 863 23.81 23.70 4.28
C GLY A 863 22.40 23.45 3.77
N ASP A 864 21.98 24.24 2.78
CA ASP A 864 20.68 24.01 2.17
C ASP A 864 20.78 22.78 1.33
N THR A 865 19.66 22.16 1.04
CA THR A 865 19.64 21.01 0.18
C THR A 865 19.13 21.41 -1.19
N ILE A 866 19.34 20.54 -2.16
CA ILE A 866 19.09 20.88 -3.54
C ILE A 866 18.89 19.57 -4.22
N THR A 867 17.97 19.52 -5.16
CA THR A 867 17.69 18.32 -5.89
C THR A 867 18.17 18.48 -7.29
N CYS A 868 19.07 17.57 -7.69
CA CYS A 868 19.67 17.63 -9.01
C CYS A 868 20.09 16.28 -9.52
N PHE A 869 20.56 16.28 -10.75
CA PHE A 869 21.15 15.12 -11.35
C PHE A 869 22.23 15.58 -12.32
N ILE A 870 23.11 14.65 -12.67
CA ILE A 870 24.15 14.87 -13.68
C ILE A 870 23.58 14.56 -15.05
N SER A 871 23.83 15.42 -16.00
CA SER A 871 23.36 15.21 -17.36
C SER A 871 24.60 15.34 -18.30
N THR A 872 24.72 14.41 -19.26
CA THR A 872 25.83 14.49 -20.20
C THR A 872 25.24 14.85 -21.55
N PRO A 873 25.74 15.88 -22.20
CA PRO A 873 25.13 16.33 -23.46
C PRO A 873 25.47 15.41 -24.62
N GLN A 874 24.56 15.34 -25.59
CA GLN A 874 24.71 14.48 -26.80
C GLN A 874 26.00 14.95 -27.53
N SER A 875 26.13 16.28 -27.72
CA SER A 875 27.38 16.89 -28.24
C SER A 875 28.53 16.91 -27.17
N GLU A 876 29.48 15.99 -27.28
CA GLU A 876 30.70 15.96 -26.46
C GLU A 876 31.37 17.34 -26.34
N PHE A 877 31.82 17.70 -25.16
CA PHE A 877 32.41 19.01 -24.94
C PHE A 877 33.54 18.76 -23.98
N THR A 878 34.57 18.10 -24.47
CA THR A 878 35.70 17.70 -23.62
C THR A 878 37.04 18.07 -24.24
N LEU A 879 38.04 18.07 -23.36
CA LEU A 879 39.40 18.40 -23.73
C LEU A 879 39.90 17.30 -24.68
N PRO A 880 40.86 17.62 -25.57
CA PRO A 880 41.46 16.57 -26.35
C PRO A 880 42.07 15.50 -25.44
N LYS A 881 42.17 14.31 -25.96
CA LYS A 881 42.85 13.19 -25.26
C LYS A 881 44.34 13.54 -24.95
N ASP A 882 45.03 14.19 -25.89
CA ASP A 882 46.44 14.58 -25.72
C ASP A 882 46.53 16.02 -25.25
N PRO A 883 47.14 16.24 -24.08
CA PRO A 883 47.27 17.57 -23.50
C PRO A 883 48.19 18.53 -24.24
N GLU A 884 48.95 18.06 -25.22
CA GLU A 884 49.69 18.98 -26.09
C GLU A 884 48.85 19.46 -27.28
N THR A 885 47.69 18.85 -27.55
CA THR A 885 46.85 19.37 -28.61
C THR A 885 46.39 20.77 -28.17
N PRO A 886 46.63 21.81 -28.96
CA PRO A 886 46.20 23.15 -28.79
C PRO A 886 44.67 23.35 -28.76
N LEU A 887 44.21 24.31 -27.94
CA LEU A 887 42.79 24.63 -27.68
C LEU A 887 42.57 26.10 -27.90
N ILE A 888 41.45 26.46 -28.50
CA ILE A 888 40.93 27.81 -28.49
C ILE A 888 39.51 27.71 -27.87
N MET A 889 39.27 28.54 -26.89
CA MET A 889 38.07 28.58 -26.08
C MET A 889 37.48 29.97 -26.12
N VAL A 890 36.20 30.09 -26.46
CA VAL A 890 35.53 31.36 -26.41
C VAL A 890 34.29 31.25 -25.53
N GLY A 891 34.27 32.07 -24.51
CA GLY A 891 33.38 31.90 -23.40
C GLY A 891 33.21 33.15 -22.58
N PRO A 892 32.63 34.19 -23.14
CA PRO A 892 32.28 35.38 -22.44
C PRO A 892 31.11 35.22 -21.48
N GLY A 893 31.24 35.95 -20.37
CA GLY A 893 30.21 36.00 -19.36
C GLY A 893 30.23 34.67 -18.67
N THR A 894 29.02 34.13 -18.42
CA THR A 894 28.83 32.87 -17.76
C THR A 894 29.28 31.80 -18.70
N GLY A 895 29.46 32.14 -19.97
CA GLY A 895 30.10 31.20 -20.87
C GLY A 895 31.46 30.67 -20.43
N VAL A 896 32.18 31.38 -19.56
CA VAL A 896 33.40 30.86 -19.03
C VAL A 896 33.25 29.58 -18.26
N ALA A 897 32.04 29.26 -17.88
CA ALA A 897 31.80 28.20 -16.91
C ALA A 897 32.54 26.93 -17.24
N PRO A 898 32.23 26.28 -18.34
CA PRO A 898 32.89 25.01 -18.60
C PRO A 898 34.39 25.15 -18.81
N PHE A 899 34.83 26.29 -19.30
CA PHE A 899 36.26 26.47 -19.40
C PHE A 899 36.95 26.57 -18.06
N ARG A 900 36.24 26.80 -16.98
CA ARG A 900 36.89 26.84 -15.67
C ARG A 900 37.19 25.42 -15.29
N GLY A 901 36.28 24.51 -15.61
CA GLY A 901 36.60 23.09 -15.49
C GLY A 901 37.82 22.68 -16.36
N PHE A 902 37.90 23.12 -17.61
CA PHE A 902 39.02 22.78 -18.50
C PHE A 902 40.31 23.24 -17.83
N VAL A 903 40.28 24.45 -17.26
CA VAL A 903 41.48 25.04 -16.67
C VAL A 903 41.92 24.28 -15.48
N GLN A 904 40.98 23.85 -14.68
CA GLN A 904 41.31 23.07 -13.53
C GLN A 904 41.85 21.72 -13.93
N ALA A 905 41.38 21.17 -15.04
CA ALA A 905 41.86 19.86 -15.45
C ALA A 905 43.35 19.97 -15.91
N ARG A 906 43.62 20.95 -16.75
CA ARG A 906 44.94 21.09 -17.28
C ARG A 906 45.90 21.30 -16.13
N LYS A 907 45.52 22.13 -15.15
CA LYS A 907 46.34 22.39 -13.97
C LYS A 907 46.68 21.13 -13.21
N GLN A 908 45.77 20.19 -13.07
CA GLN A 908 46.14 18.93 -12.43
C GLN A 908 47.06 18.08 -13.29
N LEU A 909 46.87 18.11 -14.60
CA LEU A 909 47.65 17.27 -15.48
C LEU A 909 49.07 17.74 -15.41
N LYS A 910 49.29 19.03 -15.42
CA LYS A 910 50.63 19.58 -15.21
C LYS A 910 51.23 19.07 -13.89
N GLU A 911 50.54 19.32 -12.78
CA GLU A 911 51.00 18.82 -11.50
C GLU A 911 51.31 17.30 -11.50
N GLN A 912 50.80 16.54 -12.47
CA GLN A 912 51.16 15.12 -12.62
C GLN A 912 52.28 14.89 -13.69
N GLY A 913 53.01 15.95 -14.03
CA GLY A 913 54.09 15.86 -15.02
C GLY A 913 53.76 15.86 -16.51
N GLN A 914 52.48 15.96 -16.87
CA GLN A 914 52.15 16.03 -18.27
C GLN A 914 52.48 17.41 -18.82
N SER A 915 52.86 17.48 -20.06
CA SER A 915 53.23 18.75 -20.69
C SER A 915 51.98 19.26 -21.34
N LEU A 916 51.79 20.55 -21.36
CA LEU A 916 50.60 21.16 -21.94
C LEU A 916 50.99 22.02 -23.13
N GLY A 917 50.14 22.03 -24.15
CA GLY A 917 50.31 22.89 -25.31
C GLY A 917 49.65 24.24 -25.11
N GLU A 918 49.62 25.00 -26.16
CA GLU A 918 48.91 26.25 -26.16
C GLU A 918 47.41 26.10 -25.82
N ALA A 919 46.84 27.06 -25.07
CA ALA A 919 45.37 27.14 -24.80
C ALA A 919 44.93 28.59 -24.65
N HIS A 920 44.24 29.14 -25.66
CA HIS A 920 43.79 30.50 -25.67
C HIS A 920 42.34 30.61 -25.15
N LEU A 921 42.11 31.44 -24.15
CA LEU A 921 40.77 31.68 -23.60
C LEU A 921 40.37 33.11 -23.93
N TYR A 922 39.39 33.25 -24.82
CA TYR A 922 38.78 34.54 -25.12
C TYR A 922 37.60 34.80 -24.14
N PHE A 923 37.77 35.78 -23.26
CA PHE A 923 36.75 36.08 -22.25
C PHE A 923 36.32 37.49 -22.48
N GLY A 924 35.04 37.76 -22.27
CA GLY A 924 34.49 39.08 -22.54
C GLY A 924 33.55 39.37 -21.42
N CYS A 925 33.46 40.64 -21.06
CA CYS A 925 32.52 41.10 -20.05
C CYS A 925 32.41 42.64 -20.14
N ARG A 926 31.59 43.24 -19.27
CA ARG A 926 31.35 44.69 -19.34
C ARG A 926 32.59 45.39 -18.89
N SER A 927 33.12 44.93 -17.78
CA SER A 927 34.19 45.65 -17.12
C SER A 927 34.84 44.81 -16.05
N PRO A 928 36.13 45.02 -15.80
CA PRO A 928 36.80 44.46 -14.63
C PRO A 928 36.33 45.08 -13.32
N HIS A 929 35.64 46.21 -13.39
CA HIS A 929 35.08 46.83 -12.20
C HIS A 929 33.70 46.18 -11.90
N GLU A 930 33.26 45.18 -12.65
CA GLU A 930 31.84 44.74 -12.60
C GLU A 930 31.68 43.21 -12.64
N ASP A 931 31.94 42.58 -13.80
CA ASP A 931 31.60 41.16 -14.08
C ASP A 931 32.71 40.26 -14.67
N TYR A 932 33.96 40.50 -14.26
CA TYR A 932 35.09 39.73 -14.77
C TYR A 932 35.20 38.57 -13.83
N LEU A 933 34.37 37.57 -14.09
CA LEU A 933 34.25 36.37 -13.28
C LEU A 933 35.55 35.60 -13.24
N TYR A 934 35.87 35.06 -12.07
CA TYR A 934 37.03 34.30 -11.78
C TYR A 934 38.34 35.01 -12.23
N GLN A 935 38.38 36.33 -12.22
CA GLN A 935 39.58 37.02 -12.67
C GLN A 935 40.88 36.49 -12.01
N GLU A 936 40.86 36.34 -10.71
CA GLU A 936 42.04 35.97 -9.98
C GLU A 936 42.50 34.60 -10.43
N GLU A 937 41.59 33.62 -10.45
CA GLU A 937 41.93 32.28 -10.91
C GLU A 937 42.46 32.24 -12.34
N LEU A 938 41.91 33.07 -13.21
CA LEU A 938 42.24 32.97 -14.62
C LEU A 938 43.58 33.64 -14.83
N GLU A 939 43.81 34.76 -14.15
CA GLU A 939 45.14 35.41 -14.15
C GLU A 939 46.19 34.47 -13.52
N ASN A 940 45.87 33.76 -12.44
CA ASN A 940 46.84 32.81 -11.89
C ASN A 940 47.13 31.71 -12.91
N ALA A 941 46.07 31.07 -13.45
CA ALA A 941 46.25 30.07 -14.47
C ALA A 941 47.23 30.54 -15.58
N GLN A 942 47.09 31.76 -16.02
CA GLN A 942 47.84 32.24 -17.08
C GLN A 942 49.34 32.36 -16.67
N SER A 943 49.59 32.90 -15.49
CA SER A 943 50.89 32.91 -14.82
C SER A 943 51.53 31.54 -14.68
N GLU A 944 50.74 30.48 -14.43
CA GLU A 944 51.34 29.15 -14.36
C GLU A 944 51.42 28.49 -15.75
N GLY A 945 51.27 29.24 -16.83
CA GLY A 945 51.25 28.67 -18.18
C GLY A 945 50.14 27.70 -18.56
N ILE A 946 49.02 27.71 -17.84
CA ILE A 946 47.90 26.81 -18.13
C ILE A 946 47.07 27.39 -19.27
N ILE A 947 47.08 28.71 -19.45
CA ILE A 947 46.32 29.33 -20.52
C ILE A 947 46.92 30.63 -20.89
N THR A 948 46.62 31.10 -22.09
CA THR A 948 46.84 32.46 -22.46
C THR A 948 45.46 33.18 -22.54
N LEU A 949 45.35 34.36 -21.94
CA LEU A 949 44.06 34.93 -21.62
C LEU A 949 43.91 36.11 -22.47
N HIS A 950 42.78 36.23 -23.17
CA HIS A 950 42.52 37.42 -23.98
C HIS A 950 41.18 37.97 -23.58
N THR A 951 41.15 39.23 -23.16
CA THR A 951 39.91 39.82 -22.67
C THR A 951 39.37 40.84 -23.62
N ALA A 952 38.04 41.00 -23.58
CA ALA A 952 37.37 42.08 -24.30
C ALA A 952 36.35 42.73 -23.32
N PHE A 953 36.33 44.07 -23.27
CA PHE A 953 35.43 44.82 -22.39
C PHE A 953 34.55 45.70 -23.21
N SER A 954 33.26 45.54 -22.98
CA SER A 954 32.23 46.33 -23.69
C SER A 954 32.01 47.75 -23.17
N ARG A 955 32.32 48.01 -21.92
CA ARG A 955 31.88 49.27 -21.31
C ARG A 955 32.97 49.94 -20.47
N MET A 956 34.20 50.00 -20.97
CA MET A 956 35.25 50.70 -20.22
C MET A 956 35.28 52.12 -20.71
N PRO A 957 35.23 53.06 -19.76
CA PRO A 957 35.25 54.45 -20.18
C PRO A 957 36.51 54.73 -21.00
N ASN A 958 36.36 55.46 -22.09
CA ASN A 958 37.47 55.93 -22.95
C ASN A 958 38.12 54.86 -23.85
N GLN A 959 37.50 53.68 -23.89
CA GLN A 959 37.84 52.56 -24.80
C GLN A 959 36.70 52.26 -25.77
N PRO A 960 37.01 51.73 -26.97
CA PRO A 960 35.89 51.25 -27.86
C PRO A 960 35.21 50.07 -27.23
N LYS A 961 33.91 49.91 -27.49
CA LYS A 961 33.17 48.74 -27.07
C LYS A 961 33.84 47.52 -27.77
N THR A 962 34.34 46.56 -27.00
CA THR A 962 35.06 45.42 -27.53
C THR A 962 34.39 44.09 -27.15
N TYR A 963 34.23 43.25 -28.14
CA TYR A 963 33.75 41.89 -27.93
C TYR A 963 34.76 40.85 -28.38
N VAL A 964 34.60 39.65 -27.89
CA VAL A 964 35.57 38.61 -28.16
C VAL A 964 35.78 38.44 -29.64
N GLN A 965 34.75 38.47 -30.42
CA GLN A 965 35.01 38.32 -31.84
C GLN A 965 35.91 39.41 -32.45
N HIS A 966 35.96 40.59 -31.88
CA HIS A 966 36.88 41.62 -32.38
C HIS A 966 38.34 41.27 -32.07
N VAL A 967 38.56 40.75 -30.88
CA VAL A 967 39.85 40.29 -30.53
C VAL A 967 40.25 39.06 -31.36
N MET A 968 39.35 38.10 -31.51
CA MET A 968 39.62 36.96 -32.35
C MET A 968 40.03 37.40 -33.72
N GLU A 969 39.34 38.36 -34.29
CA GLU A 969 39.66 38.81 -35.62
C GLU A 969 41.08 39.42 -35.73
N GLN A 970 41.50 40.19 -34.72
CA GLN A 970 42.90 40.69 -34.68
C GLN A 970 43.88 39.51 -34.72
N ASP A 971 43.53 38.43 -34.01
CA ASP A 971 44.37 37.24 -33.84
C ASP A 971 44.14 36.16 -34.92
N GLY A 972 43.39 36.51 -35.92
CA GLY A 972 43.00 35.54 -36.99
C GLY A 972 44.10 34.61 -37.49
N LYS A 973 45.25 35.19 -37.79
CA LYS A 973 46.38 34.50 -38.42
C LYS A 973 46.85 33.40 -37.54
N LYS A 974 47.02 33.77 -36.28
CA LYS A 974 47.49 32.85 -35.32
C LYS A 974 46.47 31.80 -35.03
N LEU A 975 45.20 32.18 -34.95
CA LEU A 975 44.19 31.22 -34.53
C LEU A 975 44.01 30.23 -35.65
N ILE A 976 44.00 30.72 -36.89
CA ILE A 976 43.88 29.80 -38.02
C ILE A 976 45.11 28.89 -38.17
N GLU A 977 46.33 29.37 -37.91
CA GLU A 977 47.49 28.45 -37.95
C GLU A 977 47.33 27.36 -36.96
N LEU A 978 46.81 27.68 -35.82
CA LEU A 978 46.61 26.70 -34.75
C LEU A 978 45.63 25.66 -35.17
N LEU A 979 44.55 26.09 -35.82
CA LEU A 979 43.55 25.11 -36.24
C LEU A 979 44.11 24.22 -37.37
N ASP A 980 44.92 24.79 -38.25
CA ASP A 980 45.71 24.00 -39.19
C ASP A 980 46.66 22.98 -38.53
N GLN A 981 47.06 23.13 -37.27
CA GLN A 981 47.94 22.18 -36.58
C GLN A 981 47.20 21.31 -35.66
N GLY A 982 45.90 21.30 -35.82
CA GLY A 982 45.13 20.35 -35.10
C GLY A 982 44.50 20.86 -33.84
N ALA A 983 44.42 22.17 -33.64
CA ALA A 983 43.67 22.71 -32.47
C ALA A 983 42.17 22.24 -32.43
N HIS A 984 41.64 22.09 -31.21
CA HIS A 984 40.16 22.09 -30.97
C HIS A 984 39.67 23.48 -30.67
N PHE A 985 38.51 23.85 -31.19
CA PHE A 985 37.84 25.11 -30.94
C PHE A 985 36.53 24.87 -30.19
N TYR A 986 36.26 25.69 -29.17
CA TYR A 986 35.14 25.57 -28.29
C TYR A 986 34.48 26.94 -28.12
N ILE A 987 33.16 26.98 -28.14
CA ILE A 987 32.37 28.14 -27.80
C ILE A 987 31.39 27.76 -26.72
N CYS A 988 31.22 28.63 -25.75
CA CYS A 988 30.26 28.43 -24.65
C CYS A 988 29.62 29.77 -24.32
N GLY A 989 28.37 29.77 -23.84
CA GLY A 989 27.69 31.03 -23.49
C GLY A 989 26.48 31.24 -24.35
N ASP A 990 26.21 32.47 -24.69
CA ASP A 990 25.09 32.88 -25.47
C ASP A 990 25.08 32.38 -26.96
N GLY A 991 24.08 31.55 -27.25
CA GLY A 991 23.90 30.93 -28.52
C GLY A 991 23.11 31.81 -29.50
N SER A 992 22.50 32.90 -29.03
CA SER A 992 21.63 33.61 -30.00
C SER A 992 22.33 34.68 -30.76
N GLN A 993 23.18 35.43 -30.07
CA GLN A 993 24.00 36.47 -30.77
C GLN A 993 25.52 36.22 -30.75
N MET A 994 26.06 35.76 -29.63
CA MET A 994 27.52 35.73 -29.52
C MET A 994 28.13 34.58 -30.39
N ALA A 995 27.64 33.38 -30.18
CA ALA A 995 28.05 32.23 -30.97
C ALA A 995 27.99 32.47 -32.48
N PRO A 996 26.87 32.95 -33.00
CA PRO A 996 26.90 33.10 -34.46
C PRO A 996 27.93 34.10 -34.95
N ALA A 997 28.16 35.15 -34.21
CA ALA A 997 29.08 36.17 -34.62
C ALA A 997 30.58 35.70 -34.54
N VAL A 998 30.88 34.92 -33.52
CA VAL A 998 32.14 34.24 -33.32
C VAL A 998 32.37 33.27 -34.46
N GLU A 999 31.39 32.46 -34.76
CA GLU A 999 31.48 31.56 -35.92
C GLU A 999 31.76 32.30 -37.25
N ALA A 1000 31.11 33.42 -37.46
CA ALA A 1000 31.27 34.19 -38.67
C ALA A 1000 32.67 34.78 -38.71
N THR A 1001 33.17 35.24 -37.58
CA THR A 1001 34.51 35.76 -37.54
C THR A 1001 35.62 34.64 -37.79
N LEU A 1002 35.44 33.48 -37.21
CA LEU A 1002 36.33 32.37 -37.47
C LEU A 1002 36.36 32.06 -38.97
N MET A 1003 35.19 31.97 -39.61
CA MET A 1003 35.15 31.63 -41.03
C MET A 1003 35.75 32.72 -41.88
N LYS A 1004 35.52 33.96 -41.48
CA LYS A 1004 36.07 35.03 -42.23
C LYS A 1004 37.64 35.07 -42.08
N SER A 1005 38.15 34.86 -40.87
CA SER A 1005 39.60 34.69 -40.68
C SER A 1005 40.21 33.61 -41.60
N TYR A 1006 39.51 32.49 -41.76
CA TYR A 1006 39.95 31.44 -42.62
C TYR A 1006 40.07 31.87 -44.05
N ALA A 1007 38.95 32.42 -44.54
CA ALA A 1007 38.83 32.96 -45.88
C ALA A 1007 39.96 33.97 -46.24
N ASP A 1008 40.29 34.83 -45.31
CA ASP A 1008 41.27 35.87 -45.51
C ASP A 1008 42.70 35.32 -45.48
N VAL A 1009 42.96 34.43 -44.52
CA VAL A 1009 44.26 33.79 -44.37
C VAL A 1009 44.61 32.84 -45.56
N HIS A 1010 43.64 32.08 -46.06
CA HIS A 1010 43.90 31.02 -47.03
C HIS A 1010 43.44 31.41 -48.42
N GLN A 1011 43.05 32.65 -48.56
CA GLN A 1011 42.54 33.21 -49.80
C GLN A 1011 41.59 32.26 -50.50
N VAL A 1012 40.51 31.90 -49.80
CA VAL A 1012 39.43 31.13 -50.38
C VAL A 1012 38.06 31.81 -50.24
N SER A 1013 37.05 31.28 -50.89
CA SER A 1013 35.69 31.80 -50.83
C SER A 1013 35.03 31.53 -49.46
N GLU A 1014 33.90 32.16 -49.24
CA GLU A 1014 33.09 31.96 -48.02
C GLU A 1014 32.48 30.58 -48.04
N ALA A 1015 32.21 30.05 -49.20
CA ALA A 1015 31.71 28.71 -49.29
C ALA A 1015 32.79 27.69 -48.86
N ASP A 1016 34.03 27.87 -49.36
CA ASP A 1016 35.16 26.99 -48.93
C ASP A 1016 35.37 27.12 -47.40
N ALA A 1017 35.33 28.34 -46.87
CA ALA A 1017 35.44 28.56 -45.43
C ALA A 1017 34.31 27.86 -44.64
N ARG A 1018 33.12 27.80 -45.21
CA ARG A 1018 31.99 27.13 -44.57
C ARG A 1018 32.16 25.64 -44.62
N LEU A 1019 32.66 25.12 -45.71
CA LEU A 1019 32.94 23.68 -45.79
C LEU A 1019 34.08 23.27 -44.82
N TRP A 1020 35.10 24.12 -44.71
CA TRP A 1020 36.17 23.91 -43.75
C TRP A 1020 35.62 23.74 -42.31
N LEU A 1021 34.78 24.66 -41.88
CA LEU A 1021 34.14 24.57 -40.59
C LEU A 1021 33.27 23.36 -40.46
N GLN A 1022 32.52 23.04 -41.52
CA GLN A 1022 31.74 21.82 -41.48
C GLN A 1022 32.63 20.61 -41.24
N GLN A 1023 33.81 20.55 -41.88
CA GLN A 1023 34.69 19.41 -41.73
C GLN A 1023 35.29 19.38 -40.32
N LEU A 1024 35.57 20.57 -39.79
CA LEU A 1024 36.13 20.68 -38.46
C LEU A 1024 35.17 20.10 -37.41
N GLU A 1025 33.93 20.44 -37.51
CA GLU A 1025 32.88 19.89 -36.67
C GLU A 1025 32.75 18.40 -36.85
N GLU A 1026 32.80 17.90 -38.07
CA GLU A 1026 32.67 16.46 -38.29
C GLU A 1026 33.85 15.67 -37.76
N LYS A 1027 35.04 16.27 -37.69
CA LYS A 1027 36.21 15.69 -37.00
C LYS A 1027 36.15 15.78 -35.48
N GLY A 1028 35.14 16.46 -34.96
CA GLY A 1028 35.04 16.51 -33.53
C GLY A 1028 35.88 17.60 -32.97
N ARG A 1029 36.21 18.64 -33.76
CA ARG A 1029 37.09 19.66 -33.28
C ARG A 1029 36.47 21.03 -33.14
N TYR A 1030 35.17 21.11 -33.29
CA TYR A 1030 34.48 22.37 -33.17
C TYR A 1030 33.24 22.09 -32.39
N ALA A 1031 33.26 22.44 -31.11
CA ALA A 1031 32.23 22.09 -30.15
C ALA A 1031 31.57 23.35 -29.57
N LYS A 1032 30.27 23.25 -29.31
CA LYS A 1032 29.43 24.32 -28.70
C LYS A 1032 28.71 23.87 -27.44
N ASP A 1033 28.81 24.67 -26.38
CA ASP A 1033 27.96 24.54 -25.18
C ASP A 1033 27.21 25.87 -24.98
N VAL A 1034 26.33 26.19 -25.90
CA VAL A 1034 25.69 27.47 -25.88
C VAL A 1034 24.16 27.32 -25.56
N TRP A 1035 23.56 28.42 -25.15
CA TRP A 1035 22.18 28.42 -24.76
C TRP A 1035 21.53 29.74 -25.07
N ALA A 1036 20.21 29.72 -25.07
CA ALA A 1036 19.42 30.91 -25.29
C ALA A 1036 19.15 31.49 -23.93
N GLY A 1037 19.64 30.76 -22.99
CA GLY A 1037 19.48 31.01 -21.57
C GLY A 1037 20.76 30.72 -20.79
N LYS B 4 -26.94 -45.09 44.78
CA LYS B 4 -27.65 -45.48 43.49
C LYS B 4 -26.87 -46.39 42.57
N GLU B 5 -27.62 -47.23 41.87
CA GLU B 5 -27.08 -48.00 40.75
C GLU B 5 -27.25 -47.22 39.41
N MET B 6 -26.20 -47.16 38.60
CA MET B 6 -26.27 -46.31 37.44
C MET B 6 -26.85 -47.06 36.25
N PRO B 7 -27.67 -46.37 35.47
CA PRO B 7 -28.21 -46.81 34.19
C PRO B 7 -27.13 -47.31 33.25
N GLN B 8 -27.55 -48.12 32.33
CA GLN B 8 -26.66 -48.68 31.38
C GLN B 8 -27.49 -48.91 30.11
N PRO B 9 -26.95 -48.59 28.91
CA PRO B 9 -27.65 -48.80 27.68
C PRO B 9 -27.73 -50.29 27.35
N LYS B 10 -28.38 -50.57 26.21
CA LYS B 10 -28.72 -51.92 25.85
C LYS B 10 -27.46 -52.74 25.65
N THR B 11 -27.54 -54.05 26.00
CA THR B 11 -26.43 -54.93 25.95
C THR B 11 -26.62 -56.05 24.89
N PHE B 12 -25.51 -56.66 24.55
CA PHE B 12 -25.40 -57.63 23.39
C PHE B 12 -24.73 -58.91 23.97
N GLY B 13 -25.35 -59.50 24.98
CA GLY B 13 -24.81 -60.73 25.53
C GLY B 13 -23.38 -60.52 25.99
N GLU B 14 -22.48 -61.44 25.62
CA GLU B 14 -21.07 -61.37 26.09
C GLU B 14 -20.27 -60.12 25.63
N LEU B 15 -20.74 -59.43 24.58
CA LEU B 15 -20.10 -58.18 24.13
C LEU B 15 -20.51 -56.95 24.92
N LYS B 16 -21.45 -57.14 25.81
CA LYS B 16 -21.94 -56.05 26.64
C LYS B 16 -22.33 -54.91 25.76
N ASN B 17 -21.79 -53.72 26.04
CA ASN B 17 -22.13 -52.56 25.19
C ASN B 17 -21.26 -52.28 24.00
N LEU B 18 -20.21 -53.08 23.80
CA LEU B 18 -19.30 -52.83 22.73
C LEU B 18 -19.93 -52.55 21.36
N PRO B 19 -20.92 -53.37 20.92
CA PRO B 19 -21.48 -53.10 19.61
C PRO B 19 -22.17 -51.73 19.46
N LEU B 20 -22.46 -51.03 20.54
CA LEU B 20 -23.01 -49.64 20.40
C LEU B 20 -22.05 -48.71 19.70
N LEU B 21 -20.78 -49.10 19.68
CA LEU B 21 -19.73 -48.28 19.04
C LEU B 21 -19.46 -48.65 17.59
N ASN B 22 -20.15 -49.69 17.12
CA ASN B 22 -20.11 -50.11 15.70
C ASN B 22 -21.02 -49.23 14.84
N THR B 23 -20.53 -48.00 14.62
CA THR B 23 -21.25 -46.97 13.92
C THR B 23 -20.24 -45.98 13.49
N ASP B 24 -20.53 -45.30 12.38
CA ASP B 24 -19.67 -44.23 11.89
C ASP B 24 -19.83 -42.99 12.75
N LYS B 25 -20.82 -42.91 13.64
CA LYS B 25 -20.99 -41.62 14.42
C LYS B 25 -21.17 -41.99 15.91
N PRO B 26 -20.07 -42.38 16.57
CA PRO B 26 -20.24 -42.94 17.90
C PRO B 26 -20.51 -41.89 19.00
N VAL B 27 -19.96 -40.71 18.87
CA VAL B 27 -20.28 -39.62 19.81
C VAL B 27 -21.74 -39.23 19.72
N GLN B 28 -22.26 -39.10 18.51
CA GLN B 28 -23.68 -38.78 18.37
C GLN B 28 -24.57 -39.89 18.96
N ALA B 29 -24.14 -41.15 18.83
CA ALA B 29 -24.86 -42.29 19.44
C ALA B 29 -24.82 -42.19 20.95
N LEU B 30 -23.63 -41.95 21.49
CA LEU B 30 -23.53 -41.70 22.94
C LEU B 30 -24.40 -40.55 23.46
N MET B 31 -24.48 -39.49 22.70
CA MET B 31 -25.30 -38.37 23.05
C MET B 31 -26.80 -38.79 23.15
N LYS B 32 -27.24 -39.62 22.22
CA LYS B 32 -28.63 -40.09 22.20
C LYS B 32 -28.88 -40.99 23.42
N ILE B 33 -27.89 -41.75 23.79
CA ILE B 33 -27.98 -42.62 24.96
C ILE B 33 -28.08 -41.73 26.21
N ALA B 34 -27.28 -40.67 26.25
CA ALA B 34 -27.35 -39.76 27.38
C ALA B 34 -28.72 -39.13 27.52
N ASP B 35 -29.29 -38.68 26.43
CA ASP B 35 -30.62 -38.06 26.47
C ASP B 35 -31.63 -39.01 27.02
N GLU B 36 -31.45 -40.30 26.72
CA GLU B 36 -32.27 -41.40 27.21
C GLU B 36 -32.06 -41.82 28.65
N LEU B 37 -30.81 -41.82 29.07
CA LEU B 37 -30.47 -42.30 30.39
C LEU B 37 -30.16 -41.27 31.44
N GLY B 38 -29.74 -40.08 31.03
CA GLY B 38 -29.57 -38.95 31.94
C GLY B 38 -28.10 -38.62 32.24
N GLU B 39 -27.84 -38.07 33.41
CA GLU B 39 -26.54 -37.50 33.71
C GLU B 39 -25.37 -38.47 33.79
N ILE B 40 -25.62 -39.76 33.98
CA ILE B 40 -24.55 -40.73 34.14
C ILE B 40 -25.02 -42.08 33.66
N PHE B 41 -24.16 -42.73 32.90
CA PHE B 41 -24.34 -44.11 32.57
C PHE B 41 -23.05 -44.89 32.50
N LYS B 42 -23.17 -46.18 32.84
CA LYS B 42 -22.07 -47.12 32.67
C LYS B 42 -22.02 -47.67 31.24
N PHE B 43 -20.80 -47.81 30.73
CA PHE B 43 -20.57 -48.39 29.43
C PHE B 43 -19.52 -49.47 29.64
N GLU B 44 -19.90 -50.73 29.35
CA GLU B 44 -19.01 -51.87 29.53
C GLU B 44 -18.70 -52.54 28.22
N ALA B 45 -17.45 -52.99 28.10
CA ALA B 45 -17.01 -53.82 26.99
C ALA B 45 -16.32 -55.02 27.65
N PRO B 46 -16.00 -56.06 26.86
CA PRO B 46 -15.25 -57.17 27.46
C PRO B 46 -13.92 -56.67 28.02
N GLY B 47 -13.78 -56.81 29.33
CA GLY B 47 -12.57 -56.38 30.08
C GLY B 47 -12.50 -54.88 30.41
N ARG B 48 -13.55 -54.11 30.24
CA ARG B 48 -13.36 -52.65 30.30
C ARG B 48 -14.64 -52.01 30.71
N VAL B 49 -14.54 -51.01 31.59
CA VAL B 49 -15.68 -50.19 31.96
C VAL B 49 -15.32 -48.71 32.02
N THR B 50 -16.24 -47.86 31.61
CA THR B 50 -16.12 -46.43 31.82
C THR B 50 -17.54 -45.88 32.12
N ARG B 51 -17.58 -44.67 32.62
CA ARG B 51 -18.81 -44.05 33.07
C ARG B 51 -18.90 -42.71 32.37
N TYR B 52 -19.98 -42.52 31.60
CA TYR B 52 -20.20 -41.32 30.80
C TYR B 52 -21.01 -40.29 31.58
N LEU B 53 -20.39 -39.11 31.78
CA LEU B 53 -21.01 -37.97 32.48
C LEU B 53 -21.49 -36.86 31.58
N SER B 54 -22.67 -36.34 31.87
CA SER B 54 -23.34 -35.36 31.03
C SER B 54 -23.85 -34.14 31.77
N SER B 55 -23.87 -34.14 33.10
CA SER B 55 -24.43 -33.00 33.84
C SER B 55 -23.33 -32.18 34.42
N GLN B 56 -23.47 -30.85 34.41
CA GLN B 56 -22.54 -29.98 35.13
C GLN B 56 -22.42 -30.37 36.63
N ARG B 57 -23.52 -30.79 37.28
CA ARG B 57 -23.50 -31.28 38.68
C ARG B 57 -22.41 -32.34 38.95
N LEU B 58 -22.22 -33.30 38.04
CA LEU B 58 -21.24 -34.34 38.27
C LEU B 58 -19.89 -33.91 37.71
N ILE B 59 -19.94 -33.15 36.62
CA ILE B 59 -18.72 -32.86 35.91
C ILE B 59 -17.89 -31.89 36.66
N LYS B 60 -18.54 -31.05 37.45
CA LYS B 60 -17.77 -30.14 38.31
C LYS B 60 -16.94 -30.95 39.33
N GLU B 61 -17.48 -32.09 39.76
CA GLU B 61 -16.74 -32.91 40.70
C GLU B 61 -15.62 -33.65 39.95
N ALA B 62 -15.94 -34.22 38.78
CA ALA B 62 -14.89 -34.84 37.90
C ALA B 62 -13.69 -33.90 37.63
N CYS B 63 -13.97 -32.62 37.51
CA CYS B 63 -12.95 -31.60 37.30
C CYS B 63 -12.12 -31.17 38.53
N ASP B 64 -12.35 -31.83 39.66
CA ASP B 64 -11.59 -31.58 40.90
C ASP B 64 -10.29 -32.35 40.74
N GLU B 65 -9.21 -31.62 40.51
CA GLU B 65 -7.88 -32.23 40.21
C GLU B 65 -7.27 -32.92 41.45
N SER B 66 -7.82 -32.67 42.62
CA SER B 66 -7.32 -33.35 43.80
C SER B 66 -7.96 -34.72 43.85
N ARG B 67 -9.02 -34.96 43.09
CA ARG B 67 -9.68 -36.29 43.11
C ARG B 67 -9.57 -37.10 41.83
N PHE B 68 -9.39 -36.44 40.68
CA PHE B 68 -9.32 -37.07 39.38
C PHE B 68 -8.21 -36.43 38.55
N ASP B 69 -7.53 -37.25 37.75
CA ASP B 69 -6.52 -36.83 36.84
C ASP B 69 -6.90 -37.25 35.44
N LYS B 70 -6.29 -36.63 34.43
CA LYS B 70 -6.47 -37.04 33.03
C LYS B 70 -6.13 -38.53 32.83
N ASN B 71 -7.06 -39.19 32.17
CA ASN B 71 -6.91 -40.58 31.72
C ASN B 71 -6.72 -40.54 30.24
N LEU B 72 -5.97 -41.55 29.77
CA LEU B 72 -5.98 -41.91 28.38
C LEU B 72 -7.18 -42.84 28.14
N SER B 73 -8.22 -42.31 27.50
CA SER B 73 -9.31 -43.14 26.97
C SER B 73 -8.75 -44.19 26.00
N GLN B 74 -9.51 -45.25 25.72
CA GLN B 74 -9.13 -46.11 24.62
C GLN B 74 -8.71 -45.36 23.34
N ALA B 75 -9.47 -44.34 22.95
CA ALA B 75 -9.17 -43.55 21.79
C ALA B 75 -7.77 -43.01 21.90
N LEU B 76 -7.42 -42.43 23.02
CA LEU B 76 -6.13 -41.79 23.15
C LEU B 76 -5.01 -42.81 23.22
N LYS B 77 -5.28 -43.97 23.78
CA LYS B 77 -4.27 -45.01 23.82
C LYS B 77 -3.91 -45.45 22.38
N PHE B 78 -4.89 -45.48 21.48
CA PHE B 78 -4.65 -45.88 20.08
C PHE B 78 -3.90 -44.74 19.38
N VAL B 79 -4.32 -43.50 19.57
CA VAL B 79 -3.56 -42.39 19.00
C VAL B 79 -2.12 -42.23 19.61
N ARG B 80 -1.80 -42.79 20.78
CA ARG B 80 -0.42 -42.65 21.30
C ARG B 80 0.46 -43.40 20.37
N ASP B 81 -0.05 -44.37 19.63
CA ASP B 81 0.79 -45.07 18.72
C ASP B 81 1.55 -44.12 17.82
N PHE B 82 0.99 -42.95 17.48
CA PHE B 82 1.77 -41.97 16.72
C PHE B 82 2.02 -40.65 17.50
N PHE B 83 1.24 -40.39 18.55
CA PHE B 83 1.40 -39.12 19.30
C PHE B 83 2.46 -39.30 20.43
N GLY B 84 2.78 -40.57 20.74
CA GLY B 84 3.73 -40.93 21.81
C GLY B 84 3.47 -40.27 23.17
N ASP B 85 4.56 -39.80 23.75
CA ASP B 85 4.48 -39.12 25.06
C ASP B 85 4.63 -37.61 24.83
N GLY B 86 4.16 -37.17 23.67
CA GLY B 86 3.80 -35.79 23.47
C GLY B 86 2.83 -35.30 24.49
N LEU B 87 2.60 -33.98 24.52
CA LEU B 87 1.75 -33.35 25.56
C LEU B 87 0.32 -33.90 25.63
N PHE B 88 -0.25 -34.21 24.46
N PHE B 88 -0.26 -34.21 24.48
CA PHE B 88 -1.64 -34.71 24.37
CA PHE B 88 -1.64 -34.67 24.42
C PHE B 88 -1.88 -36.13 24.93
C PHE B 88 -1.89 -36.13 24.92
N THR B 89 -0.95 -37.04 24.68
CA THR B 89 -1.11 -38.47 25.06
C THR B 89 -0.13 -38.92 26.18
N SER B 90 0.55 -37.98 26.82
CA SER B 90 1.37 -38.33 27.98
C SER B 90 0.49 -38.30 29.26
N TRP B 91 0.76 -39.25 30.18
CA TRP B 91 0.14 -39.20 31.48
C TRP B 91 0.73 -38.00 32.25
N THR B 92 -0.04 -37.44 33.17
CA THR B 92 0.41 -36.31 33.96
C THR B 92 1.69 -36.65 34.77
N HIS B 93 1.84 -37.93 35.12
CA HIS B 93 2.93 -38.33 35.99
C HIS B 93 4.18 -38.74 35.20
N GLU B 94 4.12 -38.80 33.86
CA GLU B 94 5.28 -39.07 33.06
C GLU B 94 6.12 -37.78 33.05
N LYS B 95 7.42 -37.98 33.28
CA LYS B 95 8.39 -36.86 33.35
C LYS B 95 8.29 -35.96 32.16
N ASN B 96 8.02 -36.54 30.98
CA ASN B 96 8.01 -35.73 29.76
C ASN B 96 6.80 -34.80 29.68
N TRP B 97 5.75 -35.01 30.48
CA TRP B 97 4.57 -34.13 30.46
C TRP B 97 4.91 -32.72 31.01
N LYS B 98 5.29 -32.65 32.27
CA LYS B 98 5.56 -31.37 32.93
C LYS B 98 6.75 -30.70 32.29
N LYS B 99 7.72 -31.46 31.79
CA LYS B 99 8.86 -30.84 31.17
C LYS B 99 8.44 -30.09 29.91
N ALA B 100 7.75 -30.78 29.01
CA ALA B 100 7.21 -30.17 27.77
C ALA B 100 6.21 -29.07 28.02
N HIS B 101 5.41 -29.20 29.05
CA HIS B 101 4.40 -28.19 29.46
C HIS B 101 5.13 -26.87 29.80
N ASN B 102 6.18 -27.03 30.60
CA ASN B 102 6.97 -25.90 31.05
C ASN B 102 7.79 -25.32 29.92
N ILE B 103 8.35 -26.15 29.05
CA ILE B 103 9.13 -25.65 27.96
C ILE B 103 8.27 -24.93 26.86
N LEU B 104 7.07 -25.41 26.66
CA LEU B 104 6.25 -24.95 25.49
C LEU B 104 5.17 -23.91 25.84
N LEU B 105 4.80 -23.79 27.12
CA LEU B 105 3.82 -22.80 27.54
C LEU B 105 4.26 -21.40 27.10
N PRO B 106 5.55 -21.10 27.14
CA PRO B 106 5.95 -19.72 26.69
C PRO B 106 5.72 -19.36 25.21
N SER B 107 5.55 -20.39 24.37
CA SER B 107 5.11 -20.24 22.99
C SER B 107 3.64 -19.78 22.84
N PHE B 108 2.90 -19.70 23.91
CA PHE B 108 1.50 -19.26 23.87
C PHE B 108 1.29 -18.08 24.81
N SER B 109 2.38 -17.44 25.17
CA SER B 109 2.31 -16.20 25.92
C SER B 109 1.73 -15.11 25.03
N GLN B 110 1.36 -13.99 25.62
CA GLN B 110 0.86 -12.85 24.86
C GLN B 110 1.81 -12.30 23.84
N GLN B 111 3.10 -12.20 24.18
CA GLN B 111 4.10 -11.76 23.27
C GLN B 111 4.24 -12.72 22.06
N ALA B 112 4.20 -14.02 22.34
CA ALA B 112 4.29 -15.03 21.29
C ALA B 112 3.09 -14.87 20.36
N MET B 113 1.90 -14.71 20.94
CA MET B 113 0.66 -14.58 20.17
C MET B 113 0.74 -13.40 19.24
N LYS B 114 1.15 -12.23 19.79
CA LYS B 114 1.43 -11.04 18.98
C LYS B 114 2.35 -11.31 17.83
N GLY B 115 3.37 -12.11 18.07
CA GLY B 115 4.31 -12.44 17.05
C GLY B 115 3.87 -13.48 16.01
N TYR B 116 2.80 -14.25 16.29
CA TYR B 116 2.18 -15.10 15.29
C TYR B 116 1.19 -14.31 14.39
N HIS B 117 0.70 -13.15 14.82
CA HIS B 117 -0.36 -12.48 14.11
C HIS B 117 -0.10 -12.37 12.58
N ALA B 118 1.08 -11.87 12.22
CA ALA B 118 1.42 -11.55 10.82
C ALA B 118 1.34 -12.79 9.96
N MET B 119 1.80 -13.91 10.49
CA MET B 119 1.75 -15.13 9.76
C MET B 119 0.34 -15.70 9.63
N MET B 120 -0.49 -15.51 10.66
CA MET B 120 -1.92 -15.88 10.55
C MET B 120 -2.59 -15.08 9.45
N VAL B 121 -2.24 -13.80 9.34
CA VAL B 121 -2.80 -12.95 8.34
C VAL B 121 -2.40 -13.40 6.97
N ASP B 122 -1.19 -13.94 6.83
CA ASP B 122 -0.68 -14.42 5.60
C ASP B 122 -1.59 -15.52 5.02
N ILE B 123 -1.87 -16.51 5.87
CA ILE B 123 -2.74 -17.58 5.44
C ILE B 123 -4.19 -17.13 5.26
N ALA B 124 -4.72 -16.26 6.11
CA ALA B 124 -6.07 -15.80 5.99
C ALA B 124 -6.29 -15.01 4.70
N VAL B 125 -5.29 -14.19 4.32
CA VAL B 125 -5.32 -13.48 3.03
C VAL B 125 -5.32 -14.48 1.84
N GLN B 126 -4.59 -15.59 1.95
CA GLN B 126 -4.63 -16.61 0.94
C GLN B 126 -6.10 -17.21 0.77
N LEU B 127 -6.80 -17.41 1.86
CA LEU B 127 -8.18 -17.96 1.84
C LEU B 127 -9.12 -16.91 1.24
N VAL B 128 -9.09 -15.68 1.72
CA VAL B 128 -9.95 -14.62 1.15
C VAL B 128 -9.70 -14.50 -0.38
N GLN B 129 -8.45 -14.56 -0.79
CA GLN B 129 -8.10 -14.43 -2.22
C GLN B 129 -8.62 -15.56 -3.07
N LYS B 130 -8.53 -16.79 -2.58
CA LYS B 130 -9.06 -17.92 -3.31
C LYS B 130 -10.51 -17.61 -3.57
N TRP B 131 -11.23 -17.22 -2.53
CA TRP B 131 -12.70 -16.98 -2.72
C TRP B 131 -13.05 -15.76 -3.61
N GLU B 132 -12.31 -14.66 -3.48
CA GLU B 132 -12.42 -13.52 -4.36
C GLU B 132 -12.24 -13.92 -5.83
N ARG B 133 -11.42 -14.94 -6.04
CA ARG B 133 -11.05 -15.34 -7.39
C ARG B 133 -11.92 -16.43 -8.01
N LEU B 134 -12.88 -16.97 -7.28
CA LEU B 134 -13.87 -17.83 -7.92
C LEU B 134 -14.81 -17.08 -8.93
N ASN B 135 -15.19 -17.77 -9.97
CA ASN B 135 -16.09 -17.34 -10.98
C ASN B 135 -17.54 -17.42 -10.50
N ALA B 136 -18.41 -16.82 -11.28
CA ALA B 136 -19.77 -16.72 -10.89
C ALA B 136 -20.36 -18.10 -10.70
N ASP B 137 -21.22 -18.25 -9.73
CA ASP B 137 -21.82 -19.59 -9.51
C ASP B 137 -20.89 -20.74 -9.11
N GLU B 138 -19.58 -20.51 -8.92
CA GLU B 138 -18.71 -21.56 -8.33
C GLU B 138 -19.03 -21.60 -6.84
N HIS B 139 -18.78 -22.72 -6.19
CA HIS B 139 -19.01 -22.80 -4.76
C HIS B 139 -17.75 -23.18 -3.98
N ILE B 140 -17.91 -23.19 -2.67
CA ILE B 140 -16.83 -23.34 -1.65
C ILE B 140 -17.15 -24.58 -0.85
N GLU B 141 -16.16 -25.48 -0.74
CA GLU B 141 -16.23 -26.63 0.09
C GLU B 141 -15.68 -26.13 1.38
N VAL B 142 -16.56 -25.97 2.37
CA VAL B 142 -16.19 -25.26 3.58
C VAL B 142 -15.14 -26.01 4.45
N PRO B 143 -15.45 -27.22 4.94
CA PRO B 143 -14.44 -27.79 5.84
C PRO B 143 -13.08 -28.08 5.14
N GLU B 144 -13.12 -28.36 3.84
CA GLU B 144 -11.95 -28.56 3.04
C GLU B 144 -11.07 -27.30 3.03
N ASP B 145 -11.70 -26.14 2.81
CA ASP B 145 -10.95 -24.89 2.79
C ASP B 145 -10.52 -24.46 4.20
N MET B 146 -11.37 -24.72 5.20
CA MET B 146 -10.97 -24.42 6.58
C MET B 146 -9.73 -25.27 6.98
N THR B 147 -9.66 -26.52 6.54
CA THR B 147 -8.48 -27.36 6.79
C THR B 147 -7.26 -26.83 6.04
N ARG B 148 -7.45 -26.28 4.84
CA ARG B 148 -6.29 -25.72 4.15
C ARG B 148 -5.70 -24.61 4.98
N LEU B 149 -6.59 -23.76 5.48
CA LEU B 149 -6.20 -22.61 6.25
C LEU B 149 -5.60 -22.98 7.61
N THR B 150 -6.21 -23.88 8.35
CA THR B 150 -5.73 -24.20 9.71
C THR B 150 -4.42 -24.99 9.69
N LEU B 151 -4.31 -25.99 8.82
CA LEU B 151 -3.03 -26.71 8.71
C LEU B 151 -1.90 -25.76 8.31
N ASP B 152 -2.14 -24.87 7.34
CA ASP B 152 -1.10 -23.95 6.90
C ASP B 152 -0.72 -22.99 8.01
N THR B 153 -1.71 -22.54 8.79
CA THR B 153 -1.49 -21.59 9.85
C THR B 153 -0.57 -22.18 10.94
N ILE B 154 -0.85 -23.38 11.45
CA ILE B 154 0.07 -24.03 12.42
C ILE B 154 1.45 -24.40 11.78
N GLY B 155 1.45 -24.84 10.52
CA GLY B 155 2.69 -25.12 9.83
C GLY B 155 3.60 -23.90 9.80
N LEU B 156 3.03 -22.76 9.44
CA LEU B 156 3.78 -21.50 9.29
C LEU B 156 4.10 -20.82 10.63
N CYS B 157 3.09 -20.61 11.45
CA CYS B 157 3.32 -20.01 12.74
C CYS B 157 4.18 -20.87 13.66
N GLY B 158 4.03 -22.18 13.57
CA GLY B 158 4.65 -23.06 14.59
C GLY B 158 6.05 -23.50 14.21
N PHE B 159 6.27 -23.70 12.90
CA PHE B 159 7.40 -24.41 12.36
C PHE B 159 8.10 -23.73 11.15
N ASN B 160 7.62 -22.54 10.75
CA ASN B 160 8.10 -21.86 9.52
C ASN B 160 8.13 -22.80 8.33
N TYR B 161 7.08 -23.60 8.23
CA TYR B 161 7.00 -24.59 7.19
C TYR B 161 5.71 -24.31 6.39
N ARG B 162 5.77 -24.41 5.05
CA ARG B 162 4.61 -24.01 4.20
C ARG B 162 4.07 -25.25 3.59
N PHE B 163 2.89 -25.66 4.03
CA PHE B 163 2.24 -26.80 3.37
C PHE B 163 1.66 -26.41 2.00
N ASN B 164 1.47 -25.11 1.79
CA ASN B 164 0.91 -24.63 0.53
C ASN B 164 -0.37 -25.35 0.12
N SER B 165 -1.32 -25.40 1.04
CA SER B 165 -2.50 -26.21 0.82
C SER B 165 -3.40 -25.52 -0.22
N PHE B 166 -3.29 -24.20 -0.36
CA PHE B 166 -4.18 -23.45 -1.31
C PHE B 166 -3.68 -23.56 -2.75
N TYR B 167 -2.50 -24.19 -2.92
CA TYR B 167 -1.92 -24.51 -4.23
C TYR B 167 -2.23 -25.96 -4.59
N ARG B 168 -3.10 -26.61 -3.83
CA ARG B 168 -3.45 -27.99 -4.09
C ARG B 168 -4.93 -28.18 -4.33
N ASP B 169 -5.28 -29.04 -5.28
N ASP B 169 -5.17 -29.06 -5.32
CA ASP B 169 -6.66 -29.26 -5.62
CA ASP B 169 -6.46 -29.52 -5.82
C ASP B 169 -7.24 -30.38 -4.75
C ASP B 169 -7.15 -30.33 -4.74
N GLN B 170 -6.42 -31.34 -4.34
CA GLN B 170 -6.90 -32.35 -3.42
C GLN B 170 -6.45 -31.97 -2.03
N PRO B 171 -6.88 -32.72 -0.99
CA PRO B 171 -6.25 -32.44 0.30
C PRO B 171 -4.74 -32.75 0.29
N HIS B 172 -3.98 -32.02 1.09
CA HIS B 172 -2.54 -32.34 1.26
C HIS B 172 -2.36 -33.82 1.73
N PRO B 173 -1.33 -34.54 1.24
CA PRO B 173 -1.07 -35.94 1.66
C PRO B 173 -1.05 -36.16 3.18
N PHE B 174 -0.50 -35.18 3.91
CA PHE B 174 -0.48 -35.26 5.39
C PHE B 174 -1.92 -35.35 5.97
N ILE B 175 -2.84 -34.56 5.43
CA ILE B 175 -4.24 -34.62 5.83
C ILE B 175 -4.89 -35.96 5.50
N THR B 176 -4.64 -36.50 4.30
CA THR B 176 -5.17 -37.79 3.91
C THR B 176 -4.78 -38.95 4.87
N SER B 177 -3.49 -39.11 5.15
CA SER B 177 -3.02 -40.06 6.17
C SER B 177 -3.49 -39.72 7.62
N MET B 178 -3.56 -38.45 8.00
CA MET B 178 -4.10 -38.07 9.33
C MET B 178 -5.52 -38.61 9.46
N VAL B 179 -6.38 -38.26 8.50
CA VAL B 179 -7.78 -38.66 8.53
C VAL B 179 -7.89 -40.17 8.53
N ARG B 180 -7.13 -40.83 7.69
CA ARG B 180 -7.13 -42.31 7.68
C ARG B 180 -6.76 -42.92 9.06
N ALA B 181 -5.73 -42.36 9.68
CA ALA B 181 -5.20 -42.81 11.02
C ALA B 181 -6.23 -42.59 12.15
N LEU B 182 -6.81 -41.39 12.20
CA LEU B 182 -7.91 -41.10 13.12
C LEU B 182 -9.16 -42.00 12.90
N ASP B 183 -9.52 -42.20 11.64
N ASP B 183 -9.52 -42.23 11.64
CA ASP B 183 -10.63 -43.11 11.26
CA ASP B 183 -10.67 -43.09 11.33
C ASP B 183 -10.43 -44.52 11.81
C ASP B 183 -10.45 -44.54 11.78
N GLU B 184 -9.21 -45.02 11.63
CA GLU B 184 -8.84 -46.35 12.05
C GLU B 184 -8.86 -46.47 13.58
N ALA B 185 -8.32 -45.45 14.27
CA ALA B 185 -8.39 -45.41 15.72
C ALA B 185 -9.83 -45.43 16.16
N MET B 186 -10.70 -44.66 15.49
CA MET B 186 -12.09 -44.64 15.82
C MET B 186 -12.73 -46.02 15.57
N ASN B 187 -12.46 -46.62 14.40
CA ASN B 187 -13.06 -47.93 14.08
C ASN B 187 -12.59 -49.04 15.04
N LYS B 188 -11.32 -49.04 15.38
CA LYS B 188 -10.79 -49.90 16.43
C LYS B 188 -11.57 -49.99 17.76
N LEU B 189 -12.22 -48.91 18.15
CA LEU B 189 -12.95 -48.80 19.40
C LEU B 189 -13.99 -49.92 19.54
N GLN B 190 -14.63 -50.26 18.43
CA GLN B 190 -15.68 -51.28 18.42
C GLN B 190 -15.17 -52.72 18.23
N ARG B 191 -13.89 -52.91 17.92
CA ARG B 191 -13.39 -54.25 17.56
C ARG B 191 -13.37 -55.22 18.73
N ALA B 192 -14.12 -56.31 18.63
CA ALA B 192 -14.09 -57.35 19.67
C ALA B 192 -12.71 -58.06 19.70
N ASN B 193 -12.16 -58.39 18.53
CA ASN B 193 -10.91 -59.15 18.45
C ASN B 193 -9.87 -58.45 17.59
N PRO B 194 -9.18 -57.42 18.13
CA PRO B 194 -8.28 -56.54 17.38
C PRO B 194 -7.11 -57.30 16.74
N ASP B 195 -6.85 -58.53 17.17
CA ASP B 195 -5.82 -59.33 16.54
C ASP B 195 -6.35 -60.42 15.62
N ASP B 196 -7.64 -60.42 15.33
CA ASP B 196 -8.11 -61.17 14.18
C ASP B 196 -7.18 -60.72 13.02
N PRO B 197 -6.67 -61.69 12.21
CA PRO B 197 -5.87 -61.38 11.02
C PRO B 197 -6.69 -60.73 9.90
N ALA B 198 -8.02 -60.78 9.99
CA ALA B 198 -8.85 -59.92 9.15
C ALA B 198 -8.44 -58.40 9.22
N TYR B 199 -7.81 -57.97 10.33
CA TYR B 199 -7.38 -56.53 10.50
C TYR B 199 -5.91 -56.30 10.18
N ASP B 200 -5.27 -57.31 9.58
CA ASP B 200 -3.88 -57.26 9.16
C ASP B 200 -3.65 -56.08 8.17
N GLU B 201 -4.58 -55.90 7.24
CA GLU B 201 -4.47 -54.80 6.26
C GLU B 201 -4.66 -53.42 6.92
N ASN B 202 -5.58 -53.38 7.88
CA ASN B 202 -5.89 -52.16 8.63
C ASN B 202 -4.61 -51.65 9.31
N LYS B 203 -3.91 -52.59 9.93
CA LYS B 203 -2.67 -52.27 10.67
C LYS B 203 -1.59 -51.78 9.71
N ARG B 204 -1.56 -52.37 8.51
CA ARG B 204 -0.57 -52.07 7.49
C ARG B 204 -0.79 -50.65 6.93
N GLN B 205 -2.05 -50.33 6.67
CA GLN B 205 -2.42 -49.01 6.20
C GLN B 205 -2.08 -47.97 7.32
N PHE B 206 -2.37 -48.35 8.57
CA PHE B 206 -2.09 -47.53 9.76
C PHE B 206 -0.60 -47.15 9.84
N GLN B 207 0.29 -48.14 9.69
CA GLN B 207 1.73 -47.89 9.76
C GLN B 207 2.22 -47.01 8.58
N GLU B 208 1.63 -47.23 7.42
CA GLU B 208 2.02 -46.47 6.25
C GLU B 208 1.56 -44.98 6.42
N ASP B 209 0.37 -44.79 6.97
CA ASP B 209 -0.08 -43.46 7.28
C ASP B 209 0.80 -42.81 8.39
N ILE B 210 1.18 -43.59 9.39
CA ILE B 210 2.09 -43.08 10.43
C ILE B 210 3.42 -42.63 9.80
N LYS B 211 3.85 -43.41 8.80
CA LYS B 211 5.06 -43.11 8.05
C LYS B 211 4.99 -41.81 7.24
N VAL B 212 3.87 -41.57 6.54
CA VAL B 212 3.71 -40.36 5.74
C VAL B 212 3.83 -39.13 6.67
N MET B 213 3.22 -39.24 7.87
CA MET B 213 3.14 -38.13 8.83
C MET B 213 4.53 -37.90 9.40
N ASN B 214 5.24 -38.98 9.72
CA ASN B 214 6.58 -38.86 10.24
C ASN B 214 7.62 -38.40 9.18
N ASP B 215 7.39 -38.74 7.92
CA ASP B 215 8.28 -38.26 6.86
C ASP B 215 8.22 -36.72 6.78
N LEU B 216 7.02 -36.17 6.97
CA LEU B 216 6.86 -34.73 6.95
C LEU B 216 7.53 -34.09 8.17
N VAL B 217 7.39 -34.76 9.33
CA VAL B 217 8.07 -34.28 10.55
C VAL B 217 9.59 -34.18 10.32
N ASP B 218 10.13 -35.20 9.71
CA ASP B 218 11.58 -35.24 9.41
C ASP B 218 12.01 -34.05 8.53
N LYS B 219 11.16 -33.67 7.59
CA LYS B 219 11.45 -32.54 6.71
C LYS B 219 11.46 -31.23 7.47
N ILE B 220 10.49 -31.03 8.36
CA ILE B 220 10.42 -29.79 9.17
C ILE B 220 11.70 -29.67 9.96
N ILE B 221 12.15 -30.79 10.51
CA ILE B 221 13.36 -30.80 11.34
C ILE B 221 14.60 -30.49 10.52
N ALA B 222 14.62 -31.06 9.31
CA ALA B 222 15.73 -30.84 8.37
C ALA B 222 15.80 -29.39 7.87
N ASP B 223 14.66 -28.83 7.46
CA ASP B 223 14.53 -27.41 7.10
C ASP B 223 15.12 -26.52 8.17
N ARG B 224 14.78 -26.79 9.43
CA ARG B 224 15.19 -25.90 10.53
C ARG B 224 16.70 -25.97 10.78
N LYS B 225 17.23 -27.19 10.77
CA LYS B 225 18.69 -27.45 10.84
C LYS B 225 19.41 -26.71 9.69
N ALA B 226 18.54 -26.40 8.79
CA ALA B 226 19.06 -25.62 7.76
C ALA B 226 18.56 -24.27 8.16
N SER B 227 17.41 -24.22 8.79
CA SER B 227 16.84 -22.91 9.04
C SER B 227 17.85 -22.09 9.71
N GLY B 228 18.22 -20.97 9.11
CA GLY B 228 19.07 -20.12 9.88
C GLY B 228 17.85 -19.98 10.71
N GLU B 229 17.98 -20.19 11.99
CA GLU B 229 16.74 -20.17 12.74
C GLU B 229 16.67 -19.25 13.91
N GLN B 230 15.76 -18.30 13.87
CA GLN B 230 15.52 -17.53 15.05
C GLN B 230 14.20 -18.10 15.05
N SER B 231 13.55 -17.96 13.90
CA SER B 231 12.24 -18.48 13.71
C SER B 231 11.76 -18.66 15.08
N ASP B 232 11.86 -17.59 15.84
CA ASP B 232 11.48 -17.67 17.24
C ASP B 232 10.07 -18.22 17.51
N ASP B 233 9.88 -19.51 17.28
CA ASP B 233 8.53 -20.06 17.29
C ASP B 233 8.46 -21.30 18.17
N LEU B 234 7.39 -22.07 18.01
CA LEU B 234 7.22 -23.32 18.78
C LEU B 234 8.40 -24.32 18.62
N LEU B 235 8.83 -24.53 17.38
CA LEU B 235 9.98 -25.39 17.09
C LEU B 235 11.26 -24.86 17.75
N THR B 236 11.42 -23.53 17.75
CA THR B 236 12.64 -22.96 18.41
C THR B 236 12.63 -23.41 19.87
N HIS B 237 11.47 -23.35 20.52
CA HIS B 237 11.35 -23.69 21.93
C HIS B 237 11.52 -25.21 22.16
N MET B 238 11.02 -26.02 21.25
CA MET B 238 11.19 -27.45 21.30
C MET B 238 12.68 -27.79 21.28
N LEU B 239 13.45 -27.16 20.39
CA LEU B 239 14.83 -27.57 20.20
C LEU B 239 15.74 -26.88 21.19
N ASN B 240 15.32 -25.75 21.74
CA ASN B 240 16.21 -24.91 22.53
C ASN B 240 15.83 -24.63 23.99
N GLY B 241 14.57 -24.70 24.35
CA GLY B 241 14.18 -24.34 25.67
C GLY B 241 14.58 -25.38 26.72
N LYS B 242 14.81 -24.91 27.94
CA LYS B 242 15.07 -25.77 29.07
C LYS B 242 13.94 -25.60 30.01
N ASP B 243 13.53 -26.71 30.59
CA ASP B 243 12.55 -26.69 31.66
C ASP B 243 13.14 -26.11 32.90
N PRO B 244 12.51 -25.09 33.49
CA PRO B 244 13.11 -24.49 34.69
C PRO B 244 13.17 -25.43 35.85
N GLU B 245 12.25 -26.38 35.95
CA GLU B 245 12.31 -27.34 37.04
C GLU B 245 13.52 -28.30 36.96
N THR B 246 13.53 -29.23 36.02
CA THR B 246 14.64 -30.18 35.87
C THR B 246 15.96 -29.54 35.32
N GLY B 247 15.89 -28.39 34.68
CA GLY B 247 17.03 -27.80 33.97
C GLY B 247 17.31 -28.43 32.59
N GLU B 248 16.49 -29.42 32.18
CA GLU B 248 16.71 -30.24 30.98
C GLU B 248 15.89 -29.75 29.76
N PRO B 249 16.43 -29.90 28.55
CA PRO B 249 15.62 -29.74 27.35
C PRO B 249 14.98 -31.06 26.94
N LEU B 250 14.03 -30.99 26.00
CA LEU B 250 13.40 -32.16 25.39
C LEU B 250 14.41 -32.99 24.60
N ASP B 251 14.33 -34.31 24.62
CA ASP B 251 15.26 -35.06 23.80
C ASP B 251 14.63 -35.21 22.42
N ASP B 252 15.40 -35.79 21.49
CA ASP B 252 15.00 -35.91 20.09
C ASP B 252 13.71 -36.68 19.82
N GLU B 253 13.56 -37.81 20.47
CA GLU B 253 12.37 -38.65 20.33
C GLU B 253 11.10 -37.87 20.73
N ASN B 254 11.17 -37.18 21.85
CA ASN B 254 9.98 -36.49 22.34
C ASN B 254 9.65 -35.33 21.41
N ILE B 255 10.69 -34.62 20.95
CA ILE B 255 10.44 -33.50 20.05
C ILE B 255 9.65 -33.95 18.83
N ARG B 256 9.98 -35.12 18.27
CA ARG B 256 9.26 -35.63 17.10
C ARG B 256 7.80 -35.89 17.39
N TYR B 257 7.55 -36.42 18.57
CA TYR B 257 6.15 -36.57 18.99
C TYR B 257 5.53 -35.21 19.19
N GLN B 258 6.25 -34.27 19.75
CA GLN B 258 5.59 -32.97 19.89
C GLN B 258 5.18 -32.38 18.52
N ILE B 259 6.03 -32.57 17.50
CA ILE B 259 5.76 -31.93 16.23
C ILE B 259 4.50 -32.49 15.65
N ILE B 260 4.38 -33.84 15.63
CA ILE B 260 3.16 -34.46 15.10
C ILE B 260 1.93 -34.05 15.88
N THR B 261 2.04 -34.05 17.22
CA THR B 261 0.97 -33.60 18.11
C THR B 261 0.47 -32.19 17.79
N PHE B 262 1.39 -31.26 17.75
CA PHE B 262 1.01 -29.89 17.39
C PHE B 262 0.51 -29.69 15.95
N LEU B 263 1.10 -30.35 14.95
CA LEU B 263 0.50 -30.35 13.60
C LEU B 263 -0.98 -30.85 13.55
N ILE B 264 -1.33 -31.88 14.29
CA ILE B 264 -2.72 -32.34 14.31
C ILE B 264 -3.64 -31.57 15.25
N ALA B 265 -3.32 -31.57 16.55
CA ALA B 265 -4.12 -30.83 17.50
C ALA B 265 -4.16 -29.41 17.19
N GLY B 266 -3.04 -28.89 16.67
CA GLY B 266 -2.95 -27.52 16.21
C GLY B 266 -3.78 -27.06 15.00
N HIS B 267 -4.46 -27.99 14.31
CA HIS B 267 -5.35 -27.55 13.19
C HIS B 267 -6.70 -28.19 13.09
N GLU B 268 -6.78 -29.50 13.34
CA GLU B 268 -8.03 -30.22 13.02
C GLU B 268 -9.27 -29.65 13.71
N THR B 269 -9.19 -29.37 14.98
CA THR B 269 -10.31 -28.92 15.75
C THR B 269 -10.62 -27.47 15.48
N THR B 270 -9.63 -26.74 15.00
CA THR B 270 -9.91 -25.32 14.58
C THR B 270 -10.62 -25.26 13.26
N SER B 271 -10.28 -26.17 12.37
CA SER B 271 -11.00 -26.33 11.13
C SER B 271 -12.48 -26.63 11.36
N GLY B 272 -12.72 -27.57 12.27
CA GLY B 272 -14.04 -27.93 12.69
C GLY B 272 -14.81 -26.76 13.24
N LEU B 273 -14.16 -25.98 14.12
CA LEU B 273 -14.87 -24.84 14.74
C LEU B 273 -15.34 -23.79 13.67
N LEU B 274 -14.43 -23.41 12.78
CA LEU B 274 -14.75 -22.49 11.70
C LEU B 274 -15.87 -23.05 10.83
N SER B 275 -15.80 -24.34 10.51
CA SER B 275 -16.86 -24.94 9.70
C SER B 275 -18.24 -24.86 10.40
N PHE B 276 -18.33 -25.24 11.68
CA PHE B 276 -19.56 -25.16 12.46
C PHE B 276 -20.05 -23.72 12.64
N ALA B 277 -19.11 -22.82 12.84
CA ALA B 277 -19.46 -21.41 13.01
C ALA B 277 -20.05 -20.90 11.71
N LEU B 278 -19.49 -21.22 10.56
CA LEU B 278 -20.08 -20.71 9.28
C LEU B 278 -21.43 -21.39 9.09
N TYR B 279 -21.51 -22.68 9.40
CA TYR B 279 -22.78 -23.36 9.33
C TYR B 279 -23.87 -22.64 10.10
N PHE B 280 -23.62 -22.29 11.36
CA PHE B 280 -24.66 -21.71 12.22
C PHE B 280 -25.02 -20.26 11.77
N LEU B 281 -24.06 -19.56 11.25
CA LEU B 281 -24.30 -18.20 10.74
C LEU B 281 -25.24 -18.22 9.54
N VAL B 282 -25.01 -19.14 8.60
CA VAL B 282 -25.85 -19.12 7.42
C VAL B 282 -27.25 -19.61 7.79
N LYS B 283 -27.39 -20.36 8.88
CA LYS B 283 -28.68 -20.86 9.24
C LYS B 283 -29.40 -19.89 10.16
N ASN B 284 -28.74 -18.79 10.53
CA ASN B 284 -29.26 -17.80 11.49
C ASN B 284 -28.99 -16.41 10.95
N PRO B 285 -29.77 -16.04 9.89
CA PRO B 285 -29.37 -14.85 9.14
C PRO B 285 -29.30 -13.58 10.04
N HIS B 286 -30.09 -13.44 11.11
CA HIS B 286 -30.03 -12.25 11.93
C HIS B 286 -28.69 -12.22 12.68
N VAL B 287 -28.25 -13.39 13.17
CA VAL B 287 -26.92 -13.54 13.81
C VAL B 287 -25.75 -13.22 12.82
N LEU B 288 -25.80 -13.82 11.62
CA LEU B 288 -24.88 -13.43 10.51
C LEU B 288 -24.84 -11.90 10.33
N GLN B 289 -25.98 -11.27 10.19
CA GLN B 289 -25.94 -9.83 9.93
C GLN B 289 -25.31 -9.12 11.12
N LYS B 290 -25.58 -9.56 12.34
CA LYS B 290 -25.08 -8.82 13.51
C LYS B 290 -23.55 -9.00 13.57
N ALA B 291 -23.07 -10.16 13.16
CA ALA B 291 -21.62 -10.44 13.14
C ALA B 291 -20.98 -9.68 12.02
N ALA B 292 -21.60 -9.72 10.83
CA ALA B 292 -21.11 -8.92 9.71
C ALA B 292 -21.03 -7.45 10.01
N GLU B 293 -22.04 -6.90 10.67
CA GLU B 293 -21.98 -5.49 11.13
C GLU B 293 -20.73 -5.21 11.98
N GLU B 294 -20.42 -6.08 12.94
CA GLU B 294 -19.24 -5.86 13.77
C GLU B 294 -17.96 -5.89 12.95
N ALA B 295 -17.79 -6.89 12.11
CA ALA B 295 -16.64 -6.97 11.25
C ALA B 295 -16.37 -5.68 10.44
N ALA B 296 -17.43 -5.10 9.87
CA ALA B 296 -17.28 -3.93 9.04
C ALA B 296 -16.85 -2.75 9.89
N ARG B 297 -17.45 -2.64 11.08
CA ARG B 297 -17.27 -1.56 12.03
C ARG B 297 -15.84 -1.59 12.55
N VAL B 298 -15.33 -2.80 12.83
CA VAL B 298 -14.08 -2.94 13.54
C VAL B 298 -12.87 -2.99 12.65
N LEU B 299 -12.99 -3.78 11.56
CA LEU B 299 -11.90 -4.04 10.69
C LEU B 299 -11.79 -3.02 9.55
N VAL B 300 -11.36 -1.82 9.94
CA VAL B 300 -11.29 -0.68 9.03
C VAL B 300 -10.11 -0.63 8.13
N ASP B 301 -9.08 -1.43 8.39
CA ASP B 301 -7.84 -1.38 7.62
C ASP B 301 -7.79 -2.55 6.66
N PRO B 302 -6.88 -2.50 5.69
CA PRO B 302 -6.76 -3.51 4.66
C PRO B 302 -6.39 -4.88 5.15
N VAL B 303 -5.63 -4.96 6.24
CA VAL B 303 -5.52 -6.24 6.95
C VAL B 303 -5.67 -6.00 8.44
N PRO B 304 -6.25 -7.00 9.13
CA PRO B 304 -6.52 -6.74 10.53
C PRO B 304 -5.29 -6.66 11.38
N SER B 305 -5.32 -5.78 12.37
CA SER B 305 -4.30 -5.76 13.43
C SER B 305 -4.64 -6.73 14.57
N TYR B 306 -3.63 -7.00 15.39
CA TYR B 306 -3.81 -7.79 16.59
C TYR B 306 -4.86 -7.18 17.50
N LYS B 307 -4.72 -5.88 17.80
CA LYS B 307 -5.68 -5.21 18.69
C LYS B 307 -7.07 -5.20 18.09
N GLN B 308 -7.16 -5.16 16.76
CA GLN B 308 -8.46 -5.17 16.09
C GLN B 308 -9.14 -6.53 16.26
N VAL B 309 -8.40 -7.62 16.08
CA VAL B 309 -9.00 -8.95 16.34
C VAL B 309 -9.55 -9.06 17.76
N LYS B 310 -8.82 -8.56 18.74
CA LYS B 310 -9.30 -8.53 20.11
C LYS B 310 -10.58 -7.68 20.33
N GLN B 311 -10.91 -6.82 19.36
N GLN B 311 -10.98 -6.79 19.42
CA GLN B 311 -12.06 -5.93 19.37
CA GLN B 311 -12.25 -6.02 19.61
C GLN B 311 -13.35 -6.64 18.91
C GLN B 311 -13.43 -6.66 18.90
N LEU B 312 -13.20 -7.78 18.23
CA LEU B 312 -14.31 -8.59 17.68
C LEU B 312 -15.06 -9.48 18.71
N LYS B 313 -15.81 -8.82 19.60
CA LYS B 313 -16.50 -9.42 20.70
C LYS B 313 -17.58 -10.35 20.24
N TYR B 314 -18.39 -9.85 19.33
CA TYR B 314 -19.53 -10.69 18.87
C TYR B 314 -19.05 -11.88 18.09
N VAL B 315 -18.04 -11.69 17.25
CA VAL B 315 -17.45 -12.84 16.55
C VAL B 315 -16.97 -13.89 17.53
N GLY B 316 -16.32 -13.44 18.60
CA GLY B 316 -15.91 -14.29 19.72
C GLY B 316 -17.08 -15.08 20.29
N MET B 317 -18.19 -14.37 20.48
CA MET B 317 -19.42 -14.95 21.03
C MET B 317 -19.98 -16.08 20.08
N VAL B 318 -20.00 -15.80 18.78
CA VAL B 318 -20.34 -16.73 17.73
C VAL B 318 -19.48 -17.97 17.87
N LEU B 319 -18.16 -17.83 18.04
CA LEU B 319 -17.31 -19.01 18.09
C LEU B 319 -17.56 -19.85 19.35
N ASN B 320 -17.82 -19.19 20.47
CA ASN B 320 -18.00 -19.92 21.69
C ASN B 320 -19.33 -20.63 21.65
N GLU B 321 -20.31 -20.03 20.99
CA GLU B 321 -21.59 -20.68 20.83
C GLU B 321 -21.55 -21.88 19.90
N ALA B 322 -20.71 -21.82 18.86
CA ALA B 322 -20.42 -23.01 17.99
C ALA B 322 -19.75 -24.12 18.75
N LEU B 323 -18.80 -23.73 19.59
CA LEU B 323 -18.18 -24.72 20.52
C LEU B 323 -19.14 -25.24 21.55
N ARG B 324 -20.13 -24.44 22.02
CA ARG B 324 -21.08 -24.97 22.94
C ARG B 324 -21.84 -26.12 22.26
N LEU B 325 -22.49 -25.87 21.12
CA LEU B 325 -23.28 -26.94 20.46
C LEU B 325 -22.45 -28.10 19.95
N TRP B 326 -21.29 -27.84 19.37
CA TRP B 326 -20.51 -28.88 18.68
C TRP B 326 -19.03 -28.71 19.01
N PRO B 327 -18.68 -28.98 20.27
CA PRO B 327 -17.29 -28.94 20.65
C PRO B 327 -16.48 -29.93 19.86
N THR B 328 -15.47 -29.46 19.15
CA THR B 328 -14.89 -30.31 18.09
C THR B 328 -13.98 -31.44 18.55
N ALA B 329 -13.52 -31.39 19.80
CA ALA B 329 -12.90 -32.53 20.52
C ALA B 329 -13.92 -32.93 21.59
N PRO B 330 -14.81 -33.88 21.26
CA PRO B 330 -16.08 -33.85 22.07
C PRO B 330 -16.05 -34.60 23.40
N ALA B 331 -14.95 -35.21 23.72
CA ALA B 331 -14.84 -35.97 24.93
C ALA B 331 -13.45 -35.86 25.49
N PHE B 332 -13.35 -35.89 26.83
CA PHE B 332 -12.10 -36.18 27.52
C PHE B 332 -12.38 -37.11 28.70
N SER B 333 -11.33 -37.76 29.19
CA SER B 333 -11.43 -38.87 30.12
C SER B 333 -10.64 -38.58 31.38
N LEU B 334 -11.13 -39.08 32.50
CA LEU B 334 -10.50 -38.86 33.80
C LEU B 334 -10.45 -40.20 34.54
N TYR B 335 -9.50 -40.37 35.48
CA TYR B 335 -9.46 -41.49 36.41
C TYR B 335 -9.46 -41.05 37.90
N ALA B 336 -10.07 -41.86 38.77
CA ALA B 336 -10.20 -41.57 40.23
C ALA B 336 -8.86 -41.80 40.88
N LYS B 337 -8.30 -40.75 41.50
CA LYS B 337 -6.94 -40.89 42.08
C LYS B 337 -7.00 -41.73 43.32
N GLU B 338 -8.17 -41.76 43.98
CA GLU B 338 -8.40 -42.56 45.18
C GLU B 338 -9.84 -42.94 45.19
N ASP B 339 -10.22 -43.92 46.01
CA ASP B 339 -11.63 -44.21 46.22
C ASP B 339 -12.41 -43.00 46.54
N THR B 340 -13.58 -42.82 45.94
CA THR B 340 -14.31 -41.59 46.17
C THR B 340 -15.75 -41.72 45.77
N VAL B 341 -16.58 -40.81 46.23
CA VAL B 341 -18.00 -40.88 45.90
C VAL B 341 -18.39 -39.69 45.01
N LEU B 342 -18.88 -39.98 43.81
CA LEU B 342 -19.44 -38.99 42.95
C LEU B 342 -20.94 -38.65 43.19
N GLY B 343 -21.20 -37.37 43.37
CA GLY B 343 -22.53 -36.84 43.55
C GLY B 343 -23.27 -37.33 44.78
N GLY B 344 -22.54 -37.79 45.78
CA GLY B 344 -23.16 -38.43 46.97
C GLY B 344 -23.89 -39.74 46.72
N GLU B 345 -23.77 -40.29 45.51
CA GLU B 345 -24.59 -41.46 45.13
C GLU B 345 -23.84 -42.51 44.33
N TYR B 346 -22.67 -42.21 43.77
CA TYR B 346 -21.99 -43.15 42.89
C TYR B 346 -20.58 -43.38 43.41
N PRO B 347 -20.42 -44.49 44.16
CA PRO B 347 -19.08 -44.84 44.64
C PRO B 347 -18.13 -45.25 43.55
N LEU B 348 -16.89 -44.79 43.65
CA LEU B 348 -15.89 -45.13 42.67
C LEU B 348 -14.72 -45.70 43.43
N GLU B 349 -14.03 -46.66 42.82
CA GLU B 349 -12.74 -47.12 43.34
C GLU B 349 -11.62 -46.43 42.62
N LYS B 350 -10.49 -46.31 43.29
CA LYS B 350 -9.26 -45.83 42.72
C LYS B 350 -9.04 -46.47 41.38
N GLY B 351 -8.74 -45.62 40.41
CA GLY B 351 -8.50 -46.04 39.04
C GLY B 351 -9.69 -46.10 38.12
N ASP B 352 -10.89 -46.03 38.66
CA ASP B 352 -12.09 -46.05 37.84
C ASP B 352 -12.09 -44.87 36.86
N GLU B 353 -12.61 -45.11 35.64
CA GLU B 353 -12.55 -44.16 34.53
C GLU B 353 -13.87 -43.49 34.32
N LEU B 354 -13.78 -42.21 33.94
CA LEU B 354 -14.93 -41.39 33.58
C LEU B 354 -14.72 -40.80 32.21
N MET B 355 -15.82 -40.58 31.48
CA MET B 355 -15.78 -39.85 30.24
C MET B 355 -16.67 -38.64 30.39
N VAL B 356 -16.18 -37.47 30.03
CA VAL B 356 -16.96 -36.23 30.00
C VAL B 356 -17.44 -36.02 28.59
N LEU B 357 -18.76 -36.02 28.42
CA LEU B 357 -19.39 -36.02 27.11
C LEU B 357 -19.81 -34.58 26.93
N ILE B 358 -18.86 -33.85 26.35
CA ILE B 358 -18.87 -32.37 26.32
C ILE B 358 -20.14 -31.81 25.62
N PRO B 359 -20.52 -32.37 24.47
CA PRO B 359 -21.78 -31.79 23.87
C PRO B 359 -23.03 -31.92 24.76
N GLN B 360 -23.12 -32.97 25.58
CA GLN B 360 -24.22 -33.10 26.53
C GLN B 360 -24.09 -32.16 27.71
N LEU B 361 -22.88 -32.01 28.24
CA LEU B 361 -22.64 -31.01 29.29
C LEU B 361 -23.20 -29.67 28.80
N HIS B 362 -22.91 -29.37 27.53
CA HIS B 362 -23.24 -28.08 26.88
C HIS B 362 -24.74 -27.88 26.55
N ARG B 363 -25.50 -28.89 26.81
CA ARG B 363 -26.93 -28.93 26.68
C ARG B 363 -27.64 -29.13 28.02
N ASP B 364 -26.97 -28.90 29.15
CA ASP B 364 -27.57 -29.07 30.46
C ASP B 364 -28.53 -27.90 30.68
N LYS B 365 -29.85 -28.20 30.67
CA LYS B 365 -30.85 -27.15 30.79
C LYS B 365 -30.80 -26.45 32.17
N THR B 366 -30.29 -27.15 33.19
CA THR B 366 -30.18 -26.48 34.50
C THR B 366 -29.19 -25.31 34.44
N ILE B 367 -28.23 -25.37 33.51
CA ILE B 367 -27.26 -24.31 33.37
C ILE B 367 -27.73 -23.28 32.35
N TRP B 368 -28.16 -23.77 31.20
CA TRP B 368 -28.33 -22.94 30.02
C TRP B 368 -29.75 -22.50 29.75
N GLY B 369 -30.70 -23.12 30.41
CA GLY B 369 -32.10 -22.82 30.11
C GLY B 369 -32.67 -23.83 29.13
N ASP B 370 -33.95 -23.72 28.86
CA ASP B 370 -34.66 -24.70 28.07
C ASP B 370 -34.27 -24.68 26.59
N ASP B 371 -33.87 -23.53 26.07
CA ASP B 371 -33.65 -23.38 24.62
C ASP B 371 -32.23 -23.84 24.17
N VAL B 372 -31.73 -24.99 24.64
CA VAL B 372 -30.29 -25.31 24.47
C VAL B 372 -29.89 -25.65 23.05
N GLU B 373 -30.89 -25.92 22.20
CA GLU B 373 -30.60 -26.29 20.81
C GLU B 373 -30.51 -25.04 19.95
N GLU B 374 -30.91 -23.87 20.45
CA GLU B 374 -30.86 -22.64 19.65
C GLU B 374 -29.43 -22.12 19.62
N PHE B 375 -29.10 -21.45 18.54
CA PHE B 375 -27.81 -20.82 18.38
C PHE B 375 -27.95 -19.37 18.75
N ARG B 376 -27.47 -19.03 19.94
CA ARG B 376 -27.63 -17.71 20.51
C ARG B 376 -26.30 -17.27 21.15
N PRO B 377 -25.44 -16.60 20.39
CA PRO B 377 -24.13 -16.10 20.86
C PRO B 377 -24.28 -15.17 22.07
N GLU B 378 -25.46 -14.54 22.20
CA GLU B 378 -25.75 -13.62 23.32
C GLU B 378 -25.59 -14.35 24.66
N ARG B 379 -25.65 -15.69 24.64
CA ARG B 379 -25.40 -16.41 25.88
C ARG B 379 -24.05 -16.04 26.50
N PHE B 380 -23.12 -15.57 25.66
CA PHE B 380 -21.73 -15.39 26.02
C PHE B 380 -21.37 -13.92 26.17
N GLU B 381 -22.38 -13.07 26.32
CA GLU B 381 -22.20 -11.62 26.40
C GLU B 381 -21.40 -11.22 27.65
N ASN B 382 -21.64 -11.94 28.74
CA ASN B 382 -20.71 -11.85 29.90
C ASN B 382 -20.24 -13.24 30.29
N PRO B 383 -19.05 -13.64 29.86
CA PRO B 383 -18.63 -15.00 30.12
C PRO B 383 -18.45 -15.34 31.61
N SER B 384 -18.29 -14.31 32.44
CA SER B 384 -18.21 -14.44 33.89
C SER B 384 -19.39 -15.08 34.43
N ALA B 385 -20.54 -14.82 33.81
CA ALA B 385 -21.79 -15.34 34.30
C ALA B 385 -21.84 -16.86 34.25
N ILE B 386 -21.06 -17.48 33.38
CA ILE B 386 -21.16 -18.94 33.26
C ILE B 386 -20.54 -19.70 34.47
N PRO B 387 -21.28 -20.62 35.07
CA PRO B 387 -20.73 -21.32 36.23
C PRO B 387 -19.48 -22.10 35.92
N GLN B 388 -18.67 -22.40 36.95
CA GLN B 388 -17.44 -23.14 36.76
C GLN B 388 -17.80 -24.50 36.22
N HIS B 389 -17.02 -24.98 35.24
CA HIS B 389 -17.11 -26.35 34.69
C HIS B 389 -18.41 -26.65 33.88
N ALA B 390 -19.06 -25.60 33.41
CA ALA B 390 -20.29 -25.66 32.59
C ALA B 390 -19.99 -25.63 31.10
N PHE B 391 -18.87 -25.02 30.76
CA PHE B 391 -18.47 -24.81 29.36
C PHE B 391 -17.01 -25.21 29.26
N LYS B 392 -16.76 -26.40 28.73
CA LYS B 392 -15.41 -26.99 28.71
C LYS B 392 -14.92 -27.52 27.36
N PRO B 393 -15.06 -26.75 26.30
CA PRO B 393 -14.59 -27.25 25.02
C PRO B 393 -13.04 -27.41 24.92
N PHE B 394 -12.29 -26.81 25.86
CA PHE B 394 -10.81 -26.86 25.87
C PHE B 394 -10.30 -27.69 27.06
N GLY B 395 -11.15 -28.56 27.63
CA GLY B 395 -10.72 -29.53 28.63
C GLY B 395 -10.58 -28.86 30.01
N ASN B 396 -9.78 -29.44 30.93
CA ASN B 396 -9.80 -29.02 32.32
C ASN B 396 -8.39 -28.84 32.99
N GLY B 397 -8.27 -27.79 33.78
CA GLY B 397 -7.12 -27.67 34.68
C GLY B 397 -5.78 -27.61 34.01
N GLN B 398 -4.78 -28.27 34.61
CA GLN B 398 -3.41 -28.20 34.07
C GLN B 398 -3.28 -29.01 32.81
N ARG B 399 -4.27 -29.85 32.51
CA ARG B 399 -4.31 -30.60 31.27
C ARG B 399 -5.28 -30.00 30.26
N ALA B 400 -5.62 -28.75 30.44
CA ALA B 400 -6.49 -28.05 29.49
C ALA B 400 -5.67 -27.79 28.20
N CYS B 401 -6.39 -27.37 27.16
CA CYS B 401 -5.79 -27.04 25.87
C CYS B 401 -4.69 -25.98 26.02
N ILE B 402 -3.44 -26.32 25.66
CA ILE B 402 -2.39 -25.32 25.57
C ILE B 402 -2.61 -24.31 24.48
N GLY B 403 -3.30 -24.70 23.41
CA GLY B 403 -3.41 -23.80 22.26
C GLY B 403 -4.66 -23.01 22.15
N GLN B 404 -5.37 -22.84 23.26
CA GLN B 404 -6.74 -22.30 23.26
C GLN B 404 -6.77 -20.91 22.66
N GLN B 405 -5.85 -20.06 23.17
CA GLN B 405 -5.75 -18.68 22.67
C GLN B 405 -5.32 -18.63 21.21
N PHE B 406 -4.44 -19.51 20.77
CA PHE B 406 -4.03 -19.57 19.39
C PHE B 406 -5.25 -19.91 18.44
N ALA B 407 -6.00 -20.98 18.78
CA ALA B 407 -7.18 -21.34 18.03
C ALA B 407 -8.19 -20.26 17.96
N LEU B 408 -8.53 -19.70 19.09
CA LEU B 408 -9.50 -18.58 19.12
C LEU B 408 -9.04 -17.32 18.37
N HIS B 409 -7.74 -17.03 18.46
CA HIS B 409 -7.25 -15.82 17.76
C HIS B 409 -7.34 -16.01 16.27
N GLU B 410 -6.83 -17.15 15.82
CA GLU B 410 -6.93 -17.54 14.44
C GLU B 410 -8.42 -17.54 13.93
N ALA B 411 -9.29 -18.30 14.61
CA ALA B 411 -10.71 -18.40 14.19
C ALA B 411 -11.36 -17.01 14.10
N THR B 412 -11.05 -16.21 15.09
CA THR B 412 -11.70 -14.88 15.21
C THR B 412 -11.22 -14.01 14.05
N LEU B 413 -9.94 -14.08 13.76
CA LEU B 413 -9.33 -13.31 12.67
C LEU B 413 -9.93 -13.74 11.37
N VAL B 414 -9.96 -15.05 11.13
CA VAL B 414 -10.42 -15.57 9.87
C VAL B 414 -11.90 -15.27 9.71
N LEU B 415 -12.72 -15.51 10.73
CA LEU B 415 -14.16 -15.41 10.52
C LEU B 415 -14.45 -13.93 10.32
N GLY B 416 -13.73 -13.10 11.05
CA GLY B 416 -13.88 -11.65 10.87
C GLY B 416 -13.62 -11.17 9.47
N MET B 417 -12.52 -11.59 8.88
CA MET B 417 -12.25 -11.33 7.48
C MET B 417 -13.28 -11.87 6.50
N MET B 418 -13.75 -13.12 6.71
CA MET B 418 -14.76 -13.69 5.82
C MET B 418 -16.02 -12.83 5.81
N LEU B 419 -16.45 -12.40 7.01
CA LEU B 419 -17.65 -11.62 7.21
C LEU B 419 -17.51 -10.16 6.70
N LYS B 420 -16.30 -9.63 6.74
CA LYS B 420 -16.05 -8.29 6.17
C LYS B 420 -16.16 -8.34 4.63
N HIS B 421 -15.65 -9.40 4.05
CA HIS B 421 -15.32 -9.43 2.64
C HIS B 421 -16.36 -10.06 1.75
N PHE B 422 -17.25 -10.87 2.33
CA PHE B 422 -18.26 -11.56 1.53
C PHE B 422 -19.65 -11.60 2.15
N ASP B 423 -20.64 -11.81 1.26
CA ASP B 423 -21.98 -12.26 1.63
C ASP B 423 -22.04 -13.71 1.35
N PHE B 424 -22.68 -14.43 2.25
CA PHE B 424 -22.79 -15.90 2.10
C PHE B 424 -24.18 -16.43 1.76
N GLU B 425 -24.25 -17.52 1.00
CA GLU B 425 -25.51 -18.06 0.67
C GLU B 425 -25.45 -19.55 0.92
N ASP B 426 -26.43 -20.06 1.66
CA ASP B 426 -26.61 -21.50 1.86
C ASP B 426 -27.45 -22.00 0.66
N HIS B 427 -26.80 -22.15 -0.47
CA HIS B 427 -27.52 -22.35 -1.76
C HIS B 427 -28.10 -23.71 -1.93
N THR B 428 -27.66 -24.67 -1.12
CA THR B 428 -28.17 -26.04 -1.25
C THR B 428 -29.16 -26.31 -0.15
N ASN B 429 -29.40 -25.32 0.73
CA ASN B 429 -30.15 -25.57 1.98
C ASN B 429 -29.58 -26.83 2.66
N TYR B 430 -28.30 -26.77 2.96
CA TYR B 430 -27.51 -27.86 3.53
C TYR B 430 -28.05 -28.44 4.82
N GLU B 431 -28.24 -29.76 4.81
CA GLU B 431 -28.66 -30.54 5.99
C GLU B 431 -27.42 -31.04 6.76
N LEU B 432 -27.30 -30.57 8.00
CA LEU B 432 -26.12 -30.89 8.87
C LEU B 432 -25.87 -32.39 8.91
N ASP B 433 -24.64 -32.77 8.58
CA ASP B 433 -24.20 -34.12 8.61
C ASP B 433 -22.82 -34.14 9.23
N ILE B 434 -22.72 -34.74 10.42
CA ILE B 434 -21.51 -34.54 11.25
C ILE B 434 -20.60 -35.76 11.16
N LYS B 435 -19.45 -35.55 10.51
CA LYS B 435 -18.47 -36.59 10.34
C LYS B 435 -17.60 -36.74 11.60
N GLU B 436 -17.41 -38.00 12.01
CA GLU B 436 -16.59 -38.29 13.20
C GLU B 436 -15.27 -38.93 12.84
N THR B 437 -14.20 -38.32 13.36
CA THR B 437 -12.84 -38.83 13.22
C THR B 437 -12.18 -38.70 14.62
N LEU B 438 -12.90 -39.18 15.62
CA LEU B 438 -12.76 -38.83 17.01
C LEU B 438 -13.19 -37.38 17.22
N THR B 439 -12.58 -36.50 16.40
CA THR B 439 -13.00 -35.10 16.37
C THR B 439 -14.26 -34.99 15.50
N LEU B 440 -14.93 -33.85 15.59
CA LEU B 440 -16.18 -33.61 14.81
C LEU B 440 -16.06 -32.51 13.76
N LYS B 441 -16.73 -32.68 12.59
CA LYS B 441 -16.74 -31.66 11.56
C LYS B 441 -17.94 -31.87 10.64
N PRO B 442 -18.55 -30.79 10.14
CA PRO B 442 -19.58 -30.97 9.12
C PRO B 442 -18.97 -31.62 7.85
N GLU B 443 -19.69 -32.60 7.34
CA GLU B 443 -19.30 -33.16 6.03
C GLU B 443 -20.21 -32.65 4.92
N GLY B 444 -19.64 -32.35 3.78
CA GLY B 444 -20.44 -31.93 2.58
C GLY B 444 -20.97 -30.52 2.65
N PHE B 445 -20.57 -29.77 3.67
CA PHE B 445 -21.09 -28.43 3.80
C PHE B 445 -20.51 -27.54 2.69
N VAL B 446 -21.38 -26.88 1.92
CA VAL B 446 -20.99 -26.00 0.81
C VAL B 446 -21.77 -24.69 0.90
N VAL B 447 -21.17 -23.60 0.44
CA VAL B 447 -21.84 -22.32 0.39
C VAL B 447 -21.41 -21.60 -0.91
N LYS B 448 -22.02 -20.50 -1.21
CA LYS B 448 -21.45 -19.61 -2.20
C LYS B 448 -21.13 -18.31 -1.48
N ALA B 449 -20.08 -17.64 -1.92
CA ALA B 449 -19.64 -16.42 -1.32
C ALA B 449 -19.62 -15.33 -2.40
N LYS B 450 -20.44 -14.29 -2.23
CA LYS B 450 -20.43 -13.11 -3.13
C LYS B 450 -19.60 -11.94 -2.55
N SER B 451 -18.52 -11.58 -3.27
CA SER B 451 -17.57 -10.63 -2.80
C SER B 451 -18.25 -9.34 -2.64
N LYS B 452 -17.87 -8.64 -1.58
CA LYS B 452 -18.29 -7.28 -1.38
C LYS B 452 -17.27 -6.28 -1.99
N LYS B 453 -16.40 -6.81 -2.82
CA LYS B 453 -15.51 -5.92 -3.49
C LYS B 453 -15.14 -4.90 -2.46
N ILE B 454 -15.39 -5.29 -1.13
CA ILE B 454 -15.23 -4.40 0.10
C ILE B 454 -15.60 -3.36 -0.90
N PRO B 455 -16.57 -3.38 -1.92
CA PRO B 455 -16.83 -2.45 -3.20
C PRO B 455 -15.70 -2.12 -4.43
N LEU B 456 -15.97 -2.44 -5.71
CA LEU B 456 -14.97 -2.19 -6.81
C LEU B 456 -15.63 -1.90 -8.13
N LYS B 457 -16.84 -2.39 -8.29
CA LYS B 457 -17.48 -2.25 -9.58
C LYS B 457 -17.21 -0.92 -10.23
N LYS B 458 -16.37 -0.84 -11.26
CA LYS B 458 -15.98 0.47 -11.79
C LYS B 458 -16.33 0.81 -13.24
N VAL B 459 -16.57 2.08 -13.50
CA VAL B 459 -17.02 2.52 -14.83
C VAL B 459 -16.11 2.17 -15.99
N ARG B 460 -15.00 2.88 -16.14
CA ARG B 460 -14.01 2.63 -17.21
C ARG B 460 -14.39 3.28 -18.56
N LYS B 461 -15.49 4.00 -18.64
CA LYS B 461 -15.87 4.73 -19.86
C LYS B 461 -16.04 3.88 -21.11
N LYS B 462 -17.27 3.63 -21.51
CA LYS B 462 -17.47 2.92 -22.75
C LYS B 462 -16.94 3.69 -23.90
N ALA B 463 -17.23 4.99 -23.90
CA ALA B 463 -16.77 5.87 -24.96
C ALA B 463 -17.62 5.68 -26.18
N GLU B 464 -17.27 6.35 -27.25
CA GLU B 464 -17.94 6.13 -28.52
C GLU B 464 -16.73 5.84 -29.33
N ASN B 465 -16.77 4.84 -30.17
CA ASN B 465 -15.54 4.52 -30.84
C ASN B 465 -15.74 4.42 -32.31
N ALA B 466 -16.00 5.55 -32.90
CA ALA B 466 -16.12 5.59 -34.33
C ALA B 466 -14.95 5.29 -35.30
N HIS B 467 -13.65 5.75 -35.15
CA HIS B 467 -12.46 5.62 -36.25
C HIS B 467 -11.00 6.09 -36.01
N ASN B 468 -13.42 3.62 -36.48
CA ASN B 468 -12.11 3.63 -35.82
C ASN B 468 -10.87 3.35 -36.64
N THR B 469 -10.48 4.32 -37.46
CA THR B 469 -9.35 4.06 -38.36
C THR B 469 -8.00 4.16 -37.65
N PRO B 470 -7.09 3.33 -38.17
CA PRO B 470 -5.74 3.13 -37.63
C PRO B 470 -4.81 4.33 -37.78
N LEU B 471 -4.54 5.06 -36.69
CA LEU B 471 -3.59 6.16 -36.80
C LEU B 471 -2.30 5.88 -36.03
N LEU B 472 -1.22 5.56 -36.73
CA LEU B 472 0.05 5.31 -36.06
C LEU B 472 0.89 6.56 -35.97
N VAL B 473 1.27 6.95 -34.75
CA VAL B 473 2.14 8.12 -34.62
C VAL B 473 3.51 7.72 -34.11
N LEU B 474 4.53 8.05 -34.90
CA LEU B 474 5.93 7.75 -34.65
C LEU B 474 6.69 9.03 -34.31
N TYR B 475 7.62 8.91 -33.36
CA TYR B 475 8.43 10.09 -33.04
C TYR B 475 9.92 9.79 -33.13
N GLY B 476 10.66 10.85 -33.39
CA GLY B 476 12.10 10.95 -33.27
C GLY B 476 12.36 12.05 -32.24
N SER B 477 12.79 11.65 -31.03
CA SER B 477 12.98 12.66 -30.00
C SER B 477 14.15 12.32 -29.10
N ASN B 478 14.89 13.35 -28.71
CA ASN B 478 15.96 13.24 -27.71
C ASN B 478 15.52 13.91 -26.42
N MET B 479 14.96 15.11 -26.50
CA MET B 479 14.49 15.80 -25.29
C MET B 479 12.99 15.87 -25.10
N GLY B 480 12.16 15.09 -25.81
CA GLY B 480 10.75 14.97 -25.54
C GLY B 480 9.77 15.95 -26.14
N THR B 481 10.24 17.00 -26.80
CA THR B 481 9.33 17.93 -27.46
C THR B 481 8.51 17.23 -28.53
N ALA B 482 9.21 16.58 -29.46
CA ALA B 482 8.59 15.76 -30.50
C ALA B 482 7.82 14.59 -29.93
N GLU B 483 8.34 13.95 -28.88
CA GLU B 483 7.60 12.85 -28.27
C GLU B 483 6.31 13.33 -27.62
N GLY B 484 6.28 14.50 -26.97
CA GLY B 484 5.02 14.93 -26.37
C GLY B 484 3.99 15.36 -27.41
N THR B 485 4.50 15.97 -28.49
CA THR B 485 3.66 16.41 -29.60
C THR B 485 2.98 15.20 -30.24
N ALA B 486 3.74 14.13 -30.44
CA ALA B 486 3.27 12.86 -30.94
C ALA B 486 2.16 12.25 -30.08
N ARG B 487 2.39 12.24 -28.77
CA ARG B 487 1.42 11.67 -27.82
C ARG B 487 0.20 12.57 -27.71
N ASP B 488 0.40 13.86 -27.91
CA ASP B 488 -0.73 14.79 -27.91
C ASP B 488 -1.60 14.47 -29.12
N LEU B 489 -0.97 14.30 -30.28
CA LEU B 489 -1.71 13.94 -31.49
C LEU B 489 -2.48 12.66 -31.25
N ALA B 490 -1.80 11.63 -30.76
CA ALA B 490 -2.51 10.38 -30.48
C ALA B 490 -3.64 10.57 -29.48
N ASP B 491 -3.59 11.62 -28.67
CA ASP B 491 -4.66 11.86 -27.71
C ASP B 491 -5.85 12.52 -28.40
N ILE B 492 -5.56 13.38 -29.37
CA ILE B 492 -6.68 14.00 -30.08
C ILE B 492 -7.24 13.03 -31.12
N ALA B 493 -6.45 12.05 -31.55
CA ALA B 493 -6.99 11.07 -32.49
C ALA B 493 -8.07 10.24 -31.81
N MET B 494 -7.81 9.80 -30.59
CA MET B 494 -8.70 9.01 -29.76
C MET B 494 -10.06 9.69 -29.59
N SER B 495 -10.00 11.02 -29.55
CA SER B 495 -11.16 11.88 -29.48
C SER B 495 -11.85 11.97 -30.85
N LYS B 496 -11.14 11.56 -31.90
CA LYS B 496 -11.70 11.63 -33.24
C LYS B 496 -11.92 10.22 -33.80
N GLY B 497 -12.03 9.29 -32.86
CA GLY B 497 -12.40 7.91 -33.06
C GLY B 497 -11.36 7.00 -33.65
N PHE B 498 -10.15 7.51 -33.91
CA PHE B 498 -9.11 6.65 -34.47
C PHE B 498 -8.74 5.52 -33.50
N ALA B 499 -7.83 4.69 -33.95
CA ALA B 499 -7.19 3.63 -33.18
C ALA B 499 -5.67 3.88 -33.17
N PRO B 500 -5.27 4.95 -32.50
CA PRO B 500 -3.90 5.44 -32.59
C PRO B 500 -2.92 4.56 -31.82
N GLN B 501 -1.68 4.60 -32.28
CA GLN B 501 -0.55 3.88 -31.70
C GLN B 501 0.67 4.79 -31.69
N VAL B 502 1.36 4.88 -30.55
CA VAL B 502 2.52 5.74 -30.47
C VAL B 502 3.80 4.93 -30.21
N ALA B 503 4.81 5.27 -31.00
CA ALA B 503 6.10 4.60 -30.90
C ALA B 503 7.20 5.46 -31.51
N THR B 504 8.45 5.14 -31.19
CA THR B 504 9.58 5.82 -31.79
C THR B 504 9.65 5.57 -33.30
N LEU B 505 10.44 6.40 -34.00
CA LEU B 505 10.57 6.20 -35.44
C LEU B 505 11.36 4.94 -35.76
N ASP B 506 12.55 4.79 -35.17
CA ASP B 506 13.41 3.70 -35.65
C ASP B 506 13.05 2.38 -35.00
N SER B 507 11.77 2.15 -34.76
CA SER B 507 11.24 0.91 -34.19
C SER B 507 10.18 0.32 -35.12
N HIS B 508 9.78 1.12 -36.08
CA HIS B 508 8.89 0.73 -37.16
C HIS B 508 9.65 0.89 -38.48
N ALA B 509 10.98 0.82 -38.37
CA ALA B 509 11.87 0.89 -39.52
C ALA B 509 11.59 -0.26 -40.47
N GLY B 510 10.79 -0.01 -41.51
CA GLY B 510 10.46 -1.05 -42.48
C GLY B 510 9.01 -1.49 -42.32
N ASN B 511 8.48 -1.27 -41.13
CA ASN B 511 7.13 -1.65 -40.74
C ASN B 511 6.16 -0.48 -40.78
N LEU B 512 6.26 0.34 -41.82
CA LEU B 512 5.28 1.40 -42.04
C LEU B 512 3.92 0.80 -42.34
N PRO B 513 2.88 1.37 -41.76
CA PRO B 513 1.53 0.83 -41.90
C PRO B 513 1.00 0.95 -43.32
N ARG B 514 0.64 -0.19 -43.90
CA ARG B 514 0.10 -0.21 -45.25
C ARG B 514 -1.40 0.07 -45.22
N GLU B 515 -1.87 0.65 -44.11
CA GLU B 515 -3.26 1.00 -43.98
C GLU B 515 -3.50 1.99 -42.84
N GLY B 516 -4.43 2.89 -43.13
CA GLY B 516 -4.76 4.05 -42.35
C GLY B 516 -3.88 5.22 -42.74
N ALA B 517 -2.95 5.53 -41.84
CA ALA B 517 -2.05 6.67 -42.05
C ALA B 517 -1.01 6.68 -40.93
N VAL B 518 0.12 7.33 -41.19
CA VAL B 518 1.19 7.38 -40.19
C VAL B 518 1.69 8.82 -40.04
N LEU B 519 1.42 9.40 -38.88
CA LEU B 519 1.94 10.73 -38.55
C LEU B 519 3.37 10.60 -38.03
N ILE B 520 4.25 11.40 -38.59
CA ILE B 520 5.67 11.33 -38.23
C ILE B 520 6.13 12.70 -37.71
N VAL B 521 6.39 12.68 -36.40
CA VAL B 521 6.80 13.82 -35.60
C VAL B 521 8.25 13.65 -35.17
N THR B 522 9.12 14.56 -35.64
CA THR B 522 10.53 14.41 -35.38
C THR B 522 11.28 15.74 -35.34
N ALA B 523 12.32 15.71 -34.51
CA ALA B 523 13.28 16.79 -34.37
C ALA B 523 14.48 16.53 -35.27
N SER B 524 15.43 17.44 -35.17
CA SER B 524 16.71 17.36 -35.85
C SER B 524 17.82 17.70 -34.85
N TYR B 525 18.98 17.05 -34.95
CA TYR B 525 20.10 17.44 -34.09
C TYR B 525 21.33 17.70 -34.95
N ASN B 526 21.66 18.98 -35.09
CA ASN B 526 22.76 19.38 -35.96
C ASN B 526 22.67 18.71 -37.32
N GLY B 527 21.45 18.56 -37.84
CA GLY B 527 21.26 17.97 -39.16
C GLY B 527 21.05 16.48 -39.15
N HIS B 528 21.03 15.91 -37.95
CA HIS B 528 20.95 14.46 -37.79
C HIS B 528 19.72 14.02 -37.01
N PRO B 529 19.35 12.75 -37.18
CA PRO B 529 18.15 12.24 -36.52
C PRO B 529 18.44 12.03 -35.03
N PRO B 530 17.40 12.18 -34.23
CA PRO B 530 17.52 11.88 -32.81
C PRO B 530 17.88 10.41 -32.61
N ASP B 531 18.38 10.12 -31.41
CA ASP B 531 18.87 8.77 -31.11
C ASP B 531 17.84 7.69 -31.36
N ASN B 532 16.55 7.98 -31.20
CA ASN B 532 15.55 6.93 -31.46
C ASN B 532 15.01 7.00 -32.88
N ALA B 533 15.71 7.66 -33.81
CA ALA B 533 15.19 7.77 -35.16
C ALA B 533 16.21 7.39 -36.23
N LYS B 534 17.45 7.21 -35.84
CA LYS B 534 18.58 6.93 -36.72
C LYS B 534 18.41 5.68 -37.57
N GLN B 535 17.93 4.59 -36.96
CA GLN B 535 17.70 3.32 -37.64
C GLN B 535 16.63 3.48 -38.73
N PHE B 536 15.65 4.34 -38.43
CA PHE B 536 14.56 4.57 -39.38
C PHE B 536 15.10 5.23 -40.65
N VAL B 537 15.72 6.39 -40.46
CA VAL B 537 16.25 7.19 -41.55
C VAL B 537 17.27 6.41 -42.37
N ASP B 538 18.21 5.75 -41.70
CA ASP B 538 19.20 4.97 -42.45
C ASP B 538 18.48 3.95 -43.32
N TRP B 539 17.57 3.22 -42.68
CA TRP B 539 16.71 2.31 -43.41
C TRP B 539 16.05 3.03 -44.58
N LEU B 540 15.64 4.28 -44.34
CA LEU B 540 14.96 5.06 -45.37
C LEU B 540 15.91 5.52 -46.47
N ASP B 541 17.08 6.00 -46.06
CA ASP B 541 18.07 6.54 -47.00
C ASP B 541 18.54 5.48 -47.99
N GLN B 542 19.48 4.65 -47.53
CA GLN B 542 19.95 3.59 -48.43
C GLN B 542 18.79 2.71 -48.84
N ALA B 543 18.29 1.89 -47.92
CA ALA B 543 17.19 0.98 -48.26
C ALA B 543 16.01 1.75 -48.86
N SER B 544 15.63 1.37 -50.07
CA SER B 544 14.49 1.92 -50.76
C SER B 544 13.73 0.80 -51.48
N ALA B 545 14.43 -0.32 -51.63
CA ALA B 545 13.94 -1.52 -52.27
C ALA B 545 12.56 -1.94 -51.76
N ASP B 546 12.47 -2.07 -50.43
CA ASP B 546 11.21 -2.38 -49.78
C ASP B 546 10.30 -1.15 -49.78
N GLU B 547 9.92 -0.74 -50.98
CA GLU B 547 9.17 0.45 -51.30
C GLU B 547 8.15 0.81 -50.22
N VAL B 548 7.77 2.08 -50.19
CA VAL B 548 6.86 2.63 -49.20
C VAL B 548 5.47 2.87 -49.77
N LYS B 549 5.13 2.02 -50.74
CA LYS B 549 3.82 2.10 -51.39
C LYS B 549 2.72 1.56 -50.48
N GLY B 550 1.64 2.31 -50.41
CA GLY B 550 0.47 2.01 -49.61
C GLY B 550 0.42 2.89 -48.36
N VAL B 551 1.60 3.28 -47.90
CA VAL B 551 1.80 4.08 -46.69
C VAL B 551 1.34 5.52 -46.86
N ARG B 552 0.15 5.81 -46.34
CA ARG B 552 -0.36 7.18 -46.41
C ARG B 552 0.04 7.92 -45.14
N TYR B 553 0.98 8.86 -45.25
CA TYR B 553 1.54 9.56 -44.11
C TYR B 553 1.39 11.08 -44.16
N SER B 554 2.09 11.72 -43.24
CA SER B 554 2.19 13.15 -43.04
C SER B 554 3.34 13.42 -42.06
N VAL B 555 4.02 14.55 -42.17
CA VAL B 555 5.18 14.80 -41.32
C VAL B 555 5.09 16.11 -40.57
N PHE B 556 5.35 16.07 -39.26
CA PHE B 556 5.44 17.32 -38.50
C PHE B 556 6.86 17.50 -37.97
N GLY B 557 7.42 18.66 -38.23
CA GLY B 557 8.77 19.02 -37.89
C GLY B 557 8.92 19.87 -36.66
N CYS B 558 9.77 19.36 -35.77
CA CYS B 558 10.24 20.09 -34.60
C CYS B 558 11.68 20.53 -34.83
N GLY B 559 11.87 21.85 -34.91
CA GLY B 559 13.15 22.46 -35.16
C GLY B 559 13.32 23.78 -34.45
N ASP B 560 14.53 24.32 -34.60
CA ASP B 560 14.87 25.62 -34.03
C ASP B 560 15.60 26.45 -35.08
N LYS B 561 15.12 27.66 -35.33
CA LYS B 561 15.71 28.55 -36.31
C LYS B 561 17.15 28.89 -35.95
N ASN B 562 17.51 28.73 -34.69
CA ASN B 562 18.84 28.94 -34.15
C ASN B 562 19.88 28.00 -34.76
N TRP B 563 19.45 27.01 -35.50
CA TRP B 563 20.24 26.05 -36.25
C TRP B 563 20.11 26.23 -37.76
N ALA B 564 20.73 27.31 -38.18
CA ALA B 564 21.02 27.92 -39.44
C ALA B 564 20.63 27.10 -40.68
N THR B 565 21.63 26.38 -41.14
CA THR B 565 21.71 25.55 -42.32
C THR B 565 21.07 24.18 -42.13
N THR B 566 20.72 23.85 -40.88
CA THR B 566 20.18 22.52 -40.68
C THR B 566 18.69 22.56 -40.35
N TYR B 567 18.09 23.73 -40.42
CA TYR B 567 16.69 23.88 -40.03
C TYR B 567 15.77 22.85 -40.68
N GLN B 568 15.15 22.03 -39.84
CA GLN B 568 14.19 21.00 -40.16
C GLN B 568 14.68 19.97 -41.16
N LYS B 569 15.99 19.78 -41.21
CA LYS B 569 16.58 18.86 -42.18
C LYS B 569 16.09 17.43 -42.04
N VAL B 570 15.88 16.94 -40.82
CA VAL B 570 15.44 15.54 -40.73
C VAL B 570 13.99 15.37 -41.14
N PRO B 571 13.04 16.12 -40.60
CA PRO B 571 11.66 16.00 -41.07
C PRO B 571 11.55 16.15 -42.59
N ALA B 572 12.29 17.11 -43.14
CA ALA B 572 12.32 17.35 -44.58
C ALA B 572 12.82 16.11 -45.32
N PHE B 573 13.96 15.59 -44.86
CA PHE B 573 14.52 14.39 -45.45
C PHE B 573 13.49 13.27 -45.53
N ILE B 574 12.91 12.94 -44.38
CA ILE B 574 11.93 11.87 -44.26
C ILE B 574 10.73 12.09 -45.17
N ASP B 575 10.21 13.31 -45.15
CA ASP B 575 9.04 13.70 -45.92
C ASP B 575 9.18 13.47 -47.42
N GLU B 576 10.23 14.10 -47.96
CA GLU B 576 10.51 14.05 -49.39
C GLU B 576 11.11 12.71 -49.76
N THR B 577 11.85 12.07 -48.85
CA THR B 577 12.39 10.77 -49.22
C THR B 577 11.26 9.74 -49.33
N LEU B 578 10.32 9.86 -48.39
CA LEU B 578 9.18 8.97 -48.36
C LEU B 578 8.39 9.05 -49.66
N ALA B 579 8.47 10.22 -50.27
CA ALA B 579 7.71 10.47 -51.49
C ALA B 579 8.46 10.01 -52.74
N ALA B 580 9.78 10.09 -52.72
CA ALA B 580 10.56 9.55 -53.85
C ALA B 580 10.75 8.05 -53.68
N LYS B 581 9.73 7.38 -53.19
CA LYS B 581 9.65 5.94 -52.89
C LYS B 581 8.20 5.43 -52.92
N GLY B 582 7.28 6.32 -53.34
CA GLY B 582 5.85 5.99 -53.51
C GLY B 582 4.92 6.55 -52.44
N ALA B 583 4.73 7.88 -52.39
CA ALA B 583 4.05 8.49 -51.27
C ALA B 583 2.53 8.63 -51.41
N GLU B 584 1.90 8.40 -50.26
CA GLU B 584 0.48 8.74 -50.08
C GLU B 584 0.38 9.91 -49.11
N ASN B 585 1.26 10.88 -49.35
CA ASN B 585 1.27 12.10 -48.57
C ASN B 585 -0.13 12.74 -48.57
N ILE B 586 -0.91 12.44 -47.54
CA ILE B 586 -2.27 12.93 -47.39
C ILE B 586 -2.35 14.35 -46.83
N ALA B 587 -1.27 14.81 -46.21
CA ALA B 587 -1.27 16.13 -45.57
C ALA B 587 0.13 16.74 -45.59
N ASP B 588 0.24 17.95 -46.13
CA ASP B 588 1.57 18.53 -46.29
C ASP B 588 2.25 18.69 -44.93
N ARG B 589 3.55 18.50 -44.93
CA ARG B 589 4.39 18.62 -43.74
C ARG B 589 4.05 19.89 -42.97
N GLY B 590 4.40 19.91 -41.70
CA GLY B 590 4.24 21.03 -40.79
C GLY B 590 5.50 21.28 -39.98
N GLU B 591 5.80 22.55 -39.69
CA GLU B 591 7.04 22.91 -39.02
C GLU B 591 6.79 23.65 -37.72
N ALA B 592 7.65 23.44 -36.71
CA ALA B 592 7.59 24.23 -35.49
C ALA B 592 8.94 24.86 -35.19
N ASP B 593 8.94 26.18 -35.06
CA ASP B 593 10.13 26.89 -34.65
C ASP B 593 10.07 27.20 -33.14
N ALA B 594 10.90 26.52 -32.39
CA ALA B 594 10.99 26.68 -30.95
C ALA B 594 11.37 28.12 -30.60
N SER B 595 12.09 28.78 -31.50
CA SER B 595 12.56 30.15 -31.34
C SER B 595 11.47 31.18 -31.63
N ASP B 596 10.25 30.75 -31.94
CA ASP B 596 9.17 31.70 -32.15
C ASP B 596 7.83 31.14 -31.68
N ASP B 597 7.00 30.77 -32.64
CA ASP B 597 5.60 30.44 -32.38
C ASP B 597 5.32 28.98 -32.71
N PHE B 598 5.93 28.09 -31.94
CA PHE B 598 5.78 26.66 -32.20
C PHE B 598 4.34 26.20 -32.05
N GLU B 599 3.51 26.81 -31.19
CA GLU B 599 2.16 26.30 -31.04
C GLU B 599 1.23 26.82 -32.12
N GLY B 600 1.56 27.98 -32.67
CA GLY B 600 0.82 28.51 -33.81
C GLY B 600 0.90 27.51 -34.96
N THR B 601 2.13 27.31 -35.45
CA THR B 601 2.35 26.40 -36.56
C THR B 601 1.85 24.99 -36.25
N TYR B 602 2.08 24.56 -35.00
CA TYR B 602 1.63 23.20 -34.68
C TYR B 602 0.12 23.16 -34.81
N GLU B 603 -0.52 24.25 -34.38
CA GLU B 603 -1.96 24.38 -34.48
C GLU B 603 -2.44 24.46 -35.93
N GLU B 604 -1.78 25.28 -36.74
CA GLU B 604 -2.15 25.35 -38.16
C GLU B 604 -2.10 23.97 -38.80
N TRP B 605 -0.94 23.31 -38.76
CA TRP B 605 -0.74 22.00 -39.36
C TRP B 605 -1.75 20.95 -38.92
N ARG B 606 -2.11 20.97 -37.64
CA ARG B 606 -3.03 20.03 -37.01
C ARG B 606 -4.44 20.14 -37.57
N GLU B 607 -5.02 21.33 -37.50
CA GLU B 607 -6.40 21.50 -38.00
C GLU B 607 -6.48 21.15 -39.47
N HIS B 608 -5.60 21.73 -40.26
CA HIS B 608 -5.52 21.38 -41.68
C HIS B 608 -5.35 19.87 -41.82
N MET B 609 -4.56 19.30 -40.92
CA MET B 609 -4.23 17.90 -41.00
C MET B 609 -5.44 16.98 -40.83
N TRP B 610 -6.19 17.14 -39.75
CA TRP B 610 -7.33 16.27 -39.48
C TRP B 610 -8.28 16.22 -40.67
N SER B 611 -8.51 17.39 -41.26
CA SER B 611 -9.40 17.54 -42.40
C SER B 611 -8.85 16.84 -43.63
N ASP B 612 -7.57 17.00 -43.91
CA ASP B 612 -6.97 16.33 -45.07
C ASP B 612 -7.25 14.83 -45.02
N VAL B 613 -7.02 14.24 -43.85
CA VAL B 613 -7.24 12.82 -43.63
C VAL B 613 -8.73 12.51 -43.50
N ALA B 614 -9.50 13.49 -43.04
CA ALA B 614 -10.95 13.35 -42.93
C ALA B 614 -11.56 12.98 -44.26
N ALA B 615 -11.64 14.03 -45.08
CA ALA B 615 -12.06 13.94 -46.47
C ALA B 615 -11.46 12.71 -47.16
N TYR B 616 -10.15 12.48 -46.93
CA TYR B 616 -9.50 11.35 -47.58
C TYR B 616 -10.28 10.06 -47.35
N PHE B 617 -10.48 9.66 -46.08
CA PHE B 617 -11.15 8.44 -45.71
C PHE B 617 -12.60 8.71 -45.28
N ASN B 618 -12.72 8.73 -43.95
CA ASN B 618 -14.02 8.77 -43.29
C ASN B 618 -14.23 10.08 -42.52
N LEU B 619 -15.39 10.21 -41.90
CA LEU B 619 -15.82 11.46 -41.26
C LEU B 619 -16.69 11.22 -40.04
N ASP B 620 -14.71 11.03 -38.53
CA ASP B 620 -15.35 10.71 -37.21
C ASP B 620 -15.78 11.79 -36.20
N ILE B 621 -15.24 12.96 -36.13
CA ILE B 621 -15.53 13.87 -35.07
C ILE B 621 -16.05 15.05 -35.66
N GLU B 622 -17.05 15.50 -34.96
CA GLU B 622 -17.57 16.67 -35.47
C GLU B 622 -17.18 17.53 -34.40
N ASN B 623 -16.15 18.32 -34.62
CA ASN B 623 -15.74 19.32 -33.63
C ASN B 623 -15.18 18.77 -32.32
N SER B 624 -14.55 17.55 -32.39
CA SER B 624 -13.94 17.01 -31.21
C SER B 624 -15.06 16.77 -30.33
N GLU B 625 -16.17 17.44 -30.60
CA GLU B 625 -17.30 17.32 -29.76
C GLU B 625 -16.69 17.21 -28.39
N ASP B 626 -15.73 18.08 -28.13
CA ASP B 626 -15.07 18.09 -26.85
C ASP B 626 -14.78 16.71 -26.40
N ASN B 627 -14.46 15.83 -27.32
CA ASN B 627 -14.10 14.55 -26.82
C ASN B 627 -12.81 14.89 -26.12
N LYS B 628 -12.68 16.14 -25.71
CA LYS B 628 -11.44 16.56 -25.15
C LYS B 628 -11.49 16.81 -23.68
N SER B 629 -12.21 17.85 -23.27
CA SER B 629 -12.24 18.24 -21.86
C SER B 629 -12.32 17.04 -21.03
N THR B 630 -11.21 16.67 -20.42
CA THR B 630 -11.25 15.45 -19.69
C THR B 630 -10.45 15.71 -18.49
N LEU B 631 -10.87 16.74 -17.81
CA LEU B 631 -10.19 17.04 -16.59
C LEU B 631 -10.22 15.89 -15.68
N SER B 632 -9.51 16.04 -14.59
CA SER B 632 -9.49 15.01 -13.58
C SER B 632 -8.67 15.62 -12.54
N LEU B 633 -9.25 15.89 -11.40
CA LEU B 633 -8.54 16.63 -10.38
C LEU B 633 -8.87 16.38 -8.93
N GLN B 634 -8.52 17.28 -8.03
CA GLN B 634 -8.92 17.12 -6.64
C GLN B 634 -8.72 18.40 -5.84
N PHE B 635 -9.18 18.43 -4.60
CA PHE B 635 -9.11 19.63 -3.84
C PHE B 635 -9.79 19.39 -2.57
N VAL B 636 -9.68 18.19 -2.07
CA VAL B 636 -10.27 17.86 -0.84
C VAL B 636 -9.48 18.78 0.00
N ASP B 637 -9.94 19.97 0.25
CA ASP B 637 -9.19 20.77 1.17
C ASP B 637 -9.59 19.96 2.37
N SER B 638 -8.71 19.14 2.89
CA SER B 638 -9.02 18.19 3.98
C SER B 638 -8.16 18.33 5.25
N ALA B 639 -8.65 17.87 6.41
CA ALA B 639 -7.92 18.00 7.67
C ALA B 639 -7.27 16.73 8.08
N ALA B 640 -6.32 16.85 8.98
CA ALA B 640 -5.70 15.68 9.50
C ALA B 640 -6.74 15.01 10.22
N ASP B 641 -6.94 13.74 9.93
CA ASP B 641 -7.92 13.18 10.79
C ASP B 641 -7.03 12.50 11.75
N MET B 642 -6.27 13.31 12.45
CA MET B 642 -5.41 12.75 13.46
C MET B 642 -6.11 11.70 14.24
N PRO B 643 -5.28 10.83 14.77
CA PRO B 643 -5.79 9.65 15.47
C PRO B 643 -6.76 10.00 16.60
N LEU B 644 -6.46 11.08 17.35
CA LEU B 644 -7.32 11.60 18.41
C LEU B 644 -8.71 12.03 17.89
N ALA B 645 -8.78 12.64 16.71
CA ALA B 645 -10.05 13.00 16.08
C ALA B 645 -10.89 11.76 15.79
N LYS B 646 -10.26 10.68 15.29
CA LYS B 646 -10.96 9.40 15.06
C LYS B 646 -11.42 8.74 16.35
N MET B 647 -10.60 8.75 17.41
CA MET B 647 -10.97 8.16 18.71
C MET B 647 -12.22 8.79 19.31
N HIS B 648 -12.40 10.10 19.11
CA HIS B 648 -13.57 10.83 19.64
C HIS B 648 -14.72 10.97 18.63
N GLY B 649 -14.61 10.39 17.42
CA GLY B 649 -15.58 10.63 16.34
C GLY B 649 -15.69 12.11 15.95
N ALA B 650 -14.60 12.87 16.10
CA ALA B 650 -14.58 14.30 15.84
C ALA B 650 -14.73 14.61 14.35
N PHE B 651 -15.31 14.96 13.83
CA PHE B 651 -15.54 15.47 12.51
C PHE B 651 -14.99 16.89 12.38
N SER B 652 -14.82 17.31 11.14
CA SER B 652 -14.25 18.61 10.80
C SER B 652 -15.39 19.50 10.35
N THR B 653 -15.36 20.75 10.70
CA THR B 653 -16.52 21.58 10.46
C THR B 653 -16.18 23.05 10.62
N ASN B 654 -17.12 23.93 10.30
CA ASN B 654 -16.82 25.34 10.28
C ASN B 654 -17.35 26.17 11.45
N VAL B 655 -16.54 27.15 11.85
CA VAL B 655 -16.91 28.19 12.77
C VAL B 655 -17.84 29.23 12.13
N VAL B 656 -19.05 29.41 12.65
CA VAL B 656 -19.95 30.40 12.05
C VAL B 656 -19.94 31.69 12.80
N ALA B 657 -19.46 31.72 14.02
CA ALA B 657 -19.35 33.01 14.72
C ALA B 657 -18.30 32.93 15.83
N SER B 658 -17.71 34.06 16.18
CA SER B 658 -16.68 34.03 17.17
C SER B 658 -16.58 35.43 17.67
N LYS B 659 -16.83 35.67 18.94
CA LYS B 659 -16.84 37.03 19.39
C LYS B 659 -16.53 37.10 20.84
N GLU B 660 -16.27 38.30 21.32
CA GLU B 660 -15.84 38.51 22.68
C GLU B 660 -17.11 38.73 23.52
N LEU B 661 -17.12 38.20 24.75
CA LEU B 661 -18.24 38.40 25.64
C LEU B 661 -17.98 39.39 26.74
N GLN B 662 -16.74 39.63 27.13
CA GLN B 662 -16.49 40.59 28.15
C GLN B 662 -16.52 42.01 27.57
N GLN B 663 -16.50 43.00 28.44
CA GLN B 663 -16.61 44.39 28.03
C GLN B 663 -15.26 44.96 27.56
N PRO B 664 -15.32 46.02 26.70
CA PRO B 664 -14.07 46.69 26.29
C PRO B 664 -13.33 47.08 27.54
N GLY B 665 -12.04 46.82 27.54
CA GLY B 665 -11.24 47.14 28.71
C GLY B 665 -11.24 46.17 29.88
N SER B 666 -11.96 45.05 29.75
CA SER B 666 -11.76 43.98 30.73
C SER B 666 -10.34 43.47 30.54
N ALA B 667 -9.65 43.18 31.65
CA ALA B 667 -8.34 42.52 31.56
C ALA B 667 -8.42 40.99 31.12
N ARG B 668 -9.63 40.49 30.88
CA ARG B 668 -9.84 39.05 30.69
C ARG B 668 -10.78 38.90 29.58
N SER B 669 -10.84 37.68 29.07
CA SER B 669 -11.57 37.35 27.90
C SER B 669 -12.37 36.07 28.08
N THR B 670 -13.55 36.07 27.48
CA THR B 670 -14.43 34.91 27.49
C THR B 670 -15.00 34.95 26.14
N ARG B 671 -14.99 33.86 25.40
CA ARG B 671 -15.38 33.82 24.03
C ARG B 671 -16.67 33.08 23.81
N HIS B 672 -17.39 33.41 22.75
CA HIS B 672 -18.56 32.74 22.35
C HIS B 672 -18.35 32.32 20.95
N LEU B 673 -18.49 31.05 20.66
CA LEU B 673 -18.30 30.52 19.37
C LEU B 673 -19.49 29.77 18.98
N GLU B 674 -19.86 29.90 17.73
CA GLU B 674 -20.96 29.14 17.17
C GLU B 674 -20.34 28.23 16.14
N ILE B 675 -20.76 27.00 16.12
CA ILE B 675 -20.18 25.95 15.30
C ILE B 675 -21.27 25.22 14.55
N GLU B 676 -20.97 24.79 13.34
CA GLU B 676 -21.94 24.13 12.49
C GLU B 676 -21.71 22.69 12.71
N LEU B 677 -22.77 21.89 12.59
CA LEU B 677 -22.65 20.48 12.73
C LEU B 677 -23.09 19.81 11.45
N PRO B 678 -22.41 18.73 11.08
CA PRO B 678 -22.78 17.94 9.92
C PRO B 678 -24.05 17.12 10.16
N LYS B 679 -24.72 16.66 9.07
CA LYS B 679 -25.96 15.82 9.16
C LYS B 679 -25.89 14.71 10.24
N GLU B 680 -24.81 13.93 10.22
CA GLU B 680 -24.58 12.80 11.17
C GLU B 680 -24.51 13.13 12.68
N ALA B 681 -24.16 14.39 13.03
CA ALA B 681 -24.05 14.75 14.45
C ALA B 681 -25.37 15.31 14.95
N SER B 682 -25.58 15.15 16.24
CA SER B 682 -26.70 15.76 16.89
C SER B 682 -26.36 15.93 18.37
N TYR B 683 -27.11 16.80 19.05
CA TYR B 683 -26.87 17.06 20.44
C TYR B 683 -28.09 17.38 21.25
N GLN B 684 -27.91 17.44 22.57
CA GLN B 684 -28.96 17.69 23.53
C GLN B 684 -28.44 18.72 24.51
N GLU B 685 -29.33 19.47 25.17
CA GLU B 685 -28.91 20.31 26.34
C GLU B 685 -28.08 19.43 27.33
N GLY B 686 -27.12 20.12 27.95
CA GLY B 686 -26.09 19.55 28.81
C GLY B 686 -25.08 18.64 28.15
N ASP B 687 -25.06 18.56 26.82
CA ASP B 687 -23.96 17.80 26.14
C ASP B 687 -22.71 18.70 26.07
N HIS B 688 -21.55 18.07 25.88
CA HIS B 688 -20.28 18.79 25.73
C HIS B 688 -19.76 18.68 24.33
N LEU B 689 -19.11 19.77 23.89
CA LEU B 689 -18.28 19.75 22.70
C LEU B 689 -16.84 19.35 23.02
N GLY B 690 -16.38 18.30 22.38
CA GLY B 690 -14.99 17.85 22.53
C GLY B 690 -14.18 18.60 21.52
N VAL B 691 -13.20 19.39 21.92
CA VAL B 691 -12.41 20.12 20.93
C VAL B 691 -10.95 19.60 20.87
N ILE B 692 -10.50 19.17 19.70
CA ILE B 692 -9.07 18.84 19.44
C ILE B 692 -8.33 20.11 19.06
N PRO B 693 -7.51 20.60 19.94
CA PRO B 693 -6.98 21.89 19.68
C PRO B 693 -5.65 21.80 18.96
N ARG B 694 -5.19 22.96 18.50
CA ARG B 694 -3.87 23.16 17.98
C ARG B 694 -3.00 23.98 18.91
N ASN B 695 -1.71 23.69 18.89
CA ASN B 695 -0.76 24.45 19.65
C ASN B 695 -0.52 25.77 19.00
N TYR B 696 -0.49 26.86 19.76
CA TYR B 696 -0.36 28.18 19.15
C TYR B 696 1.11 28.47 18.61
N GLU B 697 1.25 29.49 17.80
CA GLU B 697 2.47 29.79 17.10
C GLU B 697 3.61 30.05 18.05
N GLY B 698 3.38 30.91 19.03
CA GLY B 698 4.37 31.22 20.06
C GLY B 698 5.06 29.97 20.61
N ILE B 699 4.28 28.97 20.97
CA ILE B 699 4.86 27.83 21.66
C ILE B 699 5.52 26.89 20.62
N VAL B 700 4.99 26.81 19.39
CA VAL B 700 5.61 26.01 18.35
C VAL B 700 7.02 26.66 18.04
N ASN B 701 7.05 27.96 17.80
CA ASN B 701 8.32 28.67 17.59
C ASN B 701 9.30 28.49 18.74
N ARG B 702 8.86 28.40 19.98
CA ARG B 702 9.83 28.18 21.05
C ARG B 702 10.55 26.84 20.87
N VAL B 703 9.86 25.84 20.36
CA VAL B 703 10.44 24.53 20.15
C VAL B 703 11.40 24.53 18.95
N THR B 704 10.96 25.08 17.82
CA THR B 704 11.80 25.06 16.63
C THR B 704 13.07 25.96 16.88
N ALA B 705 12.94 26.99 17.68
CA ALA B 705 14.05 27.82 18.05
C ALA B 705 15.00 27.05 18.93
N ARG B 706 14.48 26.21 19.84
CA ARG B 706 15.35 25.55 20.79
C ARG B 706 16.20 24.48 20.09
N PHE B 707 15.59 23.89 19.06
CA PHE B 707 16.23 22.86 18.25
C PHE B 707 16.92 23.40 16.96
N GLY B 708 16.85 24.69 16.74
CA GLY B 708 17.40 25.34 15.57
C GLY B 708 16.75 24.87 14.26
N LEU B 709 15.44 24.62 14.23
CA LEU B 709 14.79 24.02 13.10
C LEU B 709 13.91 25.00 12.40
N ASP B 710 13.68 24.76 11.13
CA ASP B 710 12.71 25.52 10.39
C ASP B 710 11.33 24.81 10.53
N ALA B 711 10.26 25.57 10.68
CA ALA B 711 8.90 25.05 10.78
C ALA B 711 8.61 24.05 9.67
N SER B 712 9.05 24.38 8.46
CA SER B 712 8.67 23.69 7.24
C SER B 712 9.54 22.50 6.93
N GLN B 713 10.61 22.32 7.68
CA GLN B 713 11.49 21.19 7.49
C GLN B 713 10.75 19.88 7.58
N GLN B 714 10.68 19.18 6.46
CA GLN B 714 10.06 17.87 6.36
C GLN B 714 10.94 16.83 7.00
N ILE B 715 10.40 15.92 7.79
CA ILE B 715 11.22 14.87 8.34
C ILE B 715 10.41 13.64 8.53
N ARG B 716 11.03 12.51 8.85
CA ARG B 716 10.35 11.21 9.06
C ARG B 716 10.80 10.48 10.31
N LEU B 717 9.85 10.14 11.19
CA LEU B 717 10.20 9.37 12.39
C LEU B 717 10.10 7.85 12.24
N GLU B 718 10.58 7.14 13.25
CA GLU B 718 10.44 5.68 13.36
C GLU B 718 10.83 5.21 14.76
N ALA B 719 10.15 4.17 15.29
CA ALA B 719 10.62 3.45 16.54
C ALA B 719 10.73 1.92 16.60
N GLU B 720 9.49 1.30 16.57
CA GLU B 720 9.30 -0.19 16.61
C GLU B 720 8.60 -0.51 17.86
N GLU B 721 8.41 0.46 18.65
CA GLU B 721 7.97 0.33 20.05
C GLU B 721 6.61 1.04 20.02
N GLU B 722 5.53 0.75 20.83
CA GLU B 722 4.05 1.38 20.74
C GLU B 722 3.91 2.86 21.03
N LYS B 723 2.75 3.58 20.72
CA LYS B 723 2.98 4.89 20.98
C LYS B 723 1.73 5.78 21.24
N LEU B 724 1.37 5.82 22.51
CA LEU B 724 0.19 6.57 22.94
C LEU B 724 0.32 7.99 22.26
N ALA B 725 1.62 8.37 22.25
CA ALA B 725 2.07 9.61 21.51
C ALA B 725 1.58 8.93 20.20
N HIS B 726 0.61 9.54 19.51
CA HIS B 726 -0.04 8.97 18.29
C HIS B 726 0.53 9.54 16.98
N LEU B 727 1.85 9.40 16.84
CA LEU B 727 2.64 10.06 15.79
C LEU B 727 2.60 9.38 14.43
N PRO B 728 2.49 10.17 13.33
CA PRO B 728 2.65 9.56 12.00
C PRO B 728 4.10 9.07 11.83
N LEU B 729 4.29 7.76 11.96
CA LEU B 729 5.61 7.13 11.83
C LEU B 729 5.75 6.51 10.41
N ALA B 730 6.95 6.56 9.84
CA ALA B 730 7.23 6.09 8.47
C ALA B 730 6.51 6.94 7.43
N LYS B 731 6.22 8.21 7.78
CA LYS B 731 5.70 9.21 6.81
C LYS B 731 6.55 10.50 6.93
N THR B 732 6.71 11.22 5.81
CA THR B 732 7.37 12.51 5.87
C THR B 732 6.36 13.61 6.11
N VAL B 733 6.71 14.54 6.99
CA VAL B 733 5.75 15.45 7.60
C VAL B 733 6.56 16.56 8.16
N SER B 734 6.18 17.79 8.00
CA SER B 734 6.96 18.90 8.57
C SER B 734 6.97 18.92 10.09
N VAL B 735 7.88 19.72 10.64
CA VAL B 735 8.18 19.81 12.05
C VAL B 735 6.96 20.44 12.72
N GLU B 736 6.55 21.57 12.17
CA GLU B 736 5.45 22.33 12.63
C GLU B 736 4.16 21.47 12.70
N GLU B 737 3.90 20.60 11.72
CA GLU B 737 2.73 19.70 11.79
C GLU B 737 2.93 18.55 12.76
N LEU B 738 4.17 18.07 12.93
CA LEU B 738 4.41 17.06 13.95
C LEU B 738 4.03 17.65 15.36
N LEU B 739 4.34 18.89 15.53
CA LEU B 739 4.18 19.59 16.76
C LEU B 739 2.64 19.83 17.13
N GLN B 740 1.73 19.70 16.17
CA GLN B 740 0.29 19.64 16.42
C GLN B 740 -0.26 18.27 16.87
N TYR B 741 0.61 17.31 17.15
CA TYR B 741 0.15 16.01 17.61
C TYR B 741 0.41 15.79 19.09
N VAL B 742 1.08 16.71 19.77
CA VAL B 742 1.62 16.46 21.09
C VAL B 742 1.28 17.63 22.06
N GLU B 743 1.33 17.33 23.36
CA GLU B 743 1.18 18.27 24.39
C GLU B 743 2.52 18.91 24.68
N LEU B 744 2.57 20.23 24.63
CA LEU B 744 3.80 20.92 24.85
C LEU B 744 3.94 21.53 26.23
N GLN B 745 2.87 21.52 27.05
CA GLN B 745 2.97 22.13 28.36
C GLN B 745 2.38 21.37 29.54
N ASP B 746 2.53 20.06 29.48
CA ASP B 746 2.27 19.24 30.61
C ASP B 746 3.47 19.28 31.54
N PRO B 747 3.25 19.14 32.83
CA PRO B 747 4.44 19.04 33.68
C PRO B 747 5.50 17.98 33.20
N VAL B 748 6.78 18.23 33.51
CA VAL B 748 7.82 17.38 33.04
C VAL B 748 7.70 16.07 33.79
N THR B 749 7.84 14.93 33.10
CA THR B 749 7.67 13.64 33.76
C THR B 749 8.99 13.11 34.18
N ARG B 750 9.00 12.12 35.05
CA ARG B 750 10.25 11.56 35.51
C ARG B 750 11.11 10.90 34.39
N THR B 751 10.46 10.27 33.43
CA THR B 751 11.06 9.70 32.22
C THR B 751 11.70 10.81 31.45
N GLN B 752 10.96 11.89 31.23
CA GLN B 752 11.50 13.09 30.58
C GLN B 752 12.69 13.64 31.32
N LEU B 753 12.70 13.62 32.64
CA LEU B 753 13.81 14.23 33.32
C LEU B 753 15.08 13.41 33.17
N ARG B 754 14.92 12.08 33.27
CA ARG B 754 16.03 11.13 33.07
C ARG B 754 16.60 11.20 31.68
N ALA B 755 15.75 11.39 30.71
CA ALA B 755 16.22 11.47 29.34
C ALA B 755 17.08 12.70 29.25
N MET B 756 16.63 13.83 29.81
CA MET B 756 17.42 15.05 29.74
C MET B 756 18.73 14.90 30.54
N ALA B 757 18.65 14.31 31.70
CA ALA B 757 19.85 14.20 32.53
C ALA B 757 20.97 13.47 31.73
N ALA B 758 20.57 12.44 31.03
CA ALA B 758 21.44 11.54 30.30
C ALA B 758 22.12 12.23 29.09
N LYS B 759 21.54 13.33 28.59
CA LYS B 759 22.10 14.09 27.51
C LYS B 759 22.75 15.36 27.96
N THR B 760 22.97 15.51 29.26
CA THR B 760 23.48 16.74 29.78
C THR B 760 24.98 16.62 30.06
N VAL B 761 25.76 17.55 29.50
CA VAL B 761 27.20 17.49 29.59
C VAL B 761 27.63 18.67 30.53
N CYS B 762 26.67 19.46 31.00
CA CYS B 762 26.82 20.38 32.18
C CYS B 762 26.70 19.75 33.60
N PRO B 763 27.83 19.32 34.16
CA PRO B 763 27.73 18.47 35.38
C PRO B 763 26.78 19.10 36.43
N PRO B 764 26.97 20.37 36.82
CA PRO B 764 26.01 20.90 37.80
C PRO B 764 24.58 20.91 37.27
N HIS B 765 24.40 20.95 35.97
CA HIS B 765 23.10 20.97 35.42
C HIS B 765 22.53 19.58 35.45
N LYS B 766 23.37 18.57 35.45
CA LYS B 766 22.84 17.23 35.53
C LYS B 766 22.41 16.96 36.97
N VAL B 767 23.20 17.42 37.93
CA VAL B 767 22.84 17.31 39.32
C VAL B 767 21.46 17.97 39.58
N GLU B 768 21.19 19.14 39.02
CA GLU B 768 19.95 19.76 39.23
C GLU B 768 18.80 18.97 38.63
N LEU B 769 18.93 18.52 37.41
CA LEU B 769 17.81 17.78 36.82
C LEU B 769 17.48 16.49 37.63
N GLU B 770 18.49 15.87 38.15
CA GLU B 770 18.32 14.70 38.96
C GLU B 770 17.74 14.99 40.34
N ALA B 771 18.13 16.13 40.91
CA ALA B 771 17.51 16.59 42.13
C ALA B 771 16.00 16.59 41.95
N LEU B 772 15.50 16.96 40.78
CA LEU B 772 14.06 17.04 40.57
C LEU B 772 13.30 15.70 40.57
N LEU B 773 14.05 14.61 40.65
CA LEU B 773 13.46 13.29 40.58
C LEU B 773 13.01 12.89 41.94
N GLU B 774 13.51 13.55 43.00
CA GLU B 774 13.20 13.14 44.36
C GLU B 774 11.78 13.51 44.63
N LYS B 775 11.17 12.71 45.51
CA LYS B 775 9.71 12.73 45.74
C LYS B 775 9.20 14.11 46.12
N GLN B 776 9.90 14.74 47.05
CA GLN B 776 9.51 16.03 47.53
C GLN B 776 9.68 17.15 46.50
N ALA B 777 10.90 17.25 45.94
CA ALA B 777 11.19 18.22 44.85
C ALA B 777 10.29 18.07 43.69
N TYR B 778 10.00 16.83 43.31
CA TYR B 778 9.14 16.62 42.19
C TYR B 778 7.76 17.19 42.48
N LYS B 779 7.20 16.94 43.66
CA LYS B 779 5.88 17.49 44.03
C LYS B 779 5.97 19.02 44.09
N GLU B 780 6.95 19.55 44.79
CA GLU B 780 6.96 20.98 45.03
C GLU B 780 7.44 21.82 43.87
N GLN B 781 8.45 21.38 43.12
CA GLN B 781 9.02 22.20 42.04
C GLN B 781 8.52 21.83 40.65
N VAL B 782 8.18 20.58 40.44
CA VAL B 782 7.63 20.22 39.16
C VAL B 782 6.12 20.31 39.18
N LEU B 783 5.47 19.47 39.98
CA LEU B 783 3.98 19.41 39.88
C LEU B 783 3.28 20.68 40.38
N ALA B 784 3.65 21.17 41.54
CA ALA B 784 3.02 22.43 42.04
C ALA B 784 3.12 23.65 41.07
N LYS B 785 4.19 23.75 40.29
CA LYS B 785 4.40 24.91 39.43
C LYS B 785 4.19 24.60 37.99
N ARG B 786 3.85 23.36 37.68
CA ARG B 786 3.66 22.97 36.32
C ARG B 786 4.84 23.29 35.36
N LEU B 787 6.01 22.90 35.85
CA LEU B 787 7.26 23.10 35.18
C LEU B 787 7.33 22.06 34.03
N THR B 788 7.52 22.50 32.78
CA THR B 788 7.51 21.63 31.61
C THR B 788 8.90 21.19 31.08
N MET B 789 8.95 20.18 30.22
CA MET B 789 10.20 19.73 29.59
C MET B 789 10.74 20.86 28.72
N LEU B 790 9.89 21.48 27.94
CA LEU B 790 10.23 22.64 27.14
C LEU B 790 10.89 23.79 27.90
N GLU B 791 10.34 24.15 29.04
CA GLU B 791 10.92 25.20 29.86
C GLU B 791 12.28 24.73 30.39
N LEU B 792 12.44 23.44 30.65
CA LEU B 792 13.77 22.97 31.14
C LEU B 792 14.80 22.88 29.99
N LEU B 793 14.38 22.50 28.80
CA LEU B 793 15.25 22.56 27.63
C LEU B 793 15.67 24.02 27.38
N GLU B 794 14.78 24.98 27.58
CA GLU B 794 15.18 26.40 27.38
C GLU B 794 16.14 26.89 28.44
N LYS B 795 15.90 26.46 29.65
CA LYS B 795 16.82 26.70 30.72
C LYS B 795 18.17 26.02 30.45
N TYR B 796 18.19 24.86 29.80
CA TYR B 796 19.46 24.10 29.62
C TYR B 796 19.85 23.91 28.16
N PRO B 797 20.33 24.97 27.53
CA PRO B 797 20.63 24.90 26.09
C PRO B 797 21.73 23.90 25.75
N ALA B 798 22.53 23.50 26.70
CA ALA B 798 23.52 22.44 26.41
C ALA B 798 23.09 21.08 26.95
N CYS B 799 21.80 20.80 26.77
CA CYS B 799 21.31 19.46 27.02
C CYS B 799 21.16 18.95 25.61
N GLU B 800 21.82 17.86 25.25
CA GLU B 800 21.98 17.50 23.82
C GLU B 800 20.82 16.70 23.27
N MET B 801 19.66 16.88 23.86
CA MET B 801 18.55 16.13 23.44
C MET B 801 18.24 16.71 22.09
N LYS B 802 17.69 15.86 21.28
CA LYS B 802 17.41 16.19 19.93
C LYS B 802 15.93 16.12 19.67
N PHE B 803 15.53 16.75 18.59
CA PHE B 803 14.15 16.95 18.34
C PHE B 803 13.38 15.67 18.30
N SER B 804 13.91 14.67 17.65
CA SER B 804 13.17 13.49 17.40
C SER B 804 13.01 12.68 18.67
N GLU B 805 13.90 12.89 19.62
CA GLU B 805 13.76 12.25 20.93
C GLU B 805 12.74 13.07 21.79
N PHE B 806 12.67 14.38 21.58
CA PHE B 806 11.76 15.23 22.27
C PHE B 806 10.34 14.86 21.97
N ILE B 807 10.04 14.86 20.68
CA ILE B 807 8.75 14.67 20.18
C ILE B 807 8.26 13.33 20.67
N ALA B 808 9.10 12.32 20.68
CA ALA B 808 8.68 10.96 21.03
C ALA B 808 8.44 10.77 22.52
N LEU B 809 8.95 11.67 23.35
CA LEU B 809 8.79 11.53 24.81
C LEU B 809 7.49 12.24 25.33
N LEU B 810 6.78 12.90 24.44
CA LEU B 810 5.65 13.76 24.78
C LEU B 810 4.35 13.03 24.69
N PRO B 811 3.39 13.49 25.47
CA PRO B 811 2.08 12.88 25.37
C PRO B 811 1.30 13.37 24.19
N SER B 812 0.43 12.53 23.73
CA SER B 812 -0.50 12.81 22.66
C SER B 812 -1.45 13.97 23.01
N ILE B 813 -1.82 14.78 22.03
CA ILE B 813 -2.63 15.93 22.29
C ILE B 813 -4.03 15.50 22.70
N ARG B 814 -4.56 16.10 23.76
CA ARG B 814 -5.85 15.68 24.35
C ARG B 814 -6.92 16.63 23.96
N PRO B 815 -8.13 16.15 23.85
CA PRO B 815 -9.25 17.03 23.65
C PRO B 815 -9.64 17.84 24.88
N ARG B 816 -10.27 18.99 24.65
CA ARG B 816 -10.81 19.79 25.71
C ARG B 816 -12.32 19.86 25.58
N TYR B 817 -13.03 19.77 26.73
CA TYR B 817 -14.47 19.76 26.75
C TYR B 817 -15.05 21.10 27.08
N TYR B 818 -16.06 21.49 26.32
CA TYR B 818 -16.82 22.68 26.57
C TYR B 818 -18.38 22.41 26.63
N SER B 819 -19.01 22.98 27.62
CA SER B 819 -20.44 22.79 27.83
C SER B 819 -21.18 23.54 26.78
N ILE B 820 -21.86 22.84 25.91
CA ILE B 820 -22.66 23.49 24.86
C ILE B 820 -23.68 24.49 25.47
N SER B 821 -23.58 25.75 25.06
CA SER B 821 -24.40 26.80 25.56
C SER B 821 -25.62 27.18 24.67
N SER B 822 -26.17 26.23 23.96
CA SER B 822 -27.32 26.54 23.16
C SER B 822 -28.23 25.33 23.25
N SER B 823 -29.47 25.50 22.80
CA SER B 823 -30.42 24.38 22.74
C SER B 823 -30.60 23.88 21.31
N PRO B 824 -30.67 22.59 21.11
CA PRO B 824 -31.00 22.06 19.79
C PRO B 824 -32.44 22.34 19.36
N ARG B 825 -33.31 22.71 20.29
CA ARG B 825 -34.66 23.10 19.95
C ARG B 825 -34.67 24.38 19.15
N VAL B 826 -33.59 25.17 19.16
CA VAL B 826 -33.57 26.37 18.30
C VAL B 826 -32.95 26.09 16.92
N ASP B 827 -31.85 25.35 16.86
CA ASP B 827 -31.25 24.93 15.57
C ASP B 827 -30.48 23.63 15.81
N GLU B 828 -31.01 22.51 15.28
CA GLU B 828 -30.45 21.20 15.57
C GLU B 828 -28.98 21.09 15.08
N LYS B 829 -28.65 21.77 14.01
CA LYS B 829 -27.37 21.67 13.34
C LYS B 829 -26.45 22.88 13.67
N GLN B 830 -26.70 23.57 14.76
CA GLN B 830 -25.77 24.60 15.19
C GLN B 830 -25.58 24.68 16.72
N ALA B 831 -24.32 24.76 17.19
CA ALA B 831 -24.05 24.66 18.64
C ALA B 831 -23.13 25.75 19.08
N SER B 832 -23.27 26.20 20.30
CA SER B 832 -22.48 27.27 20.76
C SER B 832 -21.67 26.83 22.00
N ILE B 833 -20.57 27.52 22.28
CA ILE B 833 -19.78 27.20 23.43
C ILE B 833 -19.34 28.51 24.00
N THR B 834 -18.89 28.50 25.26
CA THR B 834 -18.61 29.67 26.00
C THR B 834 -17.33 29.43 26.75
N VAL B 835 -16.27 30.15 26.36
CA VAL B 835 -14.91 29.71 26.63
C VAL B 835 -14.11 30.71 27.37
N SER B 836 -13.81 30.47 28.61
CA SER B 836 -12.99 31.41 29.34
C SER B 836 -11.48 31.23 28.88
N VAL B 837 -10.79 32.36 28.60
CA VAL B 837 -9.49 32.30 28.03
C VAL B 837 -8.42 32.25 29.09
N VAL B 838 -7.69 31.12 29.17
CA VAL B 838 -6.68 30.93 30.18
C VAL B 838 -5.40 31.68 29.78
N SER B 839 -4.96 32.50 30.71
CA SER B 839 -3.88 33.41 30.48
C SER B 839 -3.39 34.01 31.80
N GLY B 840 -2.08 34.19 31.94
CA GLY B 840 -1.49 34.71 33.19
C GLY B 840 0.03 34.60 33.17
N GLU B 841 0.66 34.88 34.30
CA GLU B 841 2.06 34.64 34.44
C GLU B 841 2.18 33.15 34.77
N ALA B 842 3.05 32.44 34.04
CA ALA B 842 3.28 31.04 34.28
C ALA B 842 3.69 30.76 35.71
N TRP B 843 3.04 29.80 36.36
CA TRP B 843 3.45 29.45 37.72
C TRP B 843 4.88 28.91 37.77
N SER B 844 5.38 28.43 36.64
CA SER B 844 6.75 27.93 36.58
C SER B 844 7.77 29.08 36.70
N GLY B 845 7.36 30.29 36.35
CA GLY B 845 8.26 31.46 36.36
C GLY B 845 8.80 31.77 34.95
N TYR B 846 8.47 30.97 33.97
CA TYR B 846 8.99 31.22 32.63
C TYR B 846 8.00 31.98 31.82
N GLY B 847 7.99 33.28 32.04
CA GLY B 847 7.20 34.19 31.20
C GLY B 847 5.68 34.02 31.35
N GLU B 848 5.01 34.26 30.23
CA GLU B 848 3.57 34.31 30.12
C GLU B 848 3.00 32.90 29.68
N TYR B 849 1.98 32.42 30.40
CA TYR B 849 1.24 31.22 30.17
C TYR B 849 -0.04 31.47 29.35
N LYS B 850 -0.27 30.63 28.34
CA LYS B 850 -1.56 30.58 27.62
C LYS B 850 -2.08 29.15 27.55
N GLY B 851 -3.37 28.95 27.90
CA GLY B 851 -3.99 27.61 27.91
C GLY B 851 -4.17 27.19 26.48
N ILE B 852 -3.83 25.95 26.17
CA ILE B 852 -3.78 25.56 24.77
C ILE B 852 -5.12 25.71 24.06
N ALA B 853 -6.16 24.97 24.46
CA ALA B 853 -7.41 24.99 23.66
C ALA B 853 -8.10 26.32 23.76
N SER B 854 -8.06 26.92 24.93
CA SER B 854 -8.84 28.13 25.10
C SER B 854 -8.32 29.25 24.21
N ASN B 855 -6.99 29.32 24.05
CA ASN B 855 -6.39 30.39 23.17
C ASN B 855 -6.50 29.98 21.72
N TYR B 856 -6.49 28.72 21.44
CA TYR B 856 -6.80 28.29 20.07
C TYR B 856 -8.22 28.74 19.69
N LEU B 857 -9.18 28.37 20.54
CA LEU B 857 -10.56 28.79 20.30
C LEU B 857 -10.69 30.31 20.22
N ALA B 858 -10.01 31.06 21.07
CA ALA B 858 -10.12 32.49 21.09
C ALA B 858 -9.66 33.13 19.83
N GLU B 859 -8.77 32.46 19.10
CA GLU B 859 -8.19 33.09 17.91
C GLU B 859 -8.92 32.68 16.64
N LEU B 860 -9.84 31.73 16.71
CA LEU B 860 -10.57 31.33 15.48
C LEU B 860 -11.50 32.42 15.02
N GLN B 861 -11.83 32.40 13.74
CA GLN B 861 -12.76 33.41 13.14
C GLN B 861 -13.76 32.75 12.25
N GLU B 862 -14.80 33.51 11.90
CA GLU B 862 -15.84 32.97 10.97
C GLU B 862 -15.15 32.35 9.75
N GLY B 863 -15.53 31.14 9.39
CA GLY B 863 -14.99 30.43 8.19
C GLY B 863 -13.82 29.50 8.46
N ASP B 864 -13.24 29.58 9.65
CA ASP B 864 -12.18 28.67 10.02
C ASP B 864 -12.78 27.32 10.26
N THR B 865 -11.99 26.28 10.18
CA THR B 865 -12.47 24.95 10.46
C THR B 865 -11.98 24.52 11.84
N ILE B 866 -12.58 23.48 12.36
CA ILE B 866 -12.36 23.09 13.74
C ILE B 866 -12.70 21.64 13.76
N THR B 867 -11.96 20.88 14.54
CA THR B 867 -12.19 19.46 14.66
C THR B 867 -12.72 19.18 16.03
N CYS B 868 -13.91 18.58 16.07
CA CYS B 868 -14.57 18.30 17.31
C CYS B 868 -15.50 17.11 17.24
N PHE B 869 -16.06 16.76 18.37
CA PHE B 869 -17.07 15.75 18.47
C PHE B 869 -18.01 16.12 19.59
N ILE B 870 -19.19 15.51 19.58
CA ILE B 870 -20.18 15.65 20.66
C ILE B 870 -19.90 14.62 21.72
N SER B 871 -19.92 15.01 22.96
CA SER B 871 -19.69 14.09 24.07
C SER B 871 -20.88 14.25 25.06
N THR B 872 -21.42 13.13 25.53
CA THR B 872 -22.52 13.20 26.48
C THR B 872 -21.97 12.71 27.81
N PRO B 873 -22.15 13.47 28.88
CA PRO B 873 -21.53 13.11 30.16
C PRO B 873 -22.28 11.98 30.84
N GLN B 874 -21.56 11.18 31.64
CA GLN B 874 -22.12 10.02 32.37
C GLN B 874 -23.23 10.56 33.30
N SER B 875 -22.90 11.64 34.05
CA SER B 875 -23.90 12.36 34.87
C SER B 875 -24.85 13.26 33.99
N GLU B 876 -26.07 12.78 33.75
CA GLU B 876 -27.15 13.54 33.09
C GLU B 876 -27.27 14.99 33.61
N PHE B 877 -27.43 15.94 32.74
CA PHE B 877 -27.51 17.33 33.14
C PHE B 877 -28.56 17.93 32.23
N THR B 878 -29.80 17.56 32.46
CA THR B 878 -30.91 17.98 31.60
C THR B 878 -32.08 18.51 32.41
N LEU B 879 -32.93 19.23 31.68
CA LEU B 879 -34.10 19.85 32.25
C LEU B 879 -35.05 18.71 32.67
N PRO B 880 -35.92 18.95 33.67
CA PRO B 880 -36.93 17.97 33.97
C PRO B 880 -37.78 17.68 32.73
N LYS B 881 -38.35 16.51 32.70
CA LYS B 881 -39.30 16.12 31.63
C LYS B 881 -40.53 17.06 31.60
N ASP B 882 -41.05 17.47 32.77
CA ASP B 882 -42.21 18.37 32.88
C ASP B 882 -41.73 19.80 33.07
N PRO B 883 -42.11 20.69 32.15
CA PRO B 883 -41.71 22.08 32.22
C PRO B 883 -42.30 22.90 33.35
N GLU B 884 -43.26 22.38 34.09
CA GLU B 884 -43.70 23.05 35.32
C GLU B 884 -42.88 22.65 36.52
N THR B 885 -42.04 21.60 36.43
CA THR B 885 -41.19 21.29 37.56
C THR B 885 -40.21 22.47 37.72
N PRO B 886 -40.15 23.10 38.90
CA PRO B 886 -39.24 24.13 39.28
C PRO B 886 -37.76 23.76 39.25
N LEU B 887 -36.91 24.73 38.88
CA LEU B 887 -35.46 24.60 38.69
C LEU B 887 -34.76 25.65 39.50
N ILE B 888 -33.64 25.29 40.12
CA ILE B 888 -32.67 26.24 40.65
C ILE B 888 -31.33 25.90 39.96
N MET B 889 -30.71 26.92 39.42
CA MET B 889 -29.51 26.87 38.62
C MET B 889 -28.47 27.80 39.21
N VAL B 890 -27.28 27.28 39.48
CA VAL B 890 -26.19 28.12 39.93
C VAL B 890 -24.99 27.96 39.00
N GLY B 891 -24.59 29.06 38.43
CA GLY B 891 -23.71 29.07 37.31
C GLY B 891 -23.03 30.39 37.08
N PRO B 892 -22.18 30.81 38.00
CA PRO B 892 -21.36 31.97 37.85
C PRO B 892 -20.25 31.82 36.84
N GLY B 893 -19.99 32.94 36.14
CA GLY B 893 -18.91 33.04 35.18
C GLY B 893 -19.33 32.23 34.00
N THR B 894 -18.38 31.45 33.46
CA THR B 894 -18.58 30.61 32.33
C THR B 894 -19.48 29.48 32.75
N GLY B 895 -19.65 29.30 34.05
CA GLY B 895 -20.66 28.36 34.50
C GLY B 895 -22.07 28.60 33.96
N VAL B 896 -22.40 29.82 33.53
CA VAL B 896 -23.67 30.04 32.92
C VAL B 896 -23.91 29.25 31.66
N ALA B 897 -22.85 28.71 31.11
CA ALA B 897 -22.91 28.14 29.76
C ALA B 897 -24.08 27.21 29.56
N PRO B 898 -24.13 26.10 30.26
CA PRO B 898 -25.22 25.17 30.01
C PRO B 898 -26.58 25.74 30.35
N PHE B 899 -26.64 26.64 31.31
CA PHE B 899 -27.92 27.26 31.57
C PHE B 899 -28.40 28.15 30.44
N ARG B 900 -27.54 28.55 29.53
CA ARG B 900 -28.01 29.36 28.39
C ARG B 900 -28.75 28.45 27.48
N GLY B 901 -28.26 27.24 27.31
CA GLY B 901 -29.05 26.22 26.63
C GLY B 901 -30.41 25.94 27.32
N PHE B 902 -30.45 25.81 28.64
CA PHE B 902 -31.70 25.56 29.36
C PHE B 902 -32.68 26.69 29.05
N VAL B 903 -32.17 27.92 29.05
CA VAL B 903 -33.01 29.10 28.84
C VAL B 903 -33.58 29.12 27.47
N GLN B 904 -32.77 28.77 26.51
CA GLN B 904 -33.24 28.73 25.16
C GLN B 904 -34.25 27.62 24.99
N ALA B 905 -34.12 26.53 25.72
CA ALA B 905 -35.08 25.43 25.56
C ALA B 905 -36.47 25.86 26.13
N ARG B 906 -36.45 26.42 27.32
CA ARG B 906 -37.68 26.79 27.94
C ARG B 906 -38.39 27.81 27.05
N LYS B 907 -37.65 28.76 26.51
CA LYS B 907 -38.20 29.77 25.61
C LYS B 907 -38.90 29.16 24.41
N GLN B 908 -38.36 28.12 23.81
CA GLN B 908 -39.09 27.47 22.72
C GLN B 908 -40.33 26.73 23.21
N LEU B 909 -40.27 26.14 24.39
CA LEU B 909 -41.38 25.35 24.87
C LEU B 909 -42.53 26.28 25.10
N LYS B 910 -42.28 27.44 25.67
CA LYS B 910 -43.31 28.45 25.81
C LYS B 910 -43.92 28.81 24.45
N GLU B 911 -43.09 29.23 23.50
CA GLU B 911 -43.57 29.52 22.16
C GLU B 911 -44.39 28.36 21.54
N GLN B 912 -44.27 27.14 22.06
CA GLN B 912 -45.12 26.01 21.61
C GLN B 912 -46.35 25.77 22.55
N GLY B 913 -46.69 26.79 23.36
CA GLY B 913 -47.83 26.69 24.29
C GLY B 913 -47.65 25.94 25.61
N GLN B 914 -46.47 25.40 25.89
CA GLN B 914 -46.27 24.76 27.17
C GLN B 914 -46.14 25.80 28.26
N SER B 915 -46.60 25.47 29.44
CA SER B 915 -46.55 26.40 30.57
C SER B 915 -45.28 26.10 31.29
N LEU B 916 -44.64 27.10 31.85
CA LEU B 916 -43.38 26.93 32.55
C LEU B 916 -43.56 27.29 34.03
N GLY B 917 -42.87 26.56 34.89
CA GLY B 917 -42.83 26.86 36.32
C GLY B 917 -41.73 27.82 36.66
N GLU B 918 -41.53 28.00 37.93
CA GLU B 918 -40.43 28.80 38.42
C GLU B 918 -39.04 28.26 37.94
N ALA B 919 -38.11 29.17 37.64
CA ALA B 919 -36.69 28.84 37.34
C ALA B 919 -35.75 29.94 37.79
N HIS B 920 -35.02 29.73 38.89
CA HIS B 920 -34.11 30.70 39.45
C HIS B 920 -32.69 30.48 38.93
N LEU B 921 -32.08 31.51 38.36
CA LEU B 921 -30.69 31.46 37.88
C LEU B 921 -29.84 32.38 38.76
N TYR B 922 -28.97 31.76 39.56
CA TYR B 922 -27.98 32.49 40.34
C TYR B 922 -26.68 32.69 39.49
N PHE B 923 -26.41 33.93 39.12
CA PHE B 923 -25.27 34.23 38.28
C PHE B 923 -24.38 35.18 39.05
N GLY B 924 -23.08 35.02 38.89
CA GLY B 924 -22.13 35.81 39.67
C GLY B 924 -21.04 36.18 38.72
N CYS B 925 -20.46 37.35 38.92
CA CYS B 925 -19.34 37.84 38.15
C CYS B 925 -18.70 39.03 38.86
N ARG B 926 -17.63 39.59 38.29
CA ARG B 926 -16.91 40.71 38.95
C ARG B 926 -17.78 41.92 38.92
N SER B 927 -18.33 42.19 37.77
CA SER B 927 -19.00 43.45 37.55
C SER B 927 -19.79 43.45 36.27
N PRO B 928 -20.90 44.18 36.23
CA PRO B 928 -21.61 44.44 34.97
C PRO B 928 -20.82 45.35 34.02
N HIS B 929 -19.79 46.01 34.52
CA HIS B 929 -18.92 46.82 33.68
C HIS B 929 -17.85 45.92 33.03
N GLU B 930 -17.86 44.60 33.25
CA GLU B 930 -16.70 43.75 32.92
C GLU B 930 -17.10 42.41 32.30
N ASP B 931 -17.67 41.47 33.10
CA ASP B 931 -17.87 40.06 32.72
C ASP B 931 -19.29 39.47 32.95
N TYR B 932 -20.31 40.28 32.76
CA TYR B 932 -21.69 39.83 32.96
C TYR B 932 -22.11 39.30 31.62
N LEU B 933 -21.72 38.05 31.38
CA LEU B 933 -21.95 37.35 30.13
C LEU B 933 -23.43 37.20 29.86
N TYR B 934 -23.81 37.35 28.59
CA TYR B 934 -25.12 37.26 28.09
C TYR B 934 -26.13 38.13 28.88
N GLN B 935 -25.70 39.25 29.44
CA GLN B 935 -26.63 40.07 30.22
C GLN B 935 -27.95 40.37 29.48
N GLU B 936 -27.86 40.80 28.24
CA GLU B 936 -29.03 41.21 27.50
C GLU B 936 -29.98 40.05 27.36
N GLU B 937 -29.48 38.90 26.89
CA GLU B 937 -30.31 37.70 26.77
C GLU B 937 -30.97 37.27 28.08
N LEU B 938 -30.24 37.39 29.18
CA LEU B 938 -30.71 36.84 30.42
C LEU B 938 -31.75 37.79 30.99
N GLU B 939 -31.50 39.10 30.88
CA GLU B 939 -32.51 40.11 31.23
C GLU B 939 -33.77 39.97 30.33
N ASN B 940 -33.62 39.72 29.04
CA ASN B 940 -34.80 39.51 28.21
C ASN B 940 -35.55 38.26 28.68
N ALA B 941 -34.84 37.13 28.82
CA ALA B 941 -35.47 35.93 29.33
C ALA B 941 -36.32 36.20 30.59
N GLN B 942 -35.79 36.98 31.49
CA GLN B 942 -36.43 37.21 32.71
C GLN B 942 -37.74 38.02 32.50
N SER B 943 -37.68 39.06 31.67
CA SER B 943 -38.81 39.82 31.15
C SER B 943 -39.88 38.97 30.48
N GLU B 944 -39.48 37.91 29.77
CA GLU B 944 -40.51 37.04 29.19
C GLU B 944 -40.95 35.93 30.15
N GLY B 945 -40.65 36.06 31.44
CA GLY B 945 -40.96 35.00 32.42
C GLY B 945 -40.31 33.63 32.26
N ILE B 946 -39.20 33.55 31.54
CA ILE B 946 -38.51 32.26 31.35
C ILE B 946 -37.64 31.96 32.57
N ILE B 947 -37.19 32.99 33.29
CA ILE B 947 -36.37 32.80 34.47
C ILE B 947 -36.51 33.94 35.40
N THR B 948 -36.19 33.73 36.65
CA THR B 948 -35.95 34.78 37.60
C THR B 948 -34.41 34.85 37.88
N LEU B 949 -33.84 36.04 37.82
CA LEU B 949 -32.40 36.19 37.70
C LEU B 949 -31.94 36.75 38.96
N HIS B 950 -30.91 36.15 39.56
CA HIS B 950 -30.33 36.71 40.78
C HIS B 950 -28.85 36.86 40.57
N THR B 951 -28.33 38.07 40.73
CA THR B 951 -26.92 38.32 40.45
C THR B 951 -26.15 38.57 41.71
N ALA B 952 -24.85 38.25 41.66
CA ALA B 952 -23.92 38.60 42.73
C ALA B 952 -22.64 39.20 42.05
N PHE B 953 -22.15 40.32 42.56
CA PHE B 953 -20.96 41.00 42.02
C PHE B 953 -19.91 41.06 43.09
N SER B 954 -18.74 40.56 42.73
CA SER B 954 -17.58 40.55 43.63
C SER B 954 -16.82 41.87 43.76
N ARG B 955 -16.90 42.72 42.76
CA ARG B 955 -15.97 43.87 42.73
C ARG B 955 -16.67 45.18 42.32
N MET B 956 -17.85 45.46 42.86
CA MET B 956 -18.51 46.73 42.57
C MET B 956 -18.08 47.72 43.61
N PRO B 957 -17.61 48.89 43.15
CA PRO B 957 -17.17 49.87 44.13
C PRO B 957 -18.33 50.22 45.07
N ASN B 958 -18.04 50.31 46.36
CA ASN B 958 -18.99 50.74 47.41
C ASN B 958 -20.07 49.70 47.81
N GLN B 959 -19.91 48.49 47.30
CA GLN B 959 -20.71 47.29 47.67
C GLN B 959 -19.85 46.23 48.34
N PRO B 960 -20.43 45.39 49.22
CA PRO B 960 -19.65 44.22 49.74
C PRO B 960 -19.38 43.25 48.62
N LYS B 961 -18.25 42.55 48.71
CA LYS B 961 -17.93 41.48 47.77
C LYS B 961 -19.05 40.40 47.93
N THR B 962 -19.78 40.12 46.85
CA THR B 962 -20.90 39.20 46.90
C THR B 962 -20.72 38.02 45.95
N TYR B 963 -20.96 36.83 46.48
CA TYR B 963 -20.98 35.62 45.67
C TYR B 963 -22.32 34.93 45.70
N VAL B 964 -22.55 34.08 44.72
CA VAL B 964 -23.84 33.44 44.61
C VAL B 964 -24.25 32.76 45.88
N GLN B 965 -23.36 32.08 46.53
CA GLN B 965 -23.78 31.46 47.76
C GLN B 965 -24.30 32.43 48.83
N HIS B 966 -23.88 33.68 48.82
CA HIS B 966 -24.42 34.65 49.78
C HIS B 966 -25.87 35.01 49.45
N VAL B 967 -26.14 35.17 48.17
CA VAL B 967 -27.47 35.39 47.74
C VAL B 967 -28.36 34.16 48.00
N MET B 968 -27.88 32.97 47.66
CA MET B 968 -28.61 31.77 47.95
C MET B 968 -28.97 31.71 49.40
N GLU B 969 -28.05 32.02 50.27
CA GLU B 969 -28.31 31.95 51.68
C GLU B 969 -29.42 32.92 52.14
N GLN B 970 -29.45 34.14 51.58
CA GLN B 970 -30.57 35.08 51.85
C GLN B 970 -31.90 34.43 51.45
N ASP B 971 -31.89 33.70 50.33
CA ASP B 971 -33.08 33.09 49.72
C ASP B 971 -33.34 31.65 50.22
N GLY B 972 -32.63 31.24 51.24
CA GLY B 972 -32.71 29.86 51.76
C GLY B 972 -34.11 29.27 51.89
N LYS B 973 -35.00 30.04 52.48
CA LYS B 973 -36.36 29.60 52.82
C LYS B 973 -37.09 29.22 51.60
N LYS B 974 -37.00 30.12 50.63
CA LYS B 974 -37.68 29.93 49.40
C LYS B 974 -37.07 28.80 48.61
N LEU B 975 -35.75 28.70 48.63
CA LEU B 975 -35.10 27.71 47.78
C LEU B 975 -35.39 26.34 48.35
N ILE B 976 -35.32 26.24 49.66
CA ILE B 976 -35.65 24.95 50.30
C ILE B 976 -37.14 24.58 50.13
N GLU B 977 -38.08 25.52 50.18
CA GLU B 977 -39.48 25.15 49.89
C GLU B 977 -39.62 24.62 48.54
N LEU B 978 -38.91 25.17 47.59
CA LEU B 978 -38.97 24.73 46.21
C LEU B 978 -38.47 23.33 46.08
N LEU B 979 -37.37 23.03 46.77
CA LEU B 979 -36.83 21.68 46.67
C LEU B 979 -37.77 20.66 47.35
N ASP B 980 -38.41 21.06 48.44
CA ASP B 980 -39.52 20.29 49.00
C ASP B 980 -40.70 20.06 48.03
N GLN B 981 -40.89 20.87 47.00
CA GLN B 981 -41.98 20.68 46.03
C GLN B 981 -41.51 20.07 44.77
N GLY B 982 -40.32 19.53 44.83
CA GLY B 982 -39.87 18.75 43.72
C GLY B 982 -38.97 19.49 42.76
N ALA B 983 -38.42 20.63 43.13
CA ALA B 983 -37.42 21.30 42.26
C ALA B 983 -36.18 20.38 41.92
N HIS B 984 -35.62 20.58 40.71
CA HIS B 984 -34.23 20.15 40.40
C HIS B 984 -33.24 21.27 40.68
N PHE B 985 -32.09 20.93 41.24
CA PHE B 985 -30.99 21.84 41.50
C PHE B 985 -29.79 21.49 40.64
N TYR B 986 -29.15 22.52 40.05
CA TYR B 986 -28.06 22.37 39.14
C TYR B 986 -26.95 23.35 39.51
N ILE B 987 -25.70 22.89 39.46
CA ILE B 987 -24.53 23.73 39.60
C ILE B 987 -23.63 23.50 38.39
N CYS B 988 -23.08 24.57 37.88
CA CYS B 988 -22.16 24.53 36.74
C CYS B 988 -21.05 25.56 36.97
N GLY B 989 -19.84 25.30 36.45
CA GLY B 989 -18.74 26.25 36.64
C GLY B 989 -17.62 25.62 37.41
N ASP B 990 -16.96 26.43 38.23
CA ASP B 990 -15.85 26.03 39.03
C ASP B 990 -16.16 24.98 40.16
N GLY B 991 -15.56 23.80 40.00
CA GLY B 991 -15.74 22.69 40.87
C GLY B 991 -14.78 22.73 42.08
N SER B 992 -13.79 23.62 42.08
CA SER B 992 -12.82 23.49 43.20
C SER B 992 -13.17 24.31 44.38
N GLN B 993 -13.63 25.53 44.14
CA GLN B 993 -14.08 26.40 45.27
C GLN B 993 -15.59 26.75 45.24
N MET B 994 -16.14 27.03 44.08
CA MET B 994 -17.51 27.58 44.06
C MET B 994 -18.57 26.48 44.40
N ALA B 995 -18.52 25.38 43.67
CA ALA B 995 -19.37 24.24 43.92
C ALA B 995 -19.38 23.78 45.37
N PRO B 996 -18.22 23.57 45.97
CA PRO B 996 -18.35 23.09 47.36
C PRO B 996 -19.00 24.08 48.30
N ALA B 997 -18.75 25.35 48.08
CA ALA B 997 -19.30 26.36 48.96
C ALA B 997 -20.86 26.54 48.78
N VAL B 998 -21.30 26.44 47.54
CA VAL B 998 -22.70 26.40 47.17
C VAL B 998 -23.37 25.20 47.79
N GLU B 999 -22.77 24.05 47.66
CA GLU B 999 -23.29 22.84 48.33
C GLU B 999 -23.42 22.99 49.85
N ALA B 1000 -22.44 23.61 50.48
CA ALA B 1000 -22.44 23.80 51.91
C ALA B 1000 -23.54 24.78 52.30
N THR B 1001 -23.72 25.81 51.50
CA THR B 1001 -24.78 26.75 51.77
C THR B 1001 -26.23 26.12 51.59
N LEU B 1002 -26.43 25.32 50.57
CA LEU B 1002 -27.66 24.61 50.40
C LEU B 1002 -27.95 23.74 51.61
N MET B 1003 -26.96 22.97 52.08
CA MET B 1003 -27.18 22.07 53.21
C MET B 1003 -27.44 22.84 54.47
N LYS B 1004 -26.74 23.95 54.63
CA LYS B 1004 -26.96 24.74 55.80
C LYS B 1004 -28.39 25.39 55.78
N SER B 1005 -28.82 25.90 54.64
CA SER B 1005 -30.20 26.38 54.49
C SER B 1005 -31.24 25.30 54.90
N TYR B 1006 -30.99 24.05 54.52
CA TYR B 1006 -31.86 22.97 54.87
C TYR B 1006 -31.96 22.76 56.36
N ALA B 1007 -30.79 22.62 56.96
CA ALA B 1007 -30.60 22.47 58.40
C ALA B 1007 -31.33 23.56 59.23
N ASP B 1008 -31.25 24.79 58.78
CA ASP B 1008 -31.81 25.93 59.46
C ASP B 1008 -33.34 25.98 59.29
N VAL B 1009 -33.80 25.74 58.07
CA VAL B 1009 -35.21 25.75 57.75
C VAL B 1009 -35.99 24.59 58.44
N HIS B 1010 -35.42 23.39 58.50
CA HIS B 1010 -36.13 22.19 58.94
C HIS B 1010 -35.69 21.76 60.33
N GLN B 1011 -34.90 22.61 60.97
CA GLN B 1011 -34.35 22.36 62.29
C GLN B 1011 -33.88 20.93 62.45
N VAL B 1012 -32.93 20.55 61.60
CA VAL B 1012 -32.25 19.26 61.71
C VAL B 1012 -30.72 19.40 61.78
N SER B 1013 -30.03 18.31 62.08
CA SER B 1013 -28.58 18.30 62.16
C SER B 1013 -27.94 18.40 60.77
N GLU B 1014 -26.63 18.62 60.76
CA GLU B 1014 -25.83 18.67 59.52
C GLU B 1014 -25.75 17.28 58.91
N ALA B 1015 -25.79 16.25 59.70
CA ALA B 1015 -25.81 14.93 59.18
C ALA B 1015 -27.14 14.65 58.42
N ASP B 1016 -28.28 15.03 59.05
CA ASP B 1016 -29.59 14.89 58.37
C ASP B 1016 -29.60 15.71 57.05
N ALA B 1017 -29.08 16.93 57.09
CA ALA B 1017 -28.96 17.77 55.88
C ALA B 1017 -28.07 17.11 54.80
N ARG B 1018 -27.05 16.39 55.22
CA ARG B 1018 -26.17 15.69 54.27
C ARG B 1018 -26.86 14.49 53.69
N LEU B 1019 -27.62 13.78 54.49
CA LEU B 1019 -28.39 12.65 53.97
C LEU B 1019 -29.51 13.13 52.99
N TRP B 1020 -30.14 14.25 53.33
CA TRP B 1020 -31.11 14.86 52.43
C TRP B 1020 -30.52 15.13 51.03
N LEU B 1021 -29.37 15.77 50.98
CA LEU B 1021 -28.68 16.01 49.74
C LEU B 1021 -28.29 14.74 49.05
N GLN B 1022 -27.81 13.76 49.80
CA GLN B 1022 -27.50 12.48 49.19
C GLN B 1022 -28.74 11.90 48.53
N GLN B 1023 -29.92 12.00 49.16
CA GLN B 1023 -31.13 11.42 48.60
C GLN B 1023 -31.56 12.22 47.34
N LEU B 1024 -31.35 13.52 47.40
CA LEU B 1024 -31.71 14.38 46.29
C LEU B 1024 -30.92 13.98 45.02
N GLU B 1025 -29.65 13.79 45.18
CA GLU B 1025 -28.79 13.30 44.11
C GLU B 1025 -29.20 11.94 43.63
N GLU B 1026 -29.54 11.03 44.53
CA GLU B 1026 -29.95 9.70 44.10
C GLU B 1026 -31.28 9.69 43.36
N LYS B 1027 -32.16 10.65 43.63
CA LYS B 1027 -33.40 10.86 42.84
C LYS B 1027 -33.16 11.56 41.51
N GLY B 1028 -31.93 11.99 41.26
CA GLY B 1028 -31.67 12.58 39.98
C GLY B 1028 -32.03 14.03 40.01
N ARG B 1029 -32.03 14.68 41.19
CA ARG B 1029 -32.44 16.06 41.25
C ARG B 1029 -31.38 17.03 41.66
N TYR B 1030 -30.15 16.57 41.74
CA TYR B 1030 -29.06 17.42 42.13
C TYR B 1030 -27.92 17.07 41.23
N ALA B 1031 -27.69 17.90 40.22
CA ALA B 1031 -26.77 17.65 39.13
C ALA B 1031 -25.66 18.70 39.10
N LYS B 1032 -24.44 18.26 38.74
CA LYS B 1032 -23.23 19.10 38.59
C LYS B 1032 -22.59 19.00 37.21
N ASP B 1033 -22.29 20.15 36.60
CA ASP B 1033 -21.44 20.24 35.41
C ASP B 1033 -20.25 21.16 35.74
N VAL B 1034 -19.40 20.73 36.65
CA VAL B 1034 -18.36 21.57 37.13
C VAL B 1034 -16.96 21.03 36.68
N TRP B 1035 -15.97 21.89 36.73
CA TRP B 1035 -14.65 21.55 36.30
C TRP B 1035 -13.62 22.31 37.09
N ALA B 1036 -12.39 21.82 37.00
CA ALA B 1036 -11.24 22.41 37.65
C ALA B 1036 -10.67 23.38 36.65
N GLY B 1037 -11.28 23.34 35.53
CA GLY B 1037 -10.90 24.09 34.33
C GLY B 1037 -12.12 24.63 33.61
CHA HEM C . -1.06 -16.05 -35.44
CHB HEM C . 2.97 -16.92 -33.01
CHC HEM C . 1.02 -15.17 -28.93
CHD HEM C . -3.22 -15.11 -31.18
C1A HEM C . 0.22 -16.41 -35.19
C2A HEM C . 1.21 -16.88 -36.12
C3A HEM C . 2.31 -17.12 -35.44
C4A HEM C . 2.04 -16.79 -34.03
CMA HEM C . 3.66 -17.65 -35.92
CAA HEM C . 0.96 -16.98 -37.64
CBA HEM C . 0.48 -18.40 -37.90
CGA HEM C . 0.42 -18.76 -39.38
O1A HEM C . -0.12 -19.92 -39.62
O2A HEM C . 0.95 -17.98 -40.22
C1B HEM C . 2.83 -16.55 -31.68
C2B HEM C . 3.87 -16.56 -30.67
C3B HEM C . 3.31 -15.99 -29.57
C4B HEM C . 1.93 -15.72 -29.82
CMB HEM C . 5.31 -16.98 -30.82
CAB HEM C . 3.87 -15.80 -28.17
CBB HEM C . 5.19 -15.61 -28.06
C1C HEM C . -0.35 -14.98 -29.16
C2C HEM C . -1.33 -14.38 -28.25
C3C HEM C . -2.49 -14.38 -28.88
C4C HEM C . -2.28 -14.97 -30.20
CMC HEM C . -1.03 -13.97 -26.81
CAC HEM C . -3.81 -13.91 -28.35
CBC HEM C . -3.94 -12.93 -27.44
C1D HEM C . -3.04 -15.40 -32.52
C2D HEM C . -4.07 -15.34 -33.48
C3D HEM C . -3.40 -15.67 -34.80
C4D HEM C . -2.01 -15.79 -34.47
CMD HEM C . -5.59 -15.26 -33.21
CAD HEM C . -4.05 -15.78 -36.19
CBD HEM C . -4.14 -14.28 -36.68
CGD HEM C . -4.83 -14.19 -38.05
O1D HEM C . -4.46 -14.97 -38.99
O2D HEM C . -5.77 -13.37 -38.20
NA HEM C . 0.75 -16.38 -33.94
NB HEM C . 1.69 -15.98 -31.16
NC HEM C . -0.92 -15.16 -30.35
ND HEM C . -1.85 -15.54 -33.15
FE HEM C . -0.05 -15.60 -32.16
S 1C6 D . 3.34 -24.20 -35.21
CB 1C6 D . 1.64 -24.12 -35.45
CG 1C6 D . 1.03 -23.10 -34.51
CD1 1C6 D . 0.00 -23.41 -33.47
C3 1C6 D . -0.52 -24.82 -33.29
CE1 1C6 D . -0.49 -22.27 -32.62
O2 1C6 D . -1.43 -22.39 -31.62
C2 1C6 D . -1.36 -23.50 -30.70
CZ 1C6 D . 0.06 -20.92 -32.89
C1 1C6 D . -0.42 -19.72 -32.07
CE2 1C6 D . 1.01 -20.77 -33.91
N1 1C6 D . 1.43 -21.80 -34.68
CF1 1C6 D . 3.67 -25.62 -36.11
NV 1C6 D . 3.23 -25.92 -37.37
CX2 1C6 D . 3.72 -27.14 -37.71
CS2 1C6 D . 4.47 -27.58 -36.53
NE1 1C6 D . 4.39 -26.60 -35.57
CE3 1C6 D . 3.68 -28.01 -38.82
CZ3 1C6 D . 4.34 -29.25 -38.78
O3 1C6 D . 4.30 -30.14 -39.87
C4 1C6 D . 5.37 -31.08 -40.17
CH2 1C6 D . 5.04 -29.63 -37.66
CZ2 1C6 D . 5.12 -28.80 -36.56
N1 FMN E . -13.25 9.09 41.52
C2 FMN E . -13.44 8.41 42.65
O2 FMN E . -12.49 8.10 43.37
N3 FMN E . -14.71 8.01 43.09
C4 FMN E . -15.82 8.34 42.30
O4 FMN E . -16.92 8.00 42.69
C4A FMN E . -15.66 9.10 41.15
N5 FMN E . -16.67 9.40 40.33
C5A FMN E . -16.51 9.92 39.13
C6 FMN E . -17.60 10.28 38.32
C7 FMN E . -17.45 10.86 37.07
C7M FMN E . -18.63 11.25 36.18
C8 FMN E . -16.16 11.12 36.58
C8M FMN E . -15.94 11.76 35.21
C9 FMN E . -15.08 10.80 37.40
C9A FMN E . -15.21 10.21 38.65
N10 FMN E . -14.11 9.92 39.45
C10 FMN E . -14.33 9.39 40.75
C1' FMN E . -12.72 10.24 39.06
C2' FMN E . -12.31 9.17 38.05
O2' FMN E . -12.32 7.86 38.65
C3' FMN E . -10.87 9.41 37.55
O3' FMN E . -10.95 10.39 36.48
C4' FMN E . -10.41 8.09 36.87
O4' FMN E . -9.02 8.42 36.83
C5' FMN E . -10.95 8.02 35.43
O5' FMN E . -10.36 6.66 35.00
P FMN E . -10.66 6.12 33.66
O1P FMN E . -9.94 4.82 33.38
O2P FMN E . -10.30 7.05 32.53
O3P FMN E . -12.12 5.82 33.45
PA FAD F . 13.08 31.09 -16.38
O1A FAD F . 12.12 31.22 -15.26
O2A FAD F . 13.06 29.77 -17.12
O5B FAD F . 12.82 32.17 -17.51
C5B FAD F . 13.59 32.00 -18.67
C4B FAD F . 12.93 32.74 -19.78
O4B FAD F . 12.62 34.06 -19.36
C3B FAD F . 13.85 32.83 -21.00
O3B FAD F . 12.97 32.63 -22.10
C2B FAD F . 14.24 34.27 -21.03
O2B FAD F . 14.40 34.76 -22.32
C1B FAD F . 12.96 34.95 -20.42
N9A FAD F . 13.16 36.32 -19.91
C8A FAD F . 14.31 36.93 -19.58
N7A FAD F . 14.08 38.15 -19.19
C5A FAD F . 12.78 38.38 -19.18
C6A FAD F . 12.02 39.47 -18.83
N6A FAD F . 12.59 40.56 -18.33
N1A FAD F . 10.63 39.44 -18.95
C2A FAD F . 10.11 38.29 -19.41
N3A FAD F . 10.86 37.20 -19.77
C4A FAD F . 12.18 37.23 -19.64
N1 FAD F . 22.68 29.42 -17.43
C2 FAD F . 23.68 29.89 -16.58
O2 FAD F . 23.57 30.90 -15.90
N3 FAD F . 24.84 29.17 -16.46
C4 FAD F . 25.06 28.08 -17.24
O4 FAD F . 26.11 27.47 -17.10
C4X FAD F . 24.10 27.62 -18.11
N5 FAD F . 24.35 26.49 -18.88
C5X FAD F . 23.37 26.00 -19.71
C6 FAD F . 23.57 24.84 -20.46
C7 FAD F . 22.57 24.43 -21.35
C7M FAD F . 22.74 23.20 -22.24
C8 FAD F . 21.34 25.07 -21.39
C8M FAD F . 20.21 24.58 -22.36
C9 FAD F . 21.17 26.15 -20.58
C9A FAD F . 22.15 26.66 -19.76
N10 FAD F . 21.92 27.80 -18.99
C10 FAD F . 22.89 28.27 -18.15
C1' FAD F . 20.60 28.52 -19.03
C2' FAD F . 19.86 27.93 -17.78
O2' FAD F . 19.52 26.59 -17.89
C3' FAD F . 18.55 28.58 -17.43
O3' FAD F . 17.79 28.58 -18.58
C4' FAD F . 18.68 30.03 -16.99
O4' FAD F . 19.30 30.04 -15.74
C5' FAD F . 17.27 30.65 -16.89
O5' FAD F . 16.31 29.80 -16.26
P FAD F . 15.44 30.42 -15.06
O1P FAD F . 14.52 29.37 -14.53
O2P FAD F . 16.22 31.24 -14.02
O3P FAD F . 14.50 31.49 -15.74
S SO4 G . 35.56 31.18 -6.37
O1 SO4 G . 35.92 30.40 -5.15
O2 SO4 G . 34.11 31.00 -6.49
O3 SO4 G . 36.08 30.46 -7.53
O4 SO4 G . 35.89 32.63 -6.51
S SO4 H . 27.10 45.42 -23.53
O1 SO4 H . 28.13 45.64 -22.53
O2 SO4 H . 25.84 45.33 -22.77
O3 SO4 H . 27.36 44.10 -24.14
O4 SO4 H . 27.10 46.63 -24.36
S SO4 I . 26.40 38.79 -20.51
O1 SO4 I . 26.85 38.67 -19.11
O2 SO4 I . 25.44 37.69 -20.73
O3 SO4 I . 27.58 38.61 -21.40
O4 SO4 I . 25.79 40.09 -20.80
O1 PG4 J . 39.85 18.94 -44.17
C1 PG4 J . 39.05 19.49 -43.09
C2 PG4 J . 39.65 20.58 -42.21
O2 PG4 J . 39.97 20.12 -40.89
C3 PG4 J . 40.75 21.13 -40.25
C4 PG4 J . 41.93 20.62 -39.42
O3 PG4 J . 43.07 20.17 -40.16
C5 PG4 J . 43.67 21.20 -40.99
C6 PG4 J . 43.73 20.92 -42.51
O4 PG4 J . 44.25 22.10 -43.20
C7 PG4 J . 45.48 22.05 -43.99
C8 PG4 J . 46.47 23.09 -43.44
O5 PG4 J . 47.19 23.79 -44.47
O3 PG4 K . 32.15 37.72 -41.55
C5 PG4 K . 32.29 38.71 -40.45
C6 PG4 K . 33.30 38.45 -39.31
O4 PG4 K . 34.33 39.49 -39.01
C7 PG4 K . 35.62 39.09 -38.41
C8 PG4 K . 36.46 38.00 -39.22
O5 PG4 K . 37.91 37.96 -39.16
CHA HEM L . -5.60 -30.40 24.82
CHB HEM L . -9.56 -29.05 22.52
CHC HEM L . -7.02 -26.19 19.55
CHD HEM L . -3.03 -28.21 21.31
C1A HEM L . -6.90 -30.29 24.51
C2A HEM L . -8.02 -30.87 25.20
C3A HEM L . -9.11 -30.49 24.55
C4A HEM L . -8.70 -29.65 23.43
CMA HEM L . -10.58 -30.85 24.83
CAA HEM L . -7.89 -31.69 26.48
CBA HEM L . -7.79 -33.15 26.03
CGA HEM L . -7.90 -34.15 27.18
O1A HEM L . -7.68 -35.38 26.85
O2A HEM L . -8.27 -33.73 28.32
C1B HEM L . -9.27 -28.17 21.50
C2B HEM L . -10.21 -27.46 20.66
C3B HEM L . -9.48 -26.61 19.91
C4B HEM L . -8.09 -26.84 20.16
CMB HEM L . -11.72 -27.54 20.69
CAB HEM L . -9.89 -25.68 18.77
CBB HEM L . -11.11 -25.14 18.86
C1C HEM L . -5.66 -26.46 19.76
C2C HEM L . -4.51 -25.78 19.16
C3C HEM L . -3.42 -26.36 19.64
C4C HEM L . -3.84 -27.41 20.57
CMC HEM L . -4.61 -24.71 18.08
CAC HEM L . -1.99 -26.03 19.30
CBC HEM L . -1.58 -24.81 18.92
C1D HEM L . -3.35 -29.01 22.39
C2D HEM L . -2.38 -29.66 23.20
C3D HEM L . -3.20 -30.35 24.26
C4D HEM L . -4.55 -29.98 24.01
CMD HEM L . -0.88 -29.82 22.89
CAD HEM L . -2.67 -31.24 25.41
CBD HEM L . -2.24 -30.21 26.52
CGD HEM L . -1.63 -30.92 27.73
O1D HEM L . -2.22 -31.93 28.24
O2D HEM L . -0.52 -30.52 28.17
NA HEM L . -7.33 -29.57 23.45
NB HEM L . -7.98 -27.72 21.21
NC HEM L . -5.21 -27.31 20.70
ND HEM L . -4.57 -29.12 22.95
FE HEM L . -6.27 -28.29 22.17
S 1C6 M . -11.85 -36.21 21.21
CB 1C6 M . -10.20 -36.66 21.35
CG 1C6 M . -9.31 -35.51 20.94
CD1 1C6 M . -8.33 -35.56 19.80
C3 1C6 M . -8.16 -36.82 18.97
CE1 1C6 M . -7.52 -34.33 19.53
O2 1C6 M . -6.59 -34.19 18.53
C2 1C6 M . -6.88 -34.71 17.22
CZ 1C6 M . -7.74 -33.14 20.41
C1 1C6 M . -6.93 -31.87 20.20
CE2 1C6 M . -8.68 -33.24 21.46
N1 1C6 M . -9.38 -34.38 21.69
CF1 1C6 M . -12.57 -37.75 21.39
NV 1C6 M . -12.28 -38.69 22.34
CX2 1C6 M . -13.08 -39.77 22.13
CS2 1C6 M . -13.86 -39.41 20.93
NE1 1C6 M . -13.48 -38.16 20.51
CE3 1C6 M . -13.33 -41.02 22.72
CZ3 1C6 M . -14.27 -41.89 22.17
O3 1C6 M . -14.52 -43.17 22.73
C4 1C6 M . -15.80 -43.85 22.64
CH2 1C6 M . -14.98 -41.55 21.04
CZ2 1C6 M . -14.78 -40.32 20.44
N1 FMN N . 16.80 22.25 -35.03
C2 FMN N . 16.81 22.12 -36.37
O2 FMN N . 15.84 22.44 -37.03
N3 FMN N . 17.90 21.59 -37.08
C4 FMN N . 19.04 21.21 -36.35
O4 FMN N . 19.97 20.77 -36.96
C4A FMN N . 19.08 21.40 -34.96
N5 FMN N . 20.11 21.00 -34.23
C5A FMN N . 20.08 20.94 -32.89
C6 FMN N . 21.21 20.58 -32.14
C7 FMN N . 21.20 20.56 -30.76
C7M FMN N . 22.42 20.15 -29.92
C8 FMN N . 20.04 20.94 -30.07
C8M FMN N . 19.99 20.94 -28.54
C9 FMN N . 18.95 21.35 -30.81
C9A FMN N . 18.93 21.36 -32.20
N10 FMN N . 17.81 21.80 -32.93
C10 FMN N . 17.89 21.86 -34.34
C1' FMN N . 16.58 22.30 -32.27
C2' FMN N . 15.82 21.06 -31.79
O2' FMN N . 15.45 20.22 -32.88
C3' FMN N . 14.52 21.46 -31.07
O3' FMN N . 14.87 21.80 -29.71
C4' FMN N . 13.65 20.19 -30.97
O4' FMN N . 12.43 20.86 -30.65
C5' FMN N . 14.09 19.33 -29.79
O5' FMN N . 13.10 18.16 -29.91
P FMN N . 13.17 17.02 -28.99
O1P FMN N . 12.07 16.01 -29.20
O2P FMN N . 13.09 17.42 -27.52
O3P FMN N . 14.46 16.23 -29.08
PA FAD O . -4.42 24.03 29.26
O1A FAD O . -3.37 24.27 28.25
O2A FAD O . -4.94 22.61 29.37
O5B FAD O . -3.91 24.36 30.72
C5B FAD O . -4.80 24.01 31.76
C4B FAD O . -4.03 23.92 33.02
O4B FAD O . -3.23 25.09 33.19
C3B FAD O . -4.97 23.81 34.23
O3B FAD O . -4.33 22.88 35.07
C2B FAD O . -4.83 25.15 34.89
O2B FAD O . -4.94 25.07 36.28
C1B FAD O . -3.35 25.51 34.54
N9A FAD O . -2.99 26.94 34.68
C8A FAD O . -3.81 28.00 34.72
N7A FAD O . -3.13 29.10 34.88
C5A FAD O . -1.85 28.82 34.87
C6A FAD O . -0.71 29.61 34.97
N6A FAD O . -0.82 30.92 35.03
N1A FAD O . 0.55 29.03 34.97
C2A FAD O . 0.59 27.69 34.86
N3A FAD O . -0.54 26.90 34.78
C4A FAD O . -1.74 27.45 34.76
N1 FAD O . -14.04 25.66 30.14
C2 FAD O . -14.73 26.75 29.64
O2 FAD O . -14.20 27.85 29.45
N3 FAD O . -16.03 26.64 29.31
C4 FAD O . -16.72 25.47 29.56
O4 FAD O . -17.90 25.41 29.25
C4X FAD O . -16.07 24.38 30.09
N5 FAD O . -16.78 23.21 30.31
C5X FAD O . -16.12 22.10 30.78
C6 FAD O . -16.78 20.89 30.98
C7 FAD O . -16.09 19.82 31.55
C7M FAD O . -16.76 18.48 31.83
C8 FAD O . -14.71 19.88 31.77
C8M FAD O . -13.94 18.66 32.36
C9 FAD O . -14.09 21.07 31.49
C9A FAD O . -14.76 22.19 31.02
N10 FAD O . -14.05 23.38 30.82
C10 FAD O . -14.71 24.47 30.32
C1' FAD O . -12.58 23.49 31.06
C2' FAD O . -11.98 23.25 29.63
O2' FAD O . -12.15 21.97 29.14
C3' FAD O . -10.49 23.47 29.51
O3' FAD O . -9.90 22.71 30.50
C4' FAD O . -10.06 24.91 29.73
O4' FAD O . -10.52 25.67 28.66
C5' FAD O . -8.53 24.97 29.82
O5' FAD O . -7.88 24.17 28.82
P FAD O . -6.72 24.89 27.94
O1P FAD O . -6.18 23.90 26.96
O2P FAD O . -7.06 26.29 27.41
O3P FAD O . -5.53 25.16 28.94
S SO4 P . -24.33 36.40 21.77
O1 SO4 P . -25.18 35.51 22.55
O2 SO4 P . -24.14 37.68 22.54
O3 SO4 P . -24.83 36.40 20.36
O4 SO4 P . -23.06 35.68 21.71
S SO4 Q . -13.11 38.01 42.76
O1 SO4 Q . -13.89 36.75 42.76
O2 SO4 Q . -12.76 38.68 44.03
O3 SO4 Q . -13.89 39.00 42.02
O4 SO4 Q . -11.89 37.81 41.95
S SO4 R . -14.51 33.50 37.16
O1 SO4 R . -15.75 33.41 37.97
O2 SO4 R . -13.50 34.25 37.94
O3 SO4 R . -14.82 34.16 35.88
O4 SO4 R . -14.02 32.15 36.83
O1 PG4 S . -36.34 11.88 50.95
C1 PG4 S . -35.29 12.49 50.16
C2 PG4 S . -35.38 13.98 49.86
O2 PG4 S . -35.72 14.27 48.50
C3 PG4 S . -36.01 15.67 48.40
C4 PG4 S . -37.21 16.01 47.51
O3 PG4 S . -38.50 15.74 48.07
C5 PG4 S . -38.79 16.48 49.29
C6 PG4 S . -39.09 15.61 50.55
O4 PG4 S . -39.23 16.49 51.71
C7 PG4 S . -40.46 16.57 52.48
C8 PG4 S . -40.96 18.02 52.51
O5 PG4 S . -41.49 18.43 53.77
O3 PG4 T . -22.30 25.84 56.07
C5 PG4 T . -21.96 27.18 55.51
C6 PG4 T . -22.88 27.81 54.44
O4 PG4 T . -23.45 29.17 54.68
C7 PG4 T . -24.73 29.56 54.05
C8 PG4 T . -25.97 28.61 54.38
O5 PG4 T . -27.33 29.11 54.40
#